data_7ENN
#
_entry.id   7ENN
#
_cell.length_a   1.00
_cell.length_b   1.00
_cell.length_c   1.00
_cell.angle_alpha   90.00
_cell.angle_beta   90.00
_cell.angle_gamma   90.00
#
_symmetry.space_group_name_H-M   'P 1'
#
loop_
_entity.id
_entity.type
_entity.pdbx_description
1 polymer 'Chromodomain-helicase-DNA-binding protein 1-like'
2 polymer 'Histone H3.2'
3 polymer 'Histone H4'
4 polymer 'Histone H2A type 1'
5 polymer 'Histone H2B 1.1'
6 polymer 'DNA (167-MER)'
7 polymer 'DNA (167-MER)'
8 non-polymer "ADENOSINE-5'-DIPHOSPHATE"
9 non-polymer 'BERYLLIUM TRIFLUORIDE ION'
#
loop_
_entity_poly.entity_id
_entity_poly.type
_entity_poly.pdbx_seq_one_letter_code
_entity_poly.pdbx_strand_id
1 'polypeptide(L)'
;MERAGATSRGGQAPGFLLRLHTEGRAEAARVQEQDLRQWGLTGIHLRSYQLEGVNWLAQRFHCQNGCILGDEMGLGKTCQ
TIALFIYLAGRLNDEGPFLILCPLSVLSNWKEEMQRFAPGLSCVTYAGDKEERACLQQDLKQESRFHVLLTTYEICLKDA
SFLKSFPWSVLVVDEAHRLKNQSSLLHKTLSEFSVVFSLLLTGTPIQNSLQELYSLLSFVEPDLFSKEEVGDFIQRYQDI
EKESESASELHKLLQPFLLRRVKAEVATELPKKTEVVIYHGMSALQKKYYKAILMKDLDAFENETAKKVKLQNILSQLRK
CVDHPYLFDGVEPEPFEVGDHLTEASGKLHLLDKLLAFLYSGGHRVLLFSQMTQMLDILQDYMDYRGYSYERVDGSVRGE
ERHLAIKNFGQQPIFVFLLSTRAGGVGMNLTAADTVIFVDSDFNPQNDLQAAARAHRIGQNKSVKVIRLIGRDTVEEIVY
RKAASKLQLTNMIIEGGHFTLGAQKPAADADLQLSEILKFGLDKLLASEGSTMDEIDLESILGETKDGQWVSDALPAAEG
GSRDQEEGKNHMYLFEGKDYSKEPSKEDRKSFEQLVNLQKTLLEKASQEGRSLRNKGSVLIPGLVEGSTKRKRVLSPEEL
EDRQKKRQEAAAKRRRLIEEKKRQKEEAEHKKKMAWWESNNYQSFCLPSEESEPEDLENGEESSAELDYQDPDATSLKYV
SGDVTHPQAGAEDALIVHCVDDSGHWGRGGLFTALEKRSAEPRKIYELAGKMKDLSLGGVLLFPVDDKESRNKGQDLLAL
IVAQHRDRSNVLSGIKMAALEEGLKKIFLAAKKKKASVHLPRIGHATKGFNWYGTEQLIRKHLAARGIPTYIYYFPRSKS
AVLHSQSSSSSSRQLVP
;
K
2 'polypeptide(L)'
;ARTKQTARKSTGGKAPRKQLATKAARKSAPATGGVKKPHRYRPGTVALREIRRYQKSTELLIRKLPFQRLVREIAQDFKT
DLRFQSSAVMALQEASEAYLVGLFEDTNLCAIHAKRVTIMPKDIQLARRIRGERA
;
A,E
3 'polypeptide(L)'
;SGRGKGGKGLGKGGAKRHRKVLRDNIQGITKPAIRRLARRGGVKRISGLIYEETRGVLKVFLENVIRDAVTYTEHAKRKT
VTAMDVVYALKRQGRTLYGFGG
;
L,F
4 'polypeptide(L)'
;SGRGKQGGKTRAKAKTRSSRAGLQFPVGRVHRLLRKGNYAERVGAGAPVYLAAVLEYLTAEILELAGNAARDNKKTRIIP
RHLQLAVRNDEELNKLLGRVTIAQGGVLPNIQSVLLPKKTESSKSAKSK
;
C,G
5 'polypeptide(L)'
;AKSAPAPKKGSKKAVTKTQKKDGKKRRKTRKESYAIYVYKVLKQVHPDTGISSKAMSIMNSFVNDVFERIAGEASRLAHY
NKRSTITSREIQTAVRLLLPGELAKHAVSEGTKAVTKYTSAK
;
D,H
6 'polydeoxyribonucleotide'
;(DC)(DG)(DC)(DG)(DG)(DC)(DC)(DG)(DC)(DC)(DC)(DT)(DG)(DG)(DA)(DG)(DA)(DA)(DT)(DC)
(DC)(DC)(DG)(DG)(DT)(DG)(DC)(DC)(DG)(DA)(DG)(DG)(DC)(DC)(DG)(DC)(DT)(DC)(DA)(DA)
(DT)(DT)(DG)(DG)(DT)(DC)(DG)(DT)(DA)(DG)(DA)(DC)(DA)(DG)(DC)(DT)(DC)(DT)(DA)(DG)
(DC)(DA)(DC)(DC)(DG)(DC)(DT)(DT)(DA)(DA)(DA)(DC)(DG)(DC)(DA)(DC)(DG)(DT)(DA)(DC)
(DG)(DC)(DG)(DC)(DT)(DG)(DT)(DC)(DC)(DC)(DC)(DC)(DG)(DC)(DG)(DT)(DT)(DT)(DT)(DA)
(DA)(DC)(DC)(DG)(DC)(DC)(DA)(DA)(DG)(DG)(DG)(DG)(DA)(DT)(DT)(DA)(DC)(DT)(DC)(DC)
(DC)(DT)(DA)(DG)(DT)(DC)(DT)(DC)(DC)(DA)(DG)(DG)(DC)(DA)(DC)(DG)(DT)(DG)(DT)(DC)
(DA)(DG)(DA)(DT)(DA)(DT)(DA)(DT)(DA)(DC)(DA)(DT)(DC)(DC)(DT)(DG)(DA)(DA)(DG)(DC)
(DT)(DT)(DG)(DT)(DC)(DG)(DA)
;
I
7 'polydeoxyribonucleotide'
;(DT)(DC)(DG)(DA)(DC)(DA)(DA)(DG)(DC)(DT)(DT)(DC)(DA)(DG)(DG)(DA)(DT)(DG)(DT)(DA)
(DT)(DA)(DT)(DA)(DT)(DC)(DT)(DG)(DA)(DC)(DA)(DC)(DG)(DT)(DG)(DC)(DC)(DT)(DG)(DG)
(DA)(DG)(DA)(DC)(DT)(DA)(DG)(DG)(DG)(DA)(DG)(DT)(DA)(DA)(DT)(DC)(DC)(DC)(DC)(DT)
(DT)(DG)(DG)(DC)(DG)(DG)(DT)(DT)(DA)(DA)(DA)(DA)(DC)(DG)(DC)(DG)(DG)(DG)(DG)(DG)
(DA)(DC)(DA)(DG)(DC)(DG)(DC)(DG)(DT)(DA)(DC)(DG)(DT)(DG)(DC)(DG)(DT)(DT)(DT)(DA)
(DA)(DG)(DC)(DG)(DG)(DT)(DG)(DC)(DT)(DA)(DG)(DA)(DG)(DC)(DT)(DG)(DT)(DC)(DT)(DA)
(DC)(DG)(DA)(DC)(DC)(DA)(DA)(DT)(DT)(DG)(DA)(DG)(DC)(DG)(DG)(DC)(DC)(DT)(DC)(DG)
(DG)(DC)(DA)(DC)(DC)(DG)(DG)(DG)(DA)(DT)(DT)(DC)(DT)(DC)(DC)(DA)(DG)(DG)(DG)(DC)
(DG)(DG)(DC)(DC)(DG)(DC)(DG)
;
J
#
# COMPACT_ATOMS: atom_id res chain seq x y z
N ALA A 28 -14.87 50.44 32.83
CA ALA A 28 -15.06 49.94 34.19
C ALA A 28 -14.06 50.59 35.15
N ALA A 29 -13.81 49.94 36.28
CA ALA A 29 -12.92 50.45 37.30
C ALA A 29 -11.48 50.07 36.99
N ARG A 30 -10.58 51.03 37.13
CA ARG A 30 -9.16 50.83 36.84
C ARG A 30 -8.49 50.08 37.97
N VAL A 31 -7.52 49.24 37.61
CA VAL A 31 -6.75 48.44 38.56
C VAL A 31 -5.38 49.11 38.71
N GLN A 32 -5.02 49.44 39.94
CA GLN A 32 -3.73 50.01 40.22
C GLN A 32 -2.76 48.91 40.63
N GLU A 33 -1.48 49.26 40.77
CA GLU A 33 -0.48 48.28 41.14
C GLU A 33 -0.62 47.83 42.59
N GLN A 34 -1.10 48.72 43.46
CA GLN A 34 -1.25 48.35 44.86
C GLN A 34 -2.35 47.32 45.06
N ASP A 35 -3.37 47.31 44.19
CA ASP A 35 -4.39 46.27 44.27
C ASP A 35 -3.78 44.90 44.03
N LEU A 36 -2.92 44.78 43.02
CA LEU A 36 -2.25 43.51 42.77
C LEU A 36 -1.24 43.20 43.88
N ARG A 37 -0.61 44.23 44.44
CA ARG A 37 0.31 44.01 45.55
C ARG A 37 -0.40 43.40 46.74
N GLN A 38 -1.60 43.91 47.06
CA GLN A 38 -2.35 43.41 48.20
C GLN A 38 -3.03 42.08 47.89
N TRP A 39 -3.38 41.85 46.62
CA TRP A 39 -4.15 40.68 46.23
C TRP A 39 -3.30 39.43 46.03
N GLY A 40 -1.97 39.54 46.16
CA GLY A 40 -1.09 38.39 46.14
C GLY A 40 0.10 38.52 45.21
N LEU A 41 0.04 39.40 44.21
CA LEU A 41 1.15 39.54 43.28
C LEU A 41 2.29 40.30 43.98
N THR A 42 3.40 39.61 44.21
CA THR A 42 4.49 40.17 44.99
C THR A 42 5.86 40.12 44.32
N GLY A 43 6.00 39.37 43.23
CA GLY A 43 7.31 39.20 42.63
C GLY A 43 7.85 40.39 41.87
N ILE A 44 7.15 40.80 40.82
CA ILE A 44 7.67 41.76 39.84
C ILE A 44 6.95 43.09 39.98
N HIS A 45 7.68 44.17 39.72
CA HIS A 45 7.08 45.48 39.52
C HIS A 45 6.63 45.59 38.06
N LEU A 46 5.32 45.73 37.86
CA LEU A 46 4.78 45.77 36.51
C LEU A 46 5.25 47.04 35.78
N ARG A 47 4.90 47.11 34.50
CA ARG A 47 5.22 48.26 33.67
C ARG A 47 3.92 48.91 33.18
N SER A 48 4.07 50.09 32.57
CA SER A 48 2.90 50.86 32.15
C SER A 48 2.07 50.10 31.13
N TYR A 49 2.72 49.58 30.09
CA TYR A 49 1.97 48.81 29.10
C TYR A 49 1.44 47.52 29.67
N GLN A 50 2.17 46.91 30.61
CA GLN A 50 1.66 45.72 31.28
C GLN A 50 0.40 46.03 32.08
N LEU A 51 0.40 47.16 32.81
CA LEU A 51 -0.79 47.54 33.56
C LEU A 51 -1.96 47.85 32.62
N GLU A 52 -1.68 48.53 31.50
CA GLU A 52 -2.73 48.75 30.51
C GLU A 52 -3.28 47.44 29.98
N GLY A 53 -2.41 46.46 29.72
CA GLY A 53 -2.88 45.16 29.27
C GLY A 53 -3.72 44.45 30.31
N VAL A 54 -3.33 44.54 31.58
CA VAL A 54 -4.13 43.93 32.64
C VAL A 54 -5.52 44.57 32.72
N ASN A 55 -5.58 45.91 32.65
CA ASN A 55 -6.87 46.57 32.67
C ASN A 55 -7.71 46.20 31.45
N TRP A 56 -7.06 46.13 30.28
CA TRP A 56 -7.75 45.71 29.08
C TRP A 56 -8.33 44.30 29.24
N LEU A 57 -7.54 43.38 29.79
CA LEU A 57 -8.01 42.02 29.99
C LEU A 57 -9.18 41.98 30.97
N ALA A 58 -9.10 42.76 32.05
CA ALA A 58 -10.20 42.79 33.00
C ALA A 58 -11.48 43.28 32.36
N GLN A 59 -11.41 44.39 31.62
CA GLN A 59 -12.63 44.90 31.01
C GLN A 59 -13.15 43.96 29.92
N ARG A 60 -12.25 43.30 29.18
CA ARG A 60 -12.70 42.33 28.19
C ARG A 60 -13.37 41.13 28.83
N PHE A 61 -12.85 40.68 29.97
CA PHE A 61 -13.48 39.60 30.72
C PHE A 61 -14.85 40.01 31.23
N HIS A 62 -15.01 41.28 31.59
CA HIS A 62 -16.29 41.76 32.11
C HIS A 62 -17.35 41.96 31.03
N CYS A 63 -17.00 41.90 29.74
CA CYS A 63 -17.98 42.22 28.71
C CYS A 63 -18.09 41.24 27.57
N GLN A 64 -17.15 40.33 27.35
CA GLN A 64 -17.27 39.42 26.22
C GLN A 64 -16.59 38.10 26.54
N ASN A 65 -16.73 37.16 25.61
CA ASN A 65 -16.19 35.81 25.76
C ASN A 65 -14.94 35.65 24.89
N GLY A 66 -13.80 36.05 25.44
CA GLY A 66 -12.54 35.76 24.80
C GLY A 66 -11.83 37.00 24.27
N CYS A 67 -10.53 36.86 24.08
CA CYS A 67 -9.70 37.89 23.48
C CYS A 67 -8.40 37.24 23.00
N ILE A 68 -7.52 38.05 22.41
CA ILE A 68 -6.22 37.59 21.94
C ILE A 68 -5.18 38.60 22.38
N LEU A 69 -4.40 38.24 23.41
CA LEU A 69 -3.30 39.09 23.87
C LEU A 69 -2.11 38.82 22.96
N GLY A 70 -1.96 39.64 21.93
CA GLY A 70 -0.97 39.38 20.91
C GLY A 70 0.26 40.26 20.93
N ASP A 71 0.75 40.58 22.13
CA ASP A 71 1.98 41.36 22.22
C ASP A 71 3.12 40.66 21.49
N GLU A 72 4.15 41.42 21.16
CA GLU A 72 5.28 40.83 20.48
C GLU A 72 6.07 39.96 21.45
N MET A 73 6.93 39.12 20.89
CA MET A 73 7.70 38.18 21.70
C MET A 73 8.59 38.93 22.69
N GLY A 74 8.73 38.37 23.89
CA GLY A 74 9.64 38.93 24.87
C GLY A 74 9.14 40.16 25.58
N LEU A 75 7.83 40.38 25.64
CA LEU A 75 7.28 41.51 26.36
C LEU A 75 6.64 41.15 27.68
N GLY A 76 6.47 39.86 27.98
CA GLY A 76 5.92 39.47 29.26
C GLY A 76 4.42 39.24 29.27
N LYS A 77 3.93 38.40 28.36
CA LYS A 77 2.51 38.04 28.40
C LYS A 77 2.18 37.20 29.62
N THR A 78 3.10 36.33 30.05
CA THR A 78 2.82 35.46 31.19
C THR A 78 2.59 36.27 32.45
N CYS A 79 3.38 37.34 32.64
CA CYS A 79 3.14 38.22 33.77
C CYS A 79 1.76 38.85 33.72
N GLN A 80 1.32 39.26 32.53
CA GLN A 80 -0.01 39.85 32.41
C GLN A 80 -1.12 38.84 32.72
N THR A 81 -0.97 37.60 32.26
CA THR A 81 -1.98 36.60 32.59
C THR A 81 -1.98 36.26 34.07
N ILE A 82 -0.81 36.17 34.69
CA ILE A 82 -0.76 35.91 36.13
C ILE A 82 -1.38 37.07 36.90
N ALA A 83 -1.16 38.30 36.44
CA ALA A 83 -1.81 39.45 37.06
C ALA A 83 -3.32 39.40 36.88
N LEU A 84 -3.80 38.94 35.72
CA LEU A 84 -5.23 38.78 35.52
C LEU A 84 -5.80 37.74 36.49
N PHE A 85 -5.08 36.64 36.68
CA PHE A 85 -5.50 35.63 37.66
C PHE A 85 -5.58 36.23 39.05
N ILE A 86 -4.55 36.97 39.46
CA ILE A 86 -4.54 37.61 40.77
C ILE A 86 -5.72 38.57 40.89
N TYR A 87 -6.01 39.32 39.83
CA TYR A 87 -7.13 40.26 39.84
C TYR A 87 -8.45 39.53 40.06
N LEU A 88 -8.82 38.67 39.12
CA LEU A 88 -10.14 38.05 39.20
C LEU A 88 -10.20 36.94 40.24
N ALA A 89 -9.14 36.72 41.00
CA ALA A 89 -9.19 35.84 42.15
C ALA A 89 -9.28 36.59 43.47
N GLY A 90 -9.14 37.92 43.44
CA GLY A 90 -9.19 38.70 44.66
C GLY A 90 -10.02 39.96 44.55
N ARG A 91 -10.71 40.15 43.43
CA ARG A 91 -11.57 41.31 43.23
C ARG A 91 -13.03 40.96 43.16
N LEU A 92 -13.42 40.08 42.24
CA LEU A 92 -14.79 39.58 42.18
C LEU A 92 -14.87 38.12 42.62
N ASN A 93 -13.83 37.61 43.27
CA ASN A 93 -13.82 36.31 43.95
C ASN A 93 -14.15 35.15 43.00
N ASP A 94 -13.80 35.28 41.73
CA ASP A 94 -13.92 34.16 40.79
C ASP A 94 -12.83 33.17 41.16
N GLU A 95 -13.18 32.22 42.03
CA GLU A 95 -12.21 31.30 42.62
C GLU A 95 -12.12 30.00 41.84
N GLY A 96 -12.85 29.90 40.73
CA GLY A 96 -12.93 28.68 39.97
C GLY A 96 -11.62 28.27 39.34
N PRO A 97 -11.56 27.06 38.80
CA PRO A 97 -10.30 26.55 38.25
C PRO A 97 -9.92 27.25 36.95
N PHE A 98 -8.62 27.43 36.77
CA PHE A 98 -8.04 27.98 35.56
C PHE A 98 -7.23 26.91 34.86
N LEU A 99 -7.38 26.79 33.55
CA LEU A 99 -6.67 25.81 32.75
C LEU A 99 -5.69 26.54 31.84
N ILE A 100 -4.44 26.09 31.83
CA ILE A 100 -3.40 26.66 30.99
C ILE A 100 -2.85 25.57 30.09
N LEU A 101 -2.85 25.83 28.79
CA LEU A 101 -2.28 24.91 27.80
C LEU A 101 -1.05 25.55 27.19
N CYS A 102 0.06 24.81 27.18
CA CYS A 102 1.32 25.36 26.70
C CYS A 102 2.15 24.24 26.10
N PRO A 103 3.11 24.58 25.24
CA PRO A 103 4.02 23.54 24.73
C PRO A 103 4.90 22.98 25.84
N LEU A 104 5.43 21.79 25.59
CA LEU A 104 6.20 21.08 26.60
C LEU A 104 7.45 21.83 27.03
N SER A 105 8.02 22.67 26.16
CA SER A 105 9.27 23.33 26.48
C SER A 105 9.09 24.54 27.40
N VAL A 106 7.87 25.07 27.51
CA VAL A 106 7.60 26.22 28.36
C VAL A 106 6.78 25.84 29.59
N LEU A 107 6.53 24.54 29.78
CA LEU A 107 5.84 24.07 30.98
C LEU A 107 6.60 24.44 32.24
N SER A 108 7.93 24.23 32.23
CA SER A 108 8.74 24.59 33.37
C SER A 108 8.72 26.10 33.61
N ASN A 109 8.75 26.89 32.56
CA ASN A 109 8.71 28.34 32.73
C ASN A 109 7.41 28.79 33.36
N TRP A 110 6.29 28.23 32.91
CA TRP A 110 5.00 28.55 33.53
C TRP A 110 5.00 28.14 35.00
N LYS A 111 5.49 26.94 35.30
CA LYS A 111 5.50 26.45 36.68
C LYS A 111 6.36 27.33 37.58
N GLU A 112 7.53 27.75 37.09
CA GLU A 112 8.41 28.60 37.89
C GLU A 112 7.81 29.97 38.13
N GLU A 113 7.32 30.63 37.07
CA GLU A 113 6.79 31.96 37.25
C GLU A 113 5.50 31.97 38.06
N MET A 114 4.72 30.89 38.01
CA MET A 114 3.46 30.86 38.73
C MET A 114 3.68 30.97 40.24
N GLN A 115 4.69 30.27 40.76
CA GLN A 115 5.02 30.38 42.17
C GLN A 115 5.98 31.51 42.48
N ARG A 116 6.69 32.02 41.47
CA ARG A 116 7.56 33.17 41.71
C ARG A 116 6.74 34.44 41.92
N PHE A 117 5.70 34.64 41.12
CA PHE A 117 4.96 35.89 41.16
C PHE A 117 3.66 35.79 41.95
N ALA A 118 2.98 34.65 41.87
CA ALA A 118 1.68 34.46 42.53
C ALA A 118 1.71 33.19 43.36
N PRO A 119 2.41 33.20 44.49
CA PRO A 119 2.43 32.01 45.35
C PRO A 119 1.15 31.80 46.14
N GLY A 120 0.20 32.71 46.05
CA GLY A 120 -1.08 32.53 46.73
C GLY A 120 -2.03 31.57 46.05
N LEU A 121 -1.78 31.23 44.79
CA LEU A 121 -2.59 30.26 44.07
C LEU A 121 -1.83 28.94 43.97
N SER A 122 -2.55 27.85 44.23
CA SER A 122 -1.95 26.53 44.14
C SER A 122 -2.04 26.02 42.72
N CYS A 123 -0.90 25.68 42.13
CA CYS A 123 -0.81 25.26 40.74
C CYS A 123 -0.42 23.78 40.68
N VAL A 124 -1.15 23.02 39.89
CA VAL A 124 -0.93 21.58 39.74
C VAL A 124 -0.47 21.32 38.32
N THR A 125 0.73 20.76 38.17
CA THR A 125 1.28 20.41 36.86
C THR A 125 0.79 19.01 36.53
N TYR A 126 -0.23 18.94 35.69
CA TYR A 126 -0.86 17.68 35.33
C TYR A 126 -0.07 17.04 34.19
N ALA A 127 0.98 16.32 34.55
CA ALA A 127 1.86 15.69 33.58
C ALA A 127 2.36 14.37 34.16
N GLY A 128 3.16 13.67 33.38
CA GLY A 128 3.67 12.35 33.73
C GLY A 128 3.21 11.32 32.72
N ASP A 129 3.47 10.05 33.05
CA ASP A 129 3.03 8.98 32.18
C ASP A 129 1.56 8.72 32.47
N LYS A 130 1.02 7.60 31.99
CA LYS A 130 -0.37 7.31 32.24
C LYS A 130 -0.64 7.06 33.72
N GLU A 131 0.33 6.48 34.44
CA GLU A 131 0.10 6.08 35.82
C GLU A 131 0.01 7.27 36.77
N GLU A 132 0.96 8.21 36.68
CA GLU A 132 0.86 9.39 37.53
C GLU A 132 -0.35 10.23 37.16
N ARG A 133 -0.70 10.30 35.88
CA ARG A 133 -1.90 11.04 35.52
C ARG A 133 -3.15 10.38 36.07
N ALA A 134 -3.17 9.04 36.16
CA ALA A 134 -4.30 8.37 36.81
C ALA A 134 -4.32 8.67 38.30
N CYS A 135 -3.15 8.62 38.95
CA CYS A 135 -3.08 8.94 40.38
C CYS A 135 -3.52 10.37 40.66
N LEU A 136 -3.33 11.27 39.70
CA LEU A 136 -3.87 12.63 39.80
C LEU A 136 -5.34 12.70 39.43
N GLN A 137 -5.82 11.83 38.54
CA GLN A 137 -7.26 11.66 38.35
C GLN A 137 -7.94 11.41 39.68
N GLN A 138 -7.34 10.55 40.51
CA GLN A 138 -7.94 10.21 41.80
C GLN A 138 -8.07 11.41 42.74
N ASP A 139 -7.34 12.49 42.49
CA ASP A 139 -7.45 13.69 43.32
C ASP A 139 -8.54 14.61 42.76
N LEU A 140 -9.75 14.06 42.67
CA LEU A 140 -10.94 14.79 42.23
C LEU A 140 -11.84 15.11 43.42
N LYS A 141 -11.23 15.42 44.56
CA LYS A 141 -11.99 15.76 45.76
C LYS A 141 -12.70 17.10 45.66
N GLN A 142 -12.35 17.92 44.66
CA GLN A 142 -13.16 19.06 44.25
C GLN A 142 -13.29 20.12 45.35
N GLU A 143 -12.31 20.20 46.24
CA GLU A 143 -12.31 21.18 47.32
C GLU A 143 -11.39 22.36 47.03
N SER A 144 -11.32 22.78 45.77
CA SER A 144 -10.47 23.89 45.36
C SER A 144 -9.02 23.64 45.77
N ARG A 145 -8.63 22.36 45.75
CA ARG A 145 -7.25 22.01 46.07
C ARG A 145 -6.28 22.52 45.02
N PHE A 146 -6.78 22.79 43.80
CA PHE A 146 -6.00 23.46 42.77
C PHE A 146 -6.81 24.64 42.23
N HIS A 147 -6.15 25.77 42.06
CA HIS A 147 -6.72 26.92 41.37
C HIS A 147 -6.35 26.97 39.90
N VAL A 148 -5.11 26.64 39.57
CA VAL A 148 -4.60 26.64 38.21
C VAL A 148 -4.14 25.24 37.88
N LEU A 149 -4.69 24.65 36.83
CA LEU A 149 -4.24 23.37 36.32
C LEU A 149 -3.39 23.62 35.09
N LEU A 150 -2.17 23.10 35.10
CA LEU A 150 -1.18 23.38 34.07
C LEU A 150 -0.87 22.09 33.32
N THR A 151 -1.06 22.09 32.01
CA THR A 151 -0.85 20.91 31.18
C THR A 151 -0.37 21.35 29.80
N THR A 152 -0.23 20.38 28.90
CA THR A 152 0.24 20.63 27.54
C THR A 152 -0.82 20.20 26.53
N TYR A 153 -0.56 20.48 25.25
CA TYR A 153 -1.51 20.16 24.20
C TYR A 153 -1.75 18.66 24.09
N GLU A 154 -0.67 17.88 24.05
CA GLU A 154 -0.81 16.44 23.85
C GLU A 154 -1.55 15.79 25.01
N ILE A 155 -1.24 16.19 26.24
CA ILE A 155 -1.94 15.64 27.39
C ILE A 155 -3.40 16.07 27.39
N CYS A 156 -3.65 17.34 27.06
CA CYS A 156 -5.02 17.83 27.00
C CYS A 156 -5.80 17.18 25.87
N LEU A 157 -5.13 16.58 24.90
CA LEU A 157 -5.84 15.87 23.84
C LEU A 157 -5.99 14.38 24.14
N LYS A 158 -5.09 13.81 24.95
CA LYS A 158 -5.19 12.42 25.36
C LYS A 158 -6.18 12.22 26.50
N ASP A 159 -6.26 13.20 27.42
CA ASP A 159 -7.17 13.10 28.56
C ASP A 159 -8.25 14.17 28.47
N ALA A 160 -8.79 14.36 27.27
CA ALA A 160 -9.85 15.35 27.09
C ALA A 160 -11.09 15.01 27.90
N SER A 161 -11.39 13.71 28.06
CA SER A 161 -12.60 13.32 28.79
C SER A 161 -12.54 13.77 30.24
N PHE A 162 -11.41 13.57 30.91
CA PHE A 162 -11.27 14.08 32.27
C PHE A 162 -11.28 15.60 32.29
N LEU A 163 -10.65 16.23 31.31
CA LEU A 163 -10.61 17.68 31.18
C LEU A 163 -11.84 18.23 30.47
N LYS A 164 -12.94 17.48 30.45
CA LYS A 164 -14.21 18.00 29.96
C LYS A 164 -15.25 18.07 31.06
N SER A 165 -14.85 17.81 32.30
CA SER A 165 -15.75 17.74 33.44
C SER A 165 -15.37 18.76 34.49
N PHE A 166 -14.97 19.96 34.07
CA PHE A 166 -14.65 21.02 35.00
C PHE A 166 -15.28 22.31 34.50
N PRO A 167 -15.87 23.10 35.37
CA PRO A 167 -16.31 24.45 34.99
C PRO A 167 -15.20 25.48 35.11
N TRP A 168 -14.32 25.53 34.10
CA TRP A 168 -13.23 26.49 34.13
C TRP A 168 -13.75 27.90 33.85
N SER A 169 -13.22 28.86 34.60
CA SER A 169 -13.54 30.26 34.33
C SER A 169 -12.67 30.81 33.20
N VAL A 170 -11.35 30.66 33.32
CA VAL A 170 -10.41 31.15 32.32
C VAL A 170 -9.68 29.98 31.70
N LEU A 171 -9.62 29.97 30.37
CA LEU A 171 -8.82 29.00 29.63
C LEU A 171 -7.73 29.77 28.89
N VAL A 172 -6.47 29.50 29.23
CA VAL A 172 -5.33 30.16 28.62
C VAL A 172 -4.64 29.16 27.69
N VAL A 173 -4.49 29.53 26.43
CA VAL A 173 -3.80 28.72 25.45
C VAL A 173 -2.54 29.49 25.05
N ASP A 174 -1.42 29.14 25.66
CA ASP A 174 -0.16 29.80 25.34
C ASP A 174 0.33 29.32 23.98
N GLU A 175 1.03 30.20 23.27
CA GLU A 175 1.48 29.95 21.91
C GLU A 175 0.31 29.49 21.04
N ALA A 176 -0.72 30.32 21.00
CA ALA A 176 -2.01 29.95 20.43
C ALA A 176 -2.01 29.94 18.91
N HIS A 177 -0.86 30.12 18.26
CA HIS A 177 -0.81 29.96 16.82
C HIS A 177 -0.76 28.51 16.39
N ARG A 178 -1.03 27.59 17.32
CA ARG A 178 -1.24 26.19 16.98
C ARG A 178 -2.66 25.92 16.53
N LEU A 179 -3.59 26.82 16.85
CA LEU A 179 -4.98 26.71 16.40
C LEU A 179 -5.21 27.38 15.05
N LYS A 180 -4.15 27.54 14.25
CA LYS A 180 -4.27 28.19 12.96
C LYS A 180 -5.24 27.44 12.04
N ASN A 181 -5.14 26.13 12.02
CA ASN A 181 -6.04 25.32 11.20
C ASN A 181 -7.33 25.03 11.97
N GLN A 182 -8.46 25.34 11.35
CA GLN A 182 -9.75 25.16 12.01
C GLN A 182 -10.20 23.72 12.07
N SER A 183 -9.73 22.87 11.16
CA SER A 183 -10.06 21.45 11.18
C SER A 183 -9.17 20.66 12.13
N SER A 184 -8.40 21.36 12.96
CA SER A 184 -7.56 20.69 13.95
C SER A 184 -8.41 19.97 14.98
N LEU A 185 -7.90 18.82 15.44
CA LEU A 185 -8.58 18.09 16.50
C LEU A 185 -8.54 18.88 17.81
N LEU A 186 -7.47 19.61 18.05
CA LEU A 186 -7.40 20.43 19.26
C LEU A 186 -8.44 21.54 19.25
N HIS A 187 -8.65 22.16 18.09
CA HIS A 187 -9.66 23.21 17.98
C HIS A 187 -11.05 22.67 18.33
N LYS A 188 -11.45 21.59 17.69
CA LYS A 188 -12.76 20.99 17.96
C LYS A 188 -12.87 20.48 19.39
N THR A 189 -11.80 19.94 19.96
CA THR A 189 -11.87 19.44 21.32
C THR A 189 -12.02 20.58 22.32
N LEU A 190 -11.22 21.63 22.19
CA LEU A 190 -11.31 22.74 23.11
C LEU A 190 -12.57 23.59 22.91
N SER A 191 -13.18 23.57 21.72
CA SER A 191 -14.38 24.36 21.51
C SER A 191 -15.52 23.90 22.40
N GLU A 192 -15.61 22.60 22.65
CA GLU A 192 -16.67 22.06 23.51
C GLU A 192 -16.24 21.93 24.96
N PHE A 193 -15.74 23.03 25.53
CA PHE A 193 -15.36 23.08 26.94
C PHE A 193 -16.26 24.06 27.68
N SER A 194 -16.34 23.88 28.99
CA SER A 194 -17.16 24.73 29.84
C SER A 194 -16.31 25.88 30.39
N VAL A 195 -15.85 26.72 29.47
CA VAL A 195 -14.98 27.84 29.79
C VAL A 195 -15.79 29.12 29.73
N VAL A 196 -15.60 29.98 30.73
CA VAL A 196 -16.26 31.28 30.74
C VAL A 196 -15.52 32.27 29.85
N PHE A 197 -14.19 32.28 29.91
CA PHE A 197 -13.38 33.25 29.20
C PHE A 197 -12.17 32.53 28.59
N SER A 198 -12.05 32.57 27.28
CA SER A 198 -10.95 31.93 26.56
C SER A 198 -9.92 33.00 26.18
N LEU A 199 -8.71 32.87 26.71
CA LEU A 199 -7.65 33.83 26.46
C LEU A 199 -6.54 33.15 25.67
N LEU A 200 -6.19 33.73 24.54
CA LEU A 200 -5.16 33.20 23.66
C LEU A 200 -3.92 34.08 23.71
N LEU A 201 -2.76 33.42 23.74
CA LEU A 201 -1.47 34.11 23.77
C LEU A 201 -0.71 33.77 22.51
N THR A 202 -0.35 34.78 21.73
CA THR A 202 0.37 34.57 20.49
C THR A 202 1.25 35.77 20.22
N GLY A 203 2.56 35.55 20.18
CA GLY A 203 3.47 36.64 19.90
C GLY A 203 3.58 36.99 18.42
N THR A 204 3.52 35.99 17.55
CA THR A 204 3.73 36.21 16.13
C THR A 204 2.55 36.94 15.51
N PRO A 205 2.79 37.71 14.44
CA PRO A 205 1.67 38.27 13.69
C PRO A 205 0.85 37.14 13.07
N ILE A 206 -0.37 36.99 13.58
CA ILE A 206 -1.16 35.80 13.30
C ILE A 206 -1.58 35.70 11.84
N GLN A 207 -1.56 36.82 11.11
CA GLN A 207 -2.22 36.94 9.83
C GLN A 207 -1.39 36.37 8.66
N ASN A 208 -0.52 35.38 8.94
CA ASN A 208 0.14 34.63 7.88
C ASN A 208 -0.81 34.30 6.72
N SER A 209 -2.08 34.04 7.04
CA SER A 209 -3.14 33.99 6.04
C SER A 209 -4.43 34.39 6.72
N LEU A 210 -5.36 34.92 5.92
CA LEU A 210 -6.62 35.40 6.48
C LEU A 210 -7.44 34.29 7.12
N GLN A 211 -7.40 33.08 6.56
CA GLN A 211 -8.17 31.98 7.12
C GLN A 211 -7.66 31.60 8.51
N GLU A 212 -6.34 31.69 8.72
CA GLU A 212 -5.78 31.38 10.04
C GLU A 212 -6.23 32.40 11.08
N LEU A 213 -6.19 33.68 10.72
CA LEU A 213 -6.69 34.71 11.63
C LEU A 213 -8.18 34.50 11.92
N TYR A 214 -8.95 34.13 10.90
CA TYR A 214 -10.36 33.86 11.13
C TYR A 214 -10.56 32.65 12.02
N SER A 215 -9.68 31.65 11.93
CA SER A 215 -9.78 30.50 12.83
C SER A 215 -9.51 30.91 14.26
N LEU A 216 -8.49 31.74 14.48
CA LEU A 216 -8.25 32.27 15.81
C LEU A 216 -9.49 33.00 16.33
N LEU A 217 -10.07 33.87 15.50
CA LEU A 217 -11.25 34.63 15.91
C LEU A 217 -12.44 33.73 16.20
N SER A 218 -12.64 32.69 15.38
CA SER A 218 -13.75 31.77 15.60
C SER A 218 -13.57 31.00 16.88
N PHE A 219 -12.34 30.66 17.24
CA PHE A 219 -12.12 30.07 18.56
C PHE A 219 -12.45 31.07 19.66
N VAL A 220 -12.07 32.33 19.48
CA VAL A 220 -12.32 33.33 20.51
C VAL A 220 -13.82 33.57 20.67
N GLU A 221 -14.49 33.99 19.60
CA GLU A 221 -15.91 34.34 19.65
C GLU A 221 -16.67 33.46 18.68
N PRO A 222 -17.07 32.25 19.08
CA PRO A 222 -17.69 31.31 18.13
C PRO A 222 -19.06 31.76 17.66
N ASP A 223 -19.74 32.58 18.46
CA ASP A 223 -21.08 33.03 18.10
C ASP A 223 -21.04 34.17 17.09
N LEU A 224 -20.22 35.19 17.36
CA LEU A 224 -20.07 36.30 16.41
C LEU A 224 -19.41 35.81 15.12
N PHE A 225 -18.17 35.33 15.23
CA PHE A 225 -17.44 34.81 14.08
C PHE A 225 -17.79 33.33 13.89
N SER A 226 -18.90 33.10 13.18
CA SER A 226 -19.26 31.74 12.83
C SER A 226 -18.32 31.20 11.77
N LYS A 227 -18.19 29.88 11.72
CA LYS A 227 -17.29 29.26 10.76
C LYS A 227 -17.81 29.35 9.33
N GLU A 228 -19.08 29.70 9.15
CA GLU A 228 -19.66 29.82 7.81
C GLU A 228 -19.20 31.08 7.08
N GLU A 229 -18.80 32.12 7.80
CA GLU A 229 -18.42 33.39 7.21
C GLU A 229 -16.97 33.40 6.72
N VAL A 230 -16.36 32.23 6.52
CA VAL A 230 -14.98 32.19 6.07
C VAL A 230 -14.84 32.86 4.71
N GLY A 231 -15.72 32.49 3.77
CA GLY A 231 -15.69 33.10 2.45
C GLY A 231 -15.93 34.59 2.49
N ASP A 232 -16.86 35.03 3.33
CA ASP A 232 -17.10 36.47 3.48
C ASP A 232 -15.88 37.18 4.01
N PHE A 233 -15.21 36.59 5.01
CA PHE A 233 -14.03 37.23 5.59
C PHE A 233 -12.91 37.33 4.58
N ILE A 234 -12.70 36.28 3.77
CA ILE A 234 -11.63 36.36 2.77
C ILE A 234 -12.00 37.34 1.66
N GLN A 235 -13.23 37.30 1.16
CA GLN A 235 -13.62 38.18 0.06
C GLN A 235 -13.60 39.64 0.46
N ARG A 236 -14.14 39.97 1.63
CA ARG A 236 -14.23 41.37 2.06
C ARG A 236 -12.88 42.02 2.30
N TYR A 237 -11.81 41.23 2.45
CA TYR A 237 -10.52 41.75 2.88
C TYR A 237 -9.41 41.24 1.97
N GLN A 238 -9.69 41.19 0.67
CA GLN A 238 -8.68 40.87 -0.33
C GLN A 238 -7.74 42.03 -0.61
N ASP A 239 -7.91 43.17 0.06
CA ASP A 239 -7.10 44.36 -0.20
C ASP A 239 -5.64 44.09 0.15
N ILE A 240 -4.73 44.63 -0.67
CA ILE A 240 -3.30 44.45 -0.46
C ILE A 240 -2.53 45.77 -0.38
N GLU A 241 -3.12 46.87 -0.86
CA GLU A 241 -2.48 48.18 -0.71
C GLU A 241 -2.90 48.77 0.63
N LYS A 242 -2.59 50.05 0.85
CA LYS A 242 -3.01 50.71 2.08
C LYS A 242 -4.52 50.67 2.21
N GLU A 243 -5.23 51.33 1.29
CA GLU A 243 -6.69 51.28 1.20
C GLU A 243 -7.31 51.54 2.59
N SER A 244 -7.13 52.78 3.05
CA SER A 244 -7.56 53.14 4.40
C SER A 244 -9.04 52.88 4.64
N GLU A 245 -9.85 52.92 3.58
CA GLU A 245 -11.28 52.68 3.71
C GLU A 245 -11.59 51.28 4.21
N SER A 246 -10.79 50.27 3.85
CA SER A 246 -10.99 48.92 4.33
C SER A 246 -9.98 48.52 5.40
N ALA A 247 -8.78 49.09 5.36
CA ALA A 247 -7.82 48.85 6.44
C ALA A 247 -8.36 49.36 7.77
N SER A 248 -8.95 50.57 7.77
CA SER A 248 -9.56 51.09 8.99
C SER A 248 -10.78 50.27 9.39
N GLU A 249 -11.53 49.75 8.40
CA GLU A 249 -12.66 48.88 8.72
C GLU A 249 -12.22 47.64 9.45
N LEU A 250 -11.19 46.96 8.94
CA LEU A 250 -10.71 45.76 9.60
C LEU A 250 -10.06 46.08 10.95
N HIS A 251 -9.38 47.22 11.04
CA HIS A 251 -8.85 47.66 12.33
C HIS A 251 -9.95 47.84 13.36
N LYS A 252 -11.04 48.51 12.97
CA LYS A 252 -12.18 48.66 13.87
C LYS A 252 -12.81 47.33 14.21
N LEU A 253 -12.81 46.38 13.27
CA LEU A 253 -13.32 45.05 13.54
C LEU A 253 -12.48 44.33 14.59
N LEU A 254 -11.16 44.47 14.50
CA LEU A 254 -10.22 43.80 15.41
C LEU A 254 -9.87 44.66 16.62
N GLN A 255 -10.53 45.80 16.80
CA GLN A 255 -10.21 46.66 17.94
C GLN A 255 -10.49 45.98 19.28
N PRO A 256 -11.65 45.37 19.53
CA PRO A 256 -11.93 44.82 20.85
C PRO A 256 -11.47 43.38 21.07
N PHE A 257 -10.66 42.82 20.17
CA PHE A 257 -10.24 41.42 20.27
C PHE A 257 -8.74 41.26 20.35
N LEU A 258 -7.99 41.96 19.52
CA LEU A 258 -6.54 41.83 19.44
C LEU A 258 -5.88 43.00 20.14
N LEU A 259 -4.70 42.74 20.70
CA LEU A 259 -3.92 43.78 21.37
C LEU A 259 -2.44 43.51 21.07
N ARG A 260 -1.88 44.26 20.14
CA ARG A 260 -0.48 44.12 19.77
C ARG A 260 0.33 45.31 20.26
N ARG A 261 1.47 45.02 20.87
CA ARG A 261 2.45 46.03 21.24
C ARG A 261 3.82 45.56 20.76
N VAL A 262 4.57 46.45 20.13
CA VAL A 262 5.84 46.11 19.52
C VAL A 262 6.96 46.69 20.36
N LYS A 263 8.13 46.03 20.34
CA LYS A 263 9.27 46.50 21.11
C LYS A 263 9.70 47.91 20.68
N ALA A 264 9.56 48.23 19.40
CA ALA A 264 10.02 49.54 18.93
C ALA A 264 9.26 50.67 19.60
N GLU A 265 7.94 50.54 19.76
CA GLU A 265 7.13 51.60 20.33
C GLU A 265 6.98 51.49 21.84
N VAL A 266 7.04 50.27 22.38
CA VAL A 266 6.79 50.08 23.80
C VAL A 266 8.08 49.82 24.56
N ALA A 267 8.84 48.80 24.16
CA ALA A 267 10.02 48.37 24.91
C ALA A 267 11.26 48.97 24.24
N THR A 268 11.51 50.24 24.51
CA THR A 268 12.72 50.90 24.03
C THR A 268 13.88 50.53 24.95
N GLU A 269 15.00 51.23 24.77
CA GLU A 269 16.19 51.19 25.64
C GLU A 269 16.78 49.79 25.73
N LEU A 270 16.23 48.85 24.97
CA LEU A 270 16.84 47.54 24.85
C LEU A 270 17.94 47.57 23.80
N PRO A 271 18.97 46.74 23.93
CA PRO A 271 19.97 46.66 22.86
C PRO A 271 19.33 46.22 21.56
N LYS A 272 19.79 46.81 20.46
CA LYS A 272 19.17 46.58 19.17
C LYS A 272 19.73 45.31 18.52
N LYS A 273 18.89 44.63 17.75
CA LYS A 273 19.33 43.47 17.00
C LYS A 273 19.61 43.85 15.56
N THR A 274 20.64 43.24 14.98
CA THR A 274 21.08 43.53 13.63
C THR A 274 21.26 42.21 12.88
N GLU A 275 20.31 41.89 12.01
CA GLU A 275 20.38 40.65 11.24
C GLU A 275 21.38 40.80 10.11
N VAL A 276 22.26 39.82 9.97
CA VAL A 276 23.30 39.82 8.95
C VAL A 276 23.26 38.46 8.26
N VAL A 277 22.84 38.43 7.00
CA VAL A 277 22.82 37.20 6.22
C VAL A 277 24.16 37.04 5.51
N ILE A 278 24.73 35.85 5.63
CA ILE A 278 26.06 35.55 5.11
C ILE A 278 25.93 34.44 4.07
N TYR A 279 26.53 34.65 2.90
CA TYR A 279 26.42 33.72 1.80
C TYR A 279 27.61 32.77 1.80
N HIS A 280 27.40 31.58 1.23
CA HIS A 280 28.45 30.57 1.11
C HIS A 280 28.26 29.80 -0.18
N GLY A 281 29.31 29.07 -0.56
CA GLY A 281 29.30 28.31 -1.79
C GLY A 281 28.94 26.86 -1.62
N MET A 282 29.74 25.97 -2.20
CA MET A 282 29.46 24.54 -2.21
C MET A 282 30.77 23.80 -2.00
N SER A 283 30.74 22.48 -2.25
CA SER A 283 31.92 21.65 -2.25
C SER A 283 31.86 20.77 -3.50
N ALA A 284 32.88 19.95 -3.68
CA ALA A 284 32.95 19.12 -4.89
C ALA A 284 31.81 18.11 -4.92
N LEU A 285 31.77 17.21 -3.93
CA LEU A 285 30.70 16.21 -3.90
C LEU A 285 29.35 16.87 -3.67
N GLN A 286 29.32 18.03 -3.01
CA GLN A 286 28.07 18.76 -2.87
C GLN A 286 27.51 19.14 -4.24
N LYS A 287 28.36 19.72 -5.11
CA LYS A 287 27.90 20.04 -6.46
C LYS A 287 27.53 18.78 -7.23
N LYS A 288 28.33 17.72 -7.08
CA LYS A 288 28.02 16.47 -7.78
C LYS A 288 26.62 15.98 -7.45
N TYR A 289 26.31 15.87 -6.16
CA TYR A 289 24.99 15.37 -5.76
C TYR A 289 23.88 16.38 -6.04
N TYR A 290 24.15 17.68 -5.92
CA TYR A 290 23.17 18.69 -6.29
C TYR A 290 22.72 18.50 -7.72
N LYS A 291 23.69 18.43 -8.65
CA LYS A 291 23.37 18.20 -10.04
C LYS A 291 22.74 16.84 -10.27
N ALA A 292 23.23 15.78 -9.58
CA ALA A 292 22.67 14.45 -9.76
C ALA A 292 21.19 14.41 -9.42
N ILE A 293 20.81 14.97 -8.27
CA ILE A 293 19.39 15.00 -7.92
C ILE A 293 18.63 15.90 -8.88
N LEU A 294 19.24 17.01 -9.32
CA LEU A 294 18.56 17.88 -10.28
C LEU A 294 18.36 17.20 -11.63
N MET A 295 19.12 16.15 -11.92
CA MET A 295 19.03 15.42 -13.18
C MET A 295 18.41 14.04 -13.04
N LYS A 296 18.88 13.21 -12.12
CA LYS A 296 18.34 11.87 -11.93
C LYS A 296 17.26 11.86 -10.85
N LYS A 310 15.44 7.05 -2.82
CA LYS A 310 14.19 7.72 -3.16
C LYS A 310 14.44 9.15 -3.61
N LEU A 311 13.77 9.55 -4.69
CA LEU A 311 13.87 10.91 -5.23
C LEU A 311 12.48 11.40 -5.63
N GLN A 312 11.45 10.89 -4.97
CA GLN A 312 10.09 11.29 -5.32
C GLN A 312 9.82 12.75 -4.97
N ASN A 313 10.30 13.20 -3.82
CA ASN A 313 10.22 14.60 -3.43
C ASN A 313 11.58 15.24 -3.69
N ILE A 314 11.61 16.25 -4.55
CA ILE A 314 12.86 16.82 -5.02
C ILE A 314 13.37 17.90 -4.08
N LEU A 315 12.47 18.74 -3.58
CA LEU A 315 12.86 19.89 -2.77
C LEU A 315 13.59 19.46 -1.49
N SER A 316 13.08 18.43 -0.82
CA SER A 316 13.70 17.96 0.41
C SER A 316 15.12 17.44 0.15
N GLN A 317 15.30 16.67 -0.92
CA GLN A 317 16.62 16.18 -1.25
C GLN A 317 17.57 17.31 -1.61
N LEU A 318 17.10 18.30 -2.35
CA LEU A 318 17.95 19.45 -2.67
C LEU A 318 18.39 20.16 -1.40
N ARG A 319 17.47 20.43 -0.48
CA ARG A 319 17.84 21.12 0.75
C ARG A 319 18.78 20.29 1.60
N LYS A 320 18.55 18.98 1.66
CA LYS A 320 19.48 18.08 2.35
C LYS A 320 20.88 18.18 1.77
N CYS A 321 20.97 18.16 0.44
CA CYS A 321 22.28 18.27 -0.21
C CYS A 321 22.95 19.59 0.09
N VAL A 322 22.20 20.69 0.11
CA VAL A 322 22.83 21.97 0.41
C VAL A 322 23.31 22.04 1.85
N ASP A 323 22.57 21.48 2.81
CA ASP A 323 22.98 21.59 4.21
C ASP A 323 24.26 20.80 4.46
N HIS A 324 24.22 19.49 4.24
CA HIS A 324 25.41 18.68 4.41
C HIS A 324 25.21 17.37 3.66
N PRO A 325 26.17 16.95 2.84
CA PRO A 325 26.00 15.68 2.11
C PRO A 325 26.04 14.45 3.00
N TYR A 326 26.77 14.49 4.12
CA TYR A 326 26.96 13.30 4.93
C TYR A 326 25.67 12.76 5.52
N LEU A 327 24.61 13.56 5.56
CA LEU A 327 23.34 13.03 6.05
C LEU A 327 22.63 12.17 5.01
N PHE A 328 23.16 12.08 3.79
CA PHE A 328 22.83 10.96 2.93
C PHE A 328 23.59 9.72 3.41
N ASP A 329 22.90 8.59 3.45
CA ASP A 329 23.50 7.40 4.02
C ASP A 329 24.54 6.77 3.09
N GLY A 330 24.33 6.90 1.78
CA GLY A 330 25.20 6.23 0.83
C GLY A 330 26.51 6.92 0.53
N VAL A 331 26.71 8.14 1.04
CA VAL A 331 27.88 8.92 0.67
C VAL A 331 28.96 8.91 1.74
N GLU A 332 28.75 8.22 2.84
CA GLU A 332 29.75 8.25 3.89
C GLU A 332 30.79 7.14 3.66
N PRO A 333 32.06 7.39 3.96
CA PRO A 333 33.07 6.33 3.83
C PRO A 333 33.06 5.36 5.01
N GLU A 334 31.95 5.37 5.76
CA GLU A 334 31.71 4.69 7.03
C GLU A 334 32.92 4.70 7.96
N PRO A 335 33.42 5.89 8.35
CA PRO A 335 34.37 5.92 9.47
C PRO A 335 33.64 6.09 10.79
N PHE A 336 33.84 5.16 11.73
CA PHE A 336 33.20 5.28 13.03
C PHE A 336 34.10 6.04 14.01
N GLU A 337 34.56 7.20 13.56
CA GLU A 337 35.41 8.07 14.36
C GLU A 337 35.20 9.52 13.90
N VAL A 338 35.54 10.44 14.79
CA VAL A 338 35.51 11.86 14.46
C VAL A 338 36.76 12.21 13.67
N GLY A 339 36.76 13.34 12.99
CA GLY A 339 37.90 13.69 12.16
C GLY A 339 37.82 15.13 11.69
N ASP A 340 38.69 15.45 10.74
CA ASP A 340 38.78 16.79 10.17
C ASP A 340 38.13 16.88 8.80
N HIS A 341 37.71 15.75 8.23
CA HIS A 341 37.05 15.72 6.93
C HIS A 341 35.67 16.35 6.95
N LEU A 342 35.13 16.65 8.13
CA LEU A 342 33.77 17.19 8.22
C LEU A 342 33.68 18.60 7.64
N THR A 343 34.71 19.42 7.85
CA THR A 343 34.61 20.82 7.47
C THR A 343 34.56 21.00 5.95
N GLU A 344 35.34 20.21 5.22
CA GLU A 344 35.43 20.40 3.77
C GLU A 344 34.28 19.77 3.02
N ALA A 345 33.47 18.93 3.65
CA ALA A 345 32.35 18.31 2.97
C ALA A 345 31.20 19.27 2.69
N SER A 346 31.20 20.45 3.32
CA SER A 346 30.13 21.41 3.14
C SER A 346 30.69 22.81 3.28
N GLY A 347 30.32 23.68 2.33
CA GLY A 347 30.67 25.08 2.47
C GLY A 347 29.98 25.76 3.64
N LYS A 348 28.73 25.39 3.89
CA LYS A 348 28.01 25.92 5.04
C LYS A 348 28.71 25.54 6.34
N LEU A 349 29.12 24.28 6.46
CA LEU A 349 29.84 23.85 7.65
C LEU A 349 31.19 24.54 7.78
N HIS A 350 31.89 24.73 6.66
CA HIS A 350 33.16 25.46 6.68
C HIS A 350 32.97 26.88 7.22
N LEU A 351 32.02 27.61 6.65
CA LEU A 351 31.78 28.98 7.11
C LEU A 351 31.29 29.00 8.55
N LEU A 352 30.51 28.00 8.95
CA LEU A 352 30.08 27.89 10.34
C LEU A 352 31.25 27.70 11.28
N ASP A 353 32.23 26.87 10.89
CA ASP A 353 33.40 26.67 11.72
C ASP A 353 34.24 27.94 11.84
N LYS A 354 34.37 28.67 10.72
CA LYS A 354 35.04 29.97 10.80
C LYS A 354 34.33 30.90 11.77
N LEU A 355 33.00 30.99 11.65
CA LEU A 355 32.23 31.84 12.55
C LEU A 355 32.36 31.40 13.99
N LEU A 356 32.35 30.09 14.23
CA LEU A 356 32.43 29.59 15.59
C LEU A 356 33.78 29.87 16.21
N ALA A 357 34.86 29.71 15.45
CA ALA A 357 36.18 30.06 15.95
C ALA A 357 36.23 31.54 16.30
N PHE A 358 35.74 32.40 15.39
CA PHE A 358 35.74 33.83 15.66
C PHE A 358 34.92 34.18 16.90
N LEU A 359 33.74 33.58 17.05
CA LEU A 359 32.85 33.94 18.15
C LEU A 359 33.39 33.43 19.49
N TYR A 360 33.95 32.22 19.50
CA TYR A 360 34.56 31.72 20.72
C TYR A 360 35.78 32.56 21.12
N SER A 361 36.59 32.98 20.14
CA SER A 361 37.71 33.85 20.44
C SER A 361 37.23 35.19 21.00
N GLY A 362 36.16 35.74 20.41
CA GLY A 362 35.65 37.01 20.88
C GLY A 362 34.77 36.92 22.12
N GLY A 363 34.55 35.72 22.63
CA GLY A 363 33.73 35.55 23.81
C GLY A 363 32.28 35.87 23.59
N HIS A 364 31.61 35.06 22.76
CA HIS A 364 30.21 35.27 22.42
C HIS A 364 29.46 33.96 22.57
N ARG A 365 28.37 33.97 23.32
CA ARG A 365 27.53 32.80 23.46
C ARG A 365 26.43 32.81 22.40
N VAL A 366 26.21 31.65 21.79
CA VAL A 366 25.50 31.59 20.51
C VAL A 366 24.40 30.54 20.58
N LEU A 367 23.23 30.87 20.03
CA LEU A 367 22.15 29.93 19.75
C LEU A 367 22.30 29.36 18.35
N LEU A 368 21.85 28.13 18.16
CA LEU A 368 22.01 27.43 16.88
C LEU A 368 20.70 26.73 16.54
N PHE A 369 20.02 27.20 15.50
CA PHE A 369 18.74 26.66 15.09
C PHE A 369 18.85 25.90 13.79
N SER A 370 18.08 24.82 13.67
CA SER A 370 18.05 24.03 12.44
C SER A 370 16.71 23.33 12.33
N GLN A 371 16.35 22.97 11.10
CA GLN A 371 15.10 22.24 10.85
C GLN A 371 15.24 20.75 11.10
N MET A 372 16.11 20.08 10.33
CA MET A 372 16.24 18.64 10.43
C MET A 372 17.10 18.25 11.62
N THR A 373 16.68 17.19 12.33
CA THR A 373 17.42 16.71 13.47
C THR A 373 18.71 16.00 13.09
N GLN A 374 18.79 15.45 11.88
CA GLN A 374 20.02 14.83 11.41
C GLN A 374 21.16 15.85 11.37
N MET A 375 20.87 17.04 10.85
CA MET A 375 21.87 18.10 10.81
C MET A 375 22.30 18.49 12.21
N LEU A 376 21.36 18.48 13.16
CA LEU A 376 21.73 18.74 14.55
C LEU A 376 22.62 17.65 15.11
N ASP A 377 22.39 16.40 14.74
CA ASP A 377 23.30 15.32 15.15
C ASP A 377 24.70 15.54 14.59
N ILE A 378 24.77 15.96 13.32
CA ILE A 378 26.06 16.24 12.70
C ILE A 378 26.77 17.38 13.44
N LEU A 379 26.03 18.44 13.76
CA LEU A 379 26.61 19.53 14.54
C LEU A 379 27.06 19.08 15.91
N GLN A 380 26.30 18.19 16.55
CA GLN A 380 26.69 17.71 17.87
C GLN A 380 27.98 16.90 17.80
N ASP A 381 28.11 16.05 16.78
CA ASP A 381 29.36 15.32 16.59
C ASP A 381 30.53 16.26 16.32
N TYR A 382 30.32 17.28 15.50
CA TYR A 382 31.37 18.25 15.22
C TYR A 382 31.78 19.00 16.49
N MET A 383 30.80 19.41 17.30
CA MET A 383 31.11 20.08 18.56
C MET A 383 31.88 19.16 19.50
N ASP A 384 31.51 17.88 19.55
CA ASP A 384 32.25 16.93 20.36
C ASP A 384 33.69 16.80 19.87
N TYR A 385 33.89 16.77 18.54
CA TYR A 385 35.25 16.77 18.01
C TYR A 385 36.04 18.00 18.44
N ARG A 386 35.50 19.19 18.21
CA ARG A 386 36.29 20.40 18.42
C ARG A 386 36.31 20.84 19.87
N GLY A 387 35.71 20.07 20.77
CA GLY A 387 35.76 20.38 22.19
C GLY A 387 35.04 21.65 22.58
N TYR A 388 33.82 21.81 22.09
CA TYR A 388 32.99 22.97 22.39
C TYR A 388 31.93 22.56 23.40
N SER A 389 31.75 23.39 24.43
CA SER A 389 30.74 23.12 25.45
C SER A 389 29.37 23.43 24.89
N TYR A 390 28.55 22.40 24.69
CA TYR A 390 27.27 22.55 24.02
C TYR A 390 26.15 21.93 24.86
N GLU A 391 24.94 22.42 24.63
CA GLU A 391 23.74 21.87 25.23
C GLU A 391 22.71 21.69 24.13
N ARG A 392 21.84 20.69 24.26
CA ARG A 392 20.94 20.31 23.19
C ARG A 392 19.55 20.02 23.73
N VAL A 393 18.59 20.89 23.42
CA VAL A 393 17.18 20.59 23.50
C VAL A 393 16.63 20.60 22.08
N ASP A 394 15.95 19.52 21.71
CA ASP A 394 15.73 19.24 20.29
C ASP A 394 14.26 18.96 20.00
N GLY A 395 13.51 18.55 21.00
CA GLY A 395 12.20 18.00 20.74
C GLY A 395 12.35 16.50 20.63
N SER A 396 11.42 15.76 21.23
CA SER A 396 11.59 14.33 21.44
C SER A 396 12.88 14.06 22.23
N VAL A 397 13.17 14.92 23.19
CA VAL A 397 14.31 14.68 24.07
C VAL A 397 13.80 13.97 25.33
N ARG A 398 13.06 14.70 26.17
CA ARG A 398 12.23 14.28 27.30
C ARG A 398 11.59 15.55 27.86
N GLY A 399 10.72 15.37 28.86
CA GLY A 399 10.18 16.52 29.56
C GLY A 399 11.13 17.21 30.50
N GLU A 400 11.90 16.44 31.27
CA GLU A 400 12.75 16.98 32.32
C GLU A 400 14.16 17.33 31.86
N GLU A 401 14.70 16.61 30.88
CA GLU A 401 15.99 16.97 30.33
C GLU A 401 15.97 18.37 29.73
N ARG A 402 14.83 18.81 29.19
CA ARG A 402 14.73 20.19 28.73
C ARG A 402 14.88 21.16 29.89
N HIS A 403 14.25 20.87 31.03
CA HIS A 403 14.39 21.74 32.19
C HIS A 403 15.85 21.81 32.65
N LEU A 404 16.51 20.65 32.71
CA LEU A 404 17.91 20.63 33.11
C LEU A 404 18.77 21.40 32.10
N ALA A 405 18.49 21.23 30.81
CA ALA A 405 19.24 21.94 29.79
C ALA A 405 19.05 23.44 29.92
N ILE A 406 17.83 23.89 30.22
CA ILE A 406 17.60 25.33 30.35
C ILE A 406 18.30 25.88 31.59
N LYS A 407 18.34 25.10 32.67
CA LYS A 407 19.13 25.53 33.83
C LYS A 407 20.60 25.68 33.45
N ASN A 408 21.18 24.67 32.81
CA ASN A 408 22.59 24.75 32.42
C ASN A 408 22.86 25.80 31.34
N PHE A 409 21.83 26.19 30.59
CA PHE A 409 21.98 27.24 29.59
C PHE A 409 22.56 28.50 30.22
N GLY A 410 22.08 28.83 31.42
CA GLY A 410 22.47 30.06 32.10
C GLY A 410 23.38 29.89 33.30
N GLN A 411 23.37 28.73 33.95
CA GLN A 411 24.25 28.54 35.10
C GLN A 411 25.71 28.48 34.67
N GLN A 412 26.08 27.48 33.86
CA GLN A 412 27.46 27.32 33.43
C GLN A 412 27.78 28.28 32.28
N PRO A 413 29.06 28.63 32.09
CA PRO A 413 29.46 29.46 30.94
C PRO A 413 29.57 28.63 29.66
N ILE A 414 28.48 28.00 29.29
CA ILE A 414 28.42 27.10 28.16
C ILE A 414 28.29 27.93 26.89
N PHE A 415 28.89 27.44 25.80
CA PHE A 415 29.16 28.25 24.60
C PHE A 415 28.14 28.02 23.50
N VAL A 416 27.92 26.79 23.10
CA VAL A 416 27.03 26.50 21.97
C VAL A 416 25.68 26.03 22.49
N PHE A 417 24.63 26.59 21.93
CA PHE A 417 23.24 26.24 22.24
C PHE A 417 22.61 25.59 21.01
N LEU A 418 22.56 24.26 21.00
CA LEU A 418 21.90 23.55 19.91
C LEU A 418 20.40 23.55 20.11
N LEU A 419 19.66 23.88 19.05
CA LEU A 419 18.24 24.10 19.17
C LEU A 419 17.54 23.68 17.89
N SER A 420 16.29 23.28 18.02
CA SER A 420 15.40 23.06 16.90
C SER A 420 14.40 24.20 16.83
N THR A 421 14.08 24.62 15.60
CA THR A 421 13.25 25.80 15.43
C THR A 421 11.85 25.60 16.01
N ARG A 422 11.23 24.46 15.71
CA ARG A 422 9.87 24.22 16.15
C ARG A 422 9.76 23.88 17.63
N ALA A 423 10.71 23.16 18.18
CA ALA A 423 10.67 22.75 19.58
C ALA A 423 11.63 23.50 20.48
N GLY A 424 12.35 24.49 19.95
CA GLY A 424 13.22 25.28 20.78
C GLY A 424 12.88 26.76 20.78
N GLY A 425 12.34 27.25 19.67
CA GLY A 425 11.94 28.64 19.59
C GLY A 425 10.47 28.90 19.86
N VAL A 426 9.94 28.46 21.00
CA VAL A 426 8.52 28.66 21.27
C VAL A 426 8.24 29.22 22.66
N GLY A 427 9.23 29.85 23.30
CA GLY A 427 8.93 30.52 24.54
C GLY A 427 9.98 30.39 25.64
N MET A 428 11.04 29.65 25.38
CA MET A 428 12.14 29.55 26.32
C MET A 428 12.85 30.89 26.47
N ASN A 429 13.32 31.17 27.68
CA ASN A 429 14.09 32.38 27.95
C ASN A 429 15.57 32.04 27.89
N LEU A 430 16.22 32.39 26.79
CA LEU A 430 17.62 32.05 26.59
C LEU A 430 18.45 33.31 26.44
N THR A 431 18.23 34.28 27.32
CA THR A 431 18.88 35.58 27.25
C THR A 431 20.38 35.53 27.52
N ALA A 432 20.90 34.39 28.00
CA ALA A 432 22.32 34.30 28.28
C ALA A 432 23.16 34.46 27.01
N ALA A 433 22.73 33.84 25.92
CA ALA A 433 23.44 33.99 24.66
C ALA A 433 23.11 35.34 24.03
N ASP A 434 23.95 35.75 23.08
CA ASP A 434 23.74 37.02 22.40
C ASP A 434 23.99 36.93 20.90
N THR A 435 23.83 35.75 20.31
CA THR A 435 24.03 35.58 18.87
C THR A 435 23.17 34.42 18.41
N VAL A 436 22.31 34.67 17.43
CA VAL A 436 21.43 33.66 16.87
C VAL A 436 21.91 33.36 15.45
N ILE A 437 22.16 32.09 15.18
CA ILE A 437 22.66 31.64 13.88
C ILE A 437 21.67 30.63 13.31
N PHE A 438 21.17 30.90 12.12
CA PHE A 438 20.26 30.00 11.43
C PHE A 438 21.01 29.26 10.33
N VAL A 439 20.95 27.93 10.36
CA VAL A 439 21.50 27.12 9.29
C VAL A 439 20.42 26.51 8.41
N ASP A 440 19.16 26.92 8.61
CA ASP A 440 18.02 26.25 7.98
C ASP A 440 17.24 27.15 7.03
N SER A 441 16.79 28.32 7.47
CA SER A 441 15.99 29.23 6.64
C SER A 441 14.73 28.54 6.11
N ASP A 442 13.87 28.17 7.06
CA ASP A 442 12.70 27.37 6.74
C ASP A 442 11.67 28.16 5.93
N PHE A 443 10.55 27.49 5.64
CA PHE A 443 9.53 28.04 4.75
C PHE A 443 8.91 29.31 5.31
N ASN A 444 8.23 29.21 6.46
CA ASN A 444 7.57 30.48 6.75
C ASN A 444 8.37 31.29 7.76
N PRO A 445 8.31 32.62 7.66
CA PRO A 445 9.21 33.47 8.45
C PRO A 445 8.84 33.61 9.91
N GLN A 446 7.60 33.26 10.31
CA GLN A 446 7.21 33.43 11.70
C GLN A 446 8.06 32.55 12.62
N ASN A 447 8.36 31.33 12.19
CA ASN A 447 9.18 30.44 13.00
C ASN A 447 10.56 31.03 13.24
N ASP A 448 11.21 31.49 12.17
CA ASP A 448 12.54 32.08 12.33
C ASP A 448 12.49 33.37 13.14
N LEU A 449 11.44 34.17 12.96
CA LEU A 449 11.30 35.40 13.72
C LEU A 449 11.20 35.12 15.21
N GLN A 450 10.39 34.15 15.60
CA GLN A 450 10.21 33.85 17.01
C GLN A 450 11.44 33.16 17.59
N ALA A 451 12.10 32.31 16.79
CA ALA A 451 13.36 31.72 17.21
C ALA A 451 14.41 32.78 17.47
N ALA A 452 14.51 33.79 16.60
CA ALA A 452 15.41 34.90 16.86
C ALA A 452 15.02 35.67 18.11
N ALA A 453 13.71 35.89 18.30
CA ALA A 453 13.23 36.60 19.49
C ALA A 453 13.50 35.84 20.78
N ARG A 454 13.82 34.55 20.71
CA ARG A 454 14.25 33.82 21.91
C ARG A 454 15.44 34.47 22.59
N ALA A 455 16.26 35.23 21.87
CA ALA A 455 17.41 35.90 22.46
C ALA A 455 17.20 37.40 22.68
N HIS A 456 16.38 38.05 21.87
CA HIS A 456 16.04 39.45 22.08
C HIS A 456 14.81 39.49 22.99
N ARG A 457 15.04 39.79 24.26
CA ARG A 457 14.12 39.45 25.33
C ARG A 457 14.23 40.53 26.40
N ILE A 458 13.15 40.70 27.19
CA ILE A 458 13.25 41.53 28.37
C ILE A 458 14.24 40.92 29.33
N GLY A 459 15.21 41.72 29.79
CA GLY A 459 16.30 41.22 30.59
C GLY A 459 17.58 41.02 29.82
N GLN A 460 17.59 41.29 28.52
CA GLN A 460 18.80 41.23 27.73
C GLN A 460 19.68 42.43 28.04
N ASN A 461 20.99 42.21 28.08
CA ASN A 461 21.96 43.27 28.36
C ASN A 461 22.86 43.59 27.19
N LYS A 462 23.29 42.59 26.43
CA LYS A 462 24.14 42.81 25.27
C LYS A 462 23.29 42.93 24.01
N SER A 463 23.96 43.21 22.89
CA SER A 463 23.28 43.29 21.61
C SER A 463 23.20 41.91 20.97
N VAL A 464 22.20 41.73 20.12
CA VAL A 464 21.91 40.45 19.50
C VAL A 464 22.25 40.56 18.02
N LYS A 465 23.03 39.59 17.52
CA LYS A 465 23.49 39.58 16.13
C LYS A 465 22.94 38.33 15.46
N VAL A 466 21.90 38.50 14.65
CA VAL A 466 21.27 37.38 13.96
C VAL A 466 22.06 37.07 12.69
N ILE A 467 22.44 35.81 12.53
CA ILE A 467 23.24 35.38 11.39
C ILE A 467 22.48 34.32 10.61
N ARG A 468 22.50 34.44 9.29
CA ARG A 468 21.90 33.46 8.40
C ARG A 468 22.97 32.89 7.48
N LEU A 469 22.87 31.60 7.18
CA LEU A 469 23.82 30.92 6.31
C LEU A 469 23.03 30.26 5.19
N ILE A 470 22.85 30.98 4.09
CA ILE A 470 22.15 30.46 2.92
C ILE A 470 23.12 30.40 1.75
N GLY A 471 23.06 29.28 1.03
CA GLY A 471 24.01 29.02 -0.03
C GLY A 471 23.75 29.85 -1.29
N ARG A 472 24.84 30.31 -1.89
CA ARG A 472 24.74 31.12 -3.10
C ARG A 472 24.20 30.29 -4.27
N ASP A 473 23.37 30.93 -5.08
CA ASP A 473 22.88 30.34 -6.33
C ASP A 473 22.22 28.99 -6.09
N THR A 474 21.39 28.92 -5.06
CA THR A 474 20.87 27.66 -4.55
C THR A 474 19.37 27.77 -4.31
N VAL A 475 18.73 26.61 -4.20
CA VAL A 475 17.31 26.55 -3.86
C VAL A 475 17.03 27.16 -2.49
N GLU A 476 18.04 27.18 -1.62
CA GLU A 476 17.89 27.87 -0.33
C GLU A 476 17.61 29.35 -0.53
N GLU A 477 18.23 29.96 -1.53
CA GLU A 477 17.96 31.37 -1.83
C GLU A 477 16.52 31.58 -2.24
N ILE A 478 15.98 30.66 -3.04
CA ILE A 478 14.57 30.77 -3.44
C ILE A 478 13.63 30.57 -2.27
N VAL A 479 13.94 29.61 -1.39
CA VAL A 479 13.11 29.45 -0.19
C VAL A 479 13.18 30.73 0.65
N TYR A 480 14.36 31.34 0.75
CA TYR A 480 14.50 32.58 1.50
C TYR A 480 13.66 33.69 0.91
N ARG A 481 13.70 33.85 -0.42
CA ARG A 481 12.94 34.93 -1.04
C ARG A 481 11.45 34.68 -0.96
N LYS A 482 11.02 33.42 -1.11
CA LYS A 482 9.61 33.10 -0.96
C LYS A 482 9.14 33.40 0.46
N ALA A 483 9.95 33.05 1.45
CA ALA A 483 9.63 33.42 2.83
C ALA A 483 9.54 34.94 2.97
N ALA A 484 10.52 35.67 2.44
CA ALA A 484 10.50 37.13 2.57
C ALA A 484 9.27 37.74 1.93
N SER A 485 8.84 37.20 0.78
CA SER A 485 7.61 37.68 0.16
C SER A 485 6.39 37.37 1.01
N LYS A 486 6.36 36.19 1.63
CA LYS A 486 5.24 35.86 2.51
C LYS A 486 5.22 36.74 3.76
N LEU A 487 6.40 37.19 4.21
CA LEU A 487 6.49 37.94 5.46
C LEU A 487 5.90 39.35 5.31
N GLN A 488 6.24 40.05 4.24
CA GLN A 488 5.85 41.44 4.06
C GLN A 488 4.41 41.58 3.61
N LEU A 489 3.61 40.54 3.75
CA LEU A 489 2.16 40.63 3.58
C LEU A 489 1.47 41.07 4.87
N THR A 490 2.01 40.66 6.03
CA THR A 490 1.49 41.10 7.30
C THR A 490 2.12 42.42 7.77
N ASN A 491 3.30 42.76 7.25
CA ASN A 491 3.86 44.08 7.54
C ASN A 491 2.99 45.18 6.96
N MET A 492 2.45 44.96 5.77
CA MET A 492 1.56 45.94 5.14
C MET A 492 0.38 46.27 6.03
N ILE A 493 -0.34 45.25 6.50
CA ILE A 493 -1.54 45.51 7.27
C ILE A 493 -1.17 46.10 8.63
N ILE A 494 -0.07 45.64 9.23
CA ILE A 494 0.34 46.20 10.52
C ILE A 494 0.62 47.68 10.38
N GLU A 495 1.47 48.06 9.41
CA GLU A 495 1.80 49.46 9.21
C GLU A 495 0.64 50.30 8.73
N GLY A 496 -0.39 49.70 8.12
CA GLY A 496 -1.52 50.48 7.66
C GLY A 496 -2.66 50.63 8.64
N GLY A 497 -3.19 49.51 9.12
CA GLY A 497 -4.31 49.50 10.05
C GLY A 497 -3.94 49.23 11.49
N HIS A 498 -2.66 49.26 11.85
CA HIS A 498 -2.23 49.06 13.23
C HIS A 498 -1.32 50.17 13.72
N PHE A 499 -0.53 50.75 12.84
CA PHE A 499 0.35 51.87 13.19
C PHE A 499 -0.34 53.19 12.90
N GLU A 516 11.13 27.28 -13.86
CA GLU A 516 11.96 28.44 -13.60
C GLU A 516 12.39 28.53 -12.14
N ILE A 517 11.55 28.02 -11.25
CA ILE A 517 11.80 28.21 -9.83
C ILE A 517 12.94 27.32 -9.36
N LEU A 518 12.69 26.01 -9.22
CA LEU A 518 13.62 25.14 -8.50
C LEU A 518 15.04 25.18 -9.05
N LYS A 519 15.24 25.80 -10.21
CA LYS A 519 16.58 25.99 -10.74
C LYS A 519 17.38 26.99 -9.92
N PHE A 520 16.89 28.22 -9.84
CA PHE A 520 17.72 29.40 -9.55
C PHE A 520 18.96 29.36 -10.44
N GLY A 521 18.70 29.48 -11.74
CA GLY A 521 19.65 29.13 -12.76
C GLY A 521 20.84 30.06 -12.91
N LEU A 522 21.71 30.09 -11.91
CA LEU A 522 23.07 30.56 -12.14
C LEU A 522 23.97 29.36 -11.95
N ASP A 523 23.50 28.20 -12.43
CA ASP A 523 24.23 26.95 -12.32
C ASP A 523 25.50 26.94 -13.18
N LYS A 524 25.71 27.98 -14.00
CA LYS A 524 26.98 28.08 -14.72
C LYS A 524 28.16 28.16 -13.77
N LEU A 525 28.04 28.94 -12.69
CA LEU A 525 29.05 28.93 -11.64
C LEU A 525 28.95 27.68 -10.77
N LEU A 526 27.83 26.96 -10.84
CA LEU A 526 27.71 25.66 -10.21
C LEU A 526 28.07 24.52 -11.15
N ALA A 527 28.35 24.80 -12.42
CA ALA A 527 28.78 23.80 -13.37
C ALA A 527 30.30 23.65 -13.42
N SER A 528 31.02 24.47 -12.64
CA SER A 528 32.46 24.29 -12.53
C SER A 528 32.79 23.00 -11.77
N GLU A 529 31.85 22.52 -10.94
CA GLU A 529 31.99 21.27 -10.20
C GLU A 529 33.25 21.24 -9.36
N GLY A 530 33.55 22.36 -8.69
CA GLY A 530 34.72 22.47 -7.83
C GLY A 530 34.30 22.81 -6.42
N SER A 531 35.11 23.64 -5.77
CA SER A 531 34.91 24.00 -4.38
C SER A 531 34.27 25.39 -4.22
N THR A 532 34.91 26.40 -4.79
CA THR A 532 34.54 27.80 -4.57
C THR A 532 34.52 28.11 -3.08
N MET A 533 35.68 27.90 -2.45
CA MET A 533 35.85 28.12 -1.02
C MET A 533 36.28 29.56 -0.77
N ASP A 534 35.87 30.08 0.40
CA ASP A 534 36.11 31.47 0.75
C ASP A 534 37.18 31.57 1.83
N GLU A 535 38.18 32.41 1.57
CA GLU A 535 39.21 32.73 2.55
C GLU A 535 39.41 34.23 2.75
N ILE A 536 38.95 35.07 1.83
CA ILE A 536 39.07 36.51 1.97
C ILE A 536 38.11 37.04 3.02
N ASP A 537 37.03 36.32 3.30
CA ASP A 537 36.04 36.79 4.26
C ASP A 537 36.58 36.84 5.68
N LEU A 538 37.76 36.26 5.93
CA LEU A 538 38.31 36.27 7.29
C LEU A 538 38.62 37.69 7.76
N GLU A 539 39.19 38.52 6.89
CA GLU A 539 39.51 39.88 7.30
C GLU A 539 38.29 40.78 7.34
N SER A 540 37.23 40.48 6.58
CA SER A 540 36.00 41.25 6.62
C SER A 540 35.04 40.77 7.69
N ILE A 541 35.31 39.61 8.31
CA ILE A 541 34.42 39.07 9.32
C ILE A 541 34.42 39.94 10.58
N LEU A 542 35.53 40.63 10.86
CA LEU A 542 35.50 41.68 11.87
C LEU A 542 34.85 42.95 11.34
N GLY A 543 34.92 43.17 10.03
CA GLY A 543 34.24 44.31 9.43
C GLY A 543 32.73 44.22 9.51
N GLU A 544 32.17 43.04 9.33
CA GLU A 544 30.74 42.83 9.48
C GLU A 544 30.31 42.81 10.94
N THR A 545 31.19 42.34 11.82
CA THR A 545 30.88 42.17 13.24
C THR A 545 31.91 42.94 14.05
N LYS A 546 31.53 44.12 14.55
CA LYS A 546 32.44 44.99 15.30
C LYS A 546 32.18 44.79 16.79
N ASP A 547 32.91 43.84 17.37
CA ASP A 547 32.73 43.50 18.77
C ASP A 547 33.52 44.46 19.66
N GLY A 548 32.86 45.01 20.66
CA GLY A 548 33.48 45.85 21.66
C GLY A 548 33.76 45.08 22.94
N GLN A 549 33.44 45.70 24.07
CA GLN A 549 33.59 45.04 25.36
C GLN A 549 32.36 44.18 25.62
N TRP A 550 32.46 42.90 25.26
CA TRP A 550 31.44 41.88 25.49
C TRP A 550 30.12 42.17 24.77
N VAL A 551 30.12 43.10 23.82
CA VAL A 551 28.92 43.40 23.04
C VAL A 551 29.29 43.51 21.58
N SER A 552 28.31 43.28 20.71
CA SER A 552 28.45 43.63 19.31
C SER A 552 28.13 45.11 19.14
N ASP A 553 29.11 45.88 18.69
CA ASP A 553 29.04 47.34 18.72
C ASP A 553 28.73 47.85 17.32
N ALA A 554 27.54 48.44 17.16
CA ALA A 554 27.09 49.02 15.91
C ALA A 554 27.12 47.99 14.77
N GLU A 567 26.40 44.83 1.61
CA GLU A 567 26.11 43.86 0.57
C GLU A 567 27.30 43.70 -0.37
N GLY A 568 28.29 42.93 0.06
CA GLY A 568 29.50 42.76 -0.72
C GLY A 568 29.70 41.36 -1.25
N LYS A 569 30.77 40.69 -0.80
CA LYS A 569 31.15 39.40 -1.36
C LYS A 569 30.28 38.27 -0.81
N ASN A 570 30.33 38.05 0.50
CA ASN A 570 29.60 36.94 1.10
C ASN A 570 28.65 37.39 2.20
N HIS A 571 28.44 38.70 2.37
CA HIS A 571 27.62 39.21 3.44
C HIS A 571 26.58 40.19 2.91
N MET A 572 25.47 40.28 3.62
CA MET A 572 24.43 41.26 3.35
C MET A 572 23.75 41.62 4.67
N TYR A 573 23.50 42.90 4.86
CA TYR A 573 22.79 43.38 6.04
C TYR A 573 21.29 43.38 5.76
N LEU A 574 20.51 43.44 6.83
CA LEU A 574 19.05 43.50 6.72
C LEU A 574 18.54 44.69 7.53
N PHE A 575 18.13 45.74 6.82
CA PHE A 575 17.52 46.92 7.40
C PHE A 575 16.24 47.26 6.63
N GLU A 576 15.40 46.24 6.43
CA GLU A 576 14.24 46.31 5.57
C GLU A 576 14.64 46.66 4.15
N GLY A 577 15.66 45.96 3.66
CA GLY A 577 16.12 46.09 2.29
C GLY A 577 15.86 44.84 1.49
N LYS A 578 15.65 44.99 0.18
CA LYS A 578 15.19 43.89 -0.66
C LYS A 578 16.31 43.38 -1.56
N ASP A 579 16.10 42.17 -2.07
CA ASP A 579 17.04 41.52 -2.97
C ASP A 579 16.24 40.73 -4.00
N TYR A 580 16.66 40.79 -5.26
CA TYR A 580 15.93 40.14 -6.33
C TYR A 580 16.90 39.66 -7.40
N SER A 581 16.46 38.66 -8.16
CA SER A 581 17.22 38.11 -9.27
C SER A 581 16.25 37.39 -10.19
N LYS A 582 16.72 37.08 -11.41
CA LYS A 582 15.85 36.49 -12.43
C LYS A 582 16.39 35.21 -13.04
N GLU A 583 17.21 34.44 -12.31
CA GLU A 583 17.62 33.09 -12.69
C GLU A 583 18.16 33.04 -14.12
N PRO A 584 19.36 33.55 -14.38
CA PRO A 584 19.81 33.73 -15.77
C PRO A 584 19.97 32.45 -16.58
N SER A 585 20.78 31.50 -16.09
CA SER A 585 21.29 30.40 -16.92
C SER A 585 20.52 29.12 -16.63
N LYS A 586 19.38 28.97 -17.31
CA LYS A 586 18.69 27.67 -17.39
C LYS A 586 19.24 26.80 -18.51
N GLU A 587 20.06 27.38 -19.40
CA GLU A 587 20.72 26.61 -20.44
C GLU A 587 21.59 25.50 -19.86
N ASP A 588 22.18 25.72 -18.68
CA ASP A 588 22.93 24.65 -18.04
C ASP A 588 22.05 23.46 -17.72
N ARG A 589 20.87 23.72 -17.13
CA ARG A 589 19.93 22.64 -16.87
C ARG A 589 19.52 21.92 -18.15
N LYS A 590 19.15 22.68 -19.18
CA LYS A 590 18.69 22.05 -20.41
C LYS A 590 19.79 21.22 -21.06
N SER A 591 21.02 21.76 -21.12
CA SER A 591 22.11 21.04 -21.77
C SER A 591 22.49 19.78 -20.99
N PHE A 592 22.59 19.88 -19.66
CA PHE A 592 22.99 18.70 -18.91
C PHE A 592 21.88 17.67 -18.81
N GLU A 593 20.61 18.08 -18.96
CA GLU A 593 19.55 17.08 -19.03
C GLU A 593 19.44 16.46 -20.41
N GLN A 594 19.82 17.18 -21.47
CA GLN A 594 20.02 16.52 -22.75
C GLN A 594 21.16 15.51 -22.66
N LEU A 595 22.22 15.85 -21.93
CA LEU A 595 23.27 14.88 -21.63
C LEU A 595 22.71 13.70 -20.85
N VAL A 596 21.76 13.96 -19.95
CA VAL A 596 21.14 12.91 -19.16
C VAL A 596 20.42 11.92 -20.06
N ASN A 597 19.60 12.44 -20.98
CA ASN A 597 18.96 11.58 -21.98
C ASN A 597 19.99 10.93 -22.89
N LEU A 598 21.18 11.51 -23.02
CA LEU A 598 22.28 10.88 -23.74
C LEU A 598 22.92 9.75 -22.95
N GLN A 599 22.75 9.73 -21.63
CA GLN A 599 23.31 8.68 -20.79
C GLN A 599 22.25 7.62 -20.49
N GLY A 610 17.15 -12.42 -36.67
CA GLY A 610 15.99 -13.09 -36.10
C GLY A 610 16.36 -14.37 -35.38
N ARG A 611 15.33 -15.11 -34.93
CA ARG A 611 15.51 -16.36 -34.20
C ARG A 611 16.34 -16.13 -32.92
N SER A 612 15.74 -15.36 -32.01
CA SER A 612 16.39 -15.05 -30.74
C SER A 612 16.87 -16.32 -30.05
N LEU A 613 15.94 -17.22 -29.71
CA LEU A 613 16.26 -18.54 -29.17
C LEU A 613 17.17 -18.42 -27.93
N ARG A 614 16.56 -17.88 -26.88
CA ARG A 614 17.27 -17.51 -25.65
C ARG A 614 18.25 -18.58 -25.18
N ASN A 615 18.01 -19.85 -25.49
CA ASN A 615 18.90 -20.91 -25.03
C ASN A 615 20.20 -20.95 -25.85
N LYS A 616 20.21 -20.32 -27.02
CA LYS A 616 21.36 -20.41 -27.91
C LYS A 616 22.22 -19.15 -27.93
N GLY A 617 21.64 -17.99 -27.62
CA GLY A 617 22.39 -16.75 -27.63
C GLY A 617 21.89 -15.72 -26.64
N LYS B 37 6.05 -18.42 45.90
CA LYS B 37 6.40 -18.43 44.48
C LYS B 37 5.28 -17.84 43.64
N PRO B 38 5.63 -17.06 42.62
CA PRO B 38 4.61 -16.45 41.77
C PRO B 38 3.84 -17.50 40.97
N HIS B 39 2.79 -17.02 40.31
CA HIS B 39 1.90 -17.85 39.51
C HIS B 39 2.47 -17.99 38.11
N ARG B 40 2.58 -19.23 37.63
CA ARG B 40 3.02 -19.51 36.27
C ARG B 40 2.06 -20.48 35.59
N TYR B 41 1.92 -20.33 34.28
CA TYR B 41 1.11 -21.22 33.46
C TYR B 41 1.98 -22.27 32.79
N ARG B 42 1.41 -23.45 32.62
CA ARG B 42 2.12 -24.53 31.96
C ARG B 42 2.31 -24.21 30.48
N PRO B 43 3.39 -24.71 29.88
CA PRO B 43 3.63 -24.41 28.46
C PRO B 43 2.56 -24.97 27.54
N GLY B 44 1.86 -24.08 26.84
CA GLY B 44 0.83 -24.50 25.92
C GLY B 44 -0.55 -23.95 26.24
N THR B 45 -0.71 -23.41 27.45
CA THR B 45 -2.00 -22.84 27.84
C THR B 45 -2.19 -21.46 27.23
N VAL B 46 -1.18 -20.60 27.35
CA VAL B 46 -1.26 -19.29 26.74
C VAL B 46 -1.30 -19.40 25.22
N ALA B 47 -0.69 -20.45 24.67
CA ALA B 47 -0.77 -20.67 23.22
C ALA B 47 -2.20 -20.94 22.79
N LEU B 48 -2.92 -21.79 23.52
CA LEU B 48 -4.33 -22.05 23.19
C LEU B 48 -5.18 -20.80 23.38
N ARG B 49 -4.91 -20.05 24.45
CA ARG B 49 -5.64 -18.81 24.68
C ARG B 49 -5.44 -17.83 23.53
N GLU B 50 -4.19 -17.69 23.06
CA GLU B 50 -3.91 -16.84 21.92
C GLU B 50 -4.58 -17.35 20.64
N ILE B 51 -4.61 -18.67 20.45
CA ILE B 51 -5.27 -19.23 19.27
C ILE B 51 -6.73 -18.81 19.26
N ARG B 52 -7.42 -18.98 20.39
CA ARG B 52 -8.83 -18.58 20.46
C ARG B 52 -9.00 -17.09 20.25
N ARG B 53 -8.16 -16.27 20.90
CA ARG B 53 -8.29 -14.82 20.78
C ARG B 53 -8.11 -14.36 19.34
N TYR B 54 -7.12 -14.91 18.64
CA TYR B 54 -6.82 -14.43 17.30
C TYR B 54 -7.70 -15.07 16.24
N GLN B 55 -8.30 -16.23 16.51
CA GLN B 55 -9.30 -16.76 15.61
C GLN B 55 -10.67 -16.13 15.83
N LYS B 56 -10.87 -15.44 16.94
CA LYS B 56 -12.13 -14.72 17.17
C LYS B 56 -12.14 -13.33 16.58
N SER B 57 -10.98 -12.74 16.30
CA SER B 57 -10.88 -11.36 15.85
C SER B 57 -10.71 -11.29 14.34
N THR B 58 -10.70 -10.05 13.81
CA THR B 58 -10.59 -9.83 12.37
C THR B 58 -9.60 -8.74 11.99
N GLU B 59 -8.89 -8.14 12.94
CA GLU B 59 -8.00 -7.04 12.59
C GLU B 59 -6.73 -7.57 11.92
N LEU B 60 -5.96 -6.65 11.35
CA LEU B 60 -4.69 -7.00 10.74
C LEU B 60 -3.64 -7.24 11.82
N LEU B 61 -2.75 -8.20 11.56
CA LEU B 61 -1.80 -8.65 12.56
C LEU B 61 -0.38 -8.18 12.29
N ILE B 62 -0.14 -7.47 11.19
CA ILE B 62 1.17 -6.89 10.89
C ILE B 62 1.06 -5.39 11.06
N ARG B 63 2.14 -4.77 11.53
CA ARG B 63 2.16 -3.33 11.67
C ARG B 63 2.16 -2.64 10.31
N LYS B 64 1.49 -1.49 10.24
CA LYS B 64 1.23 -0.84 8.96
C LYS B 64 2.50 -0.29 8.32
N LEU B 65 3.29 0.45 9.08
CA LEU B 65 4.47 1.14 8.55
C LEU B 65 5.55 0.19 8.04
N PRO B 66 5.95 -0.84 8.79
CA PRO B 66 6.94 -1.78 8.24
C PRO B 66 6.47 -2.45 6.96
N PHE B 67 5.19 -2.83 6.90
CA PHE B 67 4.68 -3.45 5.69
C PHE B 67 4.71 -2.48 4.51
N GLN B 68 4.32 -1.22 4.75
CA GLN B 68 4.35 -0.24 3.68
C GLN B 68 5.77 -0.01 3.18
N ARG B 69 6.74 0.09 4.10
CA ARG B 69 8.13 0.25 3.70
C ARG B 69 8.62 -0.93 2.88
N LEU B 70 8.25 -2.15 3.29
CA LEU B 70 8.64 -3.32 2.52
C LEU B 70 8.02 -3.31 1.14
N VAL B 71 6.75 -2.91 1.03
CA VAL B 71 6.08 -2.84 -0.26
C VAL B 71 6.80 -1.86 -1.18
N ARG B 72 7.14 -0.67 -0.67
CA ARG B 72 7.82 0.32 -1.50
C ARG B 72 9.20 -0.15 -1.90
N GLU B 73 9.93 -0.80 -0.99
CA GLU B 73 11.25 -1.32 -1.32
C GLU B 73 11.17 -2.38 -2.42
N ILE B 74 10.18 -3.26 -2.34
CA ILE B 74 10.00 -4.27 -3.38
C ILE B 74 9.65 -3.63 -4.71
N ALA B 75 8.74 -2.64 -4.67
CA ALA B 75 8.32 -1.98 -5.91
C ALA B 75 9.42 -1.15 -6.55
N GLN B 76 10.42 -0.72 -5.79
CA GLN B 76 11.53 0.03 -6.38
C GLN B 76 12.28 -0.77 -7.43
N ASP B 77 12.18 -2.09 -7.42
CA ASP B 77 12.92 -2.95 -8.33
C ASP B 77 12.22 -3.13 -9.67
N PHE B 78 11.04 -2.55 -9.85
CA PHE B 78 10.30 -2.65 -11.10
C PHE B 78 10.20 -1.32 -11.82
N LYS B 79 9.84 -0.26 -11.11
CA LYS B 79 9.85 1.09 -11.65
C LYS B 79 10.23 2.06 -10.55
N THR B 80 11.24 2.89 -10.81
CA THR B 80 11.62 3.91 -9.85
C THR B 80 10.61 5.05 -9.86
N ASP B 81 10.51 5.72 -8.72
CA ASP B 81 9.61 6.86 -8.54
C ASP B 81 8.16 6.47 -8.80
N LEU B 82 7.66 5.57 -7.97
CA LEU B 82 6.26 5.17 -8.00
C LEU B 82 5.55 5.70 -6.77
N ARG B 83 4.24 5.88 -6.90
CA ARG B 83 3.41 6.33 -5.80
C ARG B 83 2.33 5.30 -5.53
N PHE B 84 1.87 5.25 -4.29
CA PHE B 84 0.87 4.28 -3.88
C PHE B 84 -0.28 4.99 -3.19
N GLN B 85 -1.50 4.62 -3.56
CA GLN B 85 -2.63 5.01 -2.75
C GLN B 85 -2.61 4.22 -1.43
N SER B 86 -3.29 4.76 -0.43
CA SER B 86 -3.34 4.06 0.85
C SER B 86 -4.16 2.78 0.73
N SER B 87 -5.22 2.80 -0.06
CA SER B 87 -6.05 1.60 -0.20
C SER B 87 -5.33 0.51 -0.99
N ALA B 88 -4.37 0.89 -1.84
CA ALA B 88 -3.56 -0.12 -2.52
C ALA B 88 -2.74 -0.93 -1.52
N VAL B 89 -2.07 -0.23 -0.59
CA VAL B 89 -1.29 -0.92 0.42
C VAL B 89 -2.21 -1.69 1.37
N MET B 90 -3.39 -1.17 1.66
CA MET B 90 -4.33 -1.92 2.50
C MET B 90 -4.75 -3.22 1.83
N ALA B 91 -5.06 -3.18 0.54
CA ALA B 91 -5.41 -4.38 -0.19
C ALA B 91 -4.26 -5.38 -0.21
N LEU B 92 -3.04 -4.88 -0.44
CA LEU B 92 -1.87 -5.76 -0.42
C LEU B 92 -1.72 -6.44 0.93
N GLN B 93 -1.92 -5.69 2.02
CA GLN B 93 -1.76 -6.27 3.34
C GLN B 93 -2.84 -7.31 3.63
N GLU B 94 -4.08 -7.03 3.26
CA GLU B 94 -5.14 -8.03 3.45
C GLU B 94 -4.83 -9.32 2.69
N ALA B 95 -4.43 -9.18 1.43
CA ALA B 95 -4.12 -10.36 0.64
C ALA B 95 -2.96 -11.14 1.23
N SER B 96 -1.90 -10.44 1.65
CA SER B 96 -0.73 -11.11 2.21
C SER B 96 -1.07 -11.85 3.49
N GLU B 97 -1.86 -11.22 4.37
CA GLU B 97 -2.20 -11.88 5.62
C GLU B 97 -3.09 -13.10 5.40
N ALA B 98 -4.05 -12.99 4.48
CA ALA B 98 -4.87 -14.16 4.17
C ALA B 98 -4.03 -15.29 3.61
N TYR B 99 -3.09 -14.97 2.72
CA TYR B 99 -2.21 -15.98 2.16
C TYR B 99 -1.39 -16.67 3.25
N LEU B 100 -0.82 -15.89 4.16
CA LEU B 100 0.00 -16.48 5.21
C LEU B 100 -0.81 -17.31 6.19
N VAL B 101 -2.03 -16.88 6.51
CA VAL B 101 -2.86 -17.67 7.41
C VAL B 101 -3.22 -19.01 6.79
N GLY B 102 -3.60 -19.02 5.51
CA GLY B 102 -3.91 -20.28 4.86
C GLY B 102 -2.68 -21.18 4.77
N LEU B 103 -1.52 -20.60 4.47
CA LEU B 103 -0.30 -21.37 4.42
C LEU B 103 0.03 -21.98 5.77
N PHE B 104 -0.21 -21.24 6.85
CA PHE B 104 0.04 -21.79 8.18
C PHE B 104 -0.92 -22.90 8.53
N GLU B 105 -2.16 -22.82 8.07
CA GLU B 105 -3.08 -23.95 8.27
C GLU B 105 -2.59 -25.20 7.57
N ASP B 106 -2.17 -25.07 6.31
CA ASP B 106 -1.65 -26.24 5.60
C ASP B 106 -0.37 -26.76 6.25
N THR B 107 0.49 -25.86 6.73
CA THR B 107 1.69 -26.26 7.44
C THR B 107 1.36 -27.03 8.70
N ASN B 108 0.34 -26.59 9.43
CA ASN B 108 -0.04 -27.29 10.65
C ASN B 108 -0.56 -28.69 10.34
N LEU B 109 -1.32 -28.84 9.27
CA LEU B 109 -1.75 -30.19 8.88
C LEU B 109 -0.55 -31.06 8.51
N CYS B 110 0.42 -30.51 7.76
CA CYS B 110 1.60 -31.30 7.40
C CYS B 110 2.41 -31.69 8.62
N ALA B 111 2.49 -30.81 9.62
CA ALA B 111 3.22 -31.12 10.85
C ALA B 111 2.52 -32.19 11.67
N ILE B 112 1.20 -32.12 11.75
CA ILE B 112 0.43 -33.14 12.46
C ILE B 112 0.58 -34.48 11.77
N HIS B 113 0.68 -34.49 10.44
CA HIS B 113 0.85 -35.73 9.70
C HIS B 113 2.09 -36.51 10.16
N ALA B 114 3.13 -35.81 10.60
CA ALA B 114 4.37 -36.43 11.03
C ALA B 114 4.41 -36.67 12.53
N LYS B 115 3.26 -36.69 13.20
CA LYS B 115 3.16 -36.98 14.63
C LYS B 115 3.90 -35.93 15.46
N ARG B 116 3.91 -34.69 14.99
CA ARG B 116 4.49 -33.58 15.71
C ARG B 116 3.41 -32.56 16.06
N VAL B 117 3.77 -31.63 16.94
CA VAL B 117 2.96 -30.45 17.18
C VAL B 117 3.69 -29.17 16.86
N THR B 118 4.99 -29.22 16.60
CA THR B 118 5.81 -28.08 16.24
C THR B 118 5.91 -28.00 14.73
N ILE B 119 5.59 -26.85 14.16
CA ILE B 119 5.77 -26.66 12.73
C ILE B 119 7.21 -26.30 12.45
N MET B 120 7.72 -26.78 11.33
CA MET B 120 9.12 -26.65 10.96
C MET B 120 9.21 -26.24 9.50
N PRO B 121 10.35 -25.71 9.06
CA PRO B 121 10.46 -25.26 7.67
C PRO B 121 10.14 -26.33 6.65
N LYS B 122 10.43 -27.60 6.94
CA LYS B 122 10.09 -28.66 6.01
C LYS B 122 8.59 -28.80 5.82
N ASP B 123 7.79 -28.49 6.84
CA ASP B 123 6.34 -28.51 6.67
C ASP B 123 5.87 -27.42 5.72
N ILE B 124 6.45 -26.23 5.83
CA ILE B 124 6.12 -25.15 4.89
C ILE B 124 6.52 -25.55 3.48
N GLN B 125 7.71 -26.13 3.33
CA GLN B 125 8.16 -26.54 2.01
C GLN B 125 7.25 -27.62 1.42
N LEU B 126 6.83 -28.58 2.24
CA LEU B 126 5.92 -29.62 1.75
C LEU B 126 4.58 -29.04 1.35
N ALA B 127 4.04 -28.11 2.15
CA ALA B 127 2.76 -27.51 1.81
C ALA B 127 2.84 -26.74 0.50
N ARG B 128 3.91 -25.97 0.31
CA ARG B 128 4.05 -25.21 -0.92
C ARG B 128 4.32 -26.12 -2.12
N ARG B 129 5.00 -27.24 -1.90
CA ARG B 129 5.19 -28.22 -2.96
C ARG B 129 3.88 -28.85 -3.39
N ILE B 130 3.07 -29.30 -2.43
CA ILE B 130 1.81 -29.93 -2.79
C ILE B 130 0.85 -28.92 -3.43
N ARG B 131 0.88 -27.67 -2.96
CA ARG B 131 0.05 -26.66 -3.58
C ARG B 131 0.43 -26.40 -5.02
N GLY B 132 1.70 -26.56 -5.36
CA GLY B 132 2.17 -26.32 -6.71
C GLY B 132 2.80 -24.94 -6.87
N GLU B 133 3.57 -24.53 -5.87
CA GLU B 133 4.16 -23.20 -5.83
C GLU B 133 5.68 -23.20 -5.92
N ARG B 134 6.34 -24.33 -5.72
CA ARG B 134 7.79 -24.40 -5.80
C ARG B 134 8.25 -24.40 -7.25
N GLY C 14 29.50 10.27 19.62
CA GLY C 14 29.93 8.93 19.25
C GLY C 14 29.07 8.31 18.17
N ALA C 15 29.27 8.74 16.93
CA ALA C 15 28.52 8.25 15.78
C ALA C 15 27.02 8.38 15.99
N LYS C 16 26.61 9.45 16.69
CA LYS C 16 25.19 9.72 16.93
C LYS C 16 24.49 10.23 15.68
N ARG C 17 25.22 10.47 14.60
CA ARG C 17 24.62 10.91 13.35
C ARG C 17 24.12 9.77 12.48
N HIS C 18 24.53 8.53 12.76
CA HIS C 18 24.04 7.36 12.04
C HIS C 18 24.18 6.13 12.93
N ARG C 19 23.10 5.75 13.61
CA ARG C 19 23.11 4.50 14.38
C ARG C 19 21.76 3.80 14.37
N LYS C 20 20.96 3.99 13.33
CA LYS C 20 19.60 3.43 13.35
C LYS C 20 19.14 2.80 12.04
N VAL C 21 19.80 3.05 10.91
CA VAL C 21 19.21 2.81 9.59
C VAL C 21 19.51 1.42 9.05
N LEU C 22 19.98 0.52 9.91
CA LEU C 22 20.51 -0.78 9.48
C LEU C 22 19.55 -1.93 9.76
N ARG C 23 18.25 -1.75 9.51
CA ARG C 23 17.28 -2.76 9.92
C ARG C 23 16.75 -3.64 8.80
N ASP C 24 17.04 -3.35 7.51
CA ASP C 24 16.72 -4.31 6.46
C ASP C 24 15.22 -4.61 6.38
N ASN C 25 14.44 -3.69 5.82
CA ASN C 25 12.99 -3.60 5.94
C ASN C 25 12.23 -4.92 6.00
N ILE C 26 12.76 -5.99 5.40
CA ILE C 26 12.11 -7.29 5.54
C ILE C 26 12.06 -7.73 7.00
N GLN C 27 13.00 -7.24 7.82
CA GLN C 27 12.97 -7.56 9.24
C GLN C 27 11.89 -6.80 9.99
N GLY C 28 11.21 -5.85 9.34
CA GLY C 28 10.09 -5.19 9.97
C GLY C 28 8.89 -6.09 10.19
N ILE C 29 8.86 -7.24 9.50
CA ILE C 29 7.88 -8.27 9.79
C ILE C 29 8.42 -9.06 10.97
N THR C 30 8.07 -8.64 12.16
CA THR C 30 8.74 -9.11 13.36
C THR C 30 8.28 -10.52 13.74
N LYS C 31 9.04 -11.14 14.63
CA LYS C 31 8.68 -12.46 15.14
C LYS C 31 7.32 -12.48 15.82
N PRO C 32 6.95 -11.51 16.67
CA PRO C 32 5.58 -11.53 17.22
C PRO C 32 4.48 -11.48 16.18
N ALA C 33 4.68 -10.75 15.08
CA ALA C 33 3.66 -10.71 14.04
C ALA C 33 3.50 -12.07 13.38
N ILE C 34 4.61 -12.76 13.11
CA ILE C 34 4.54 -14.08 12.52
C ILE C 34 3.88 -15.05 13.50
N ARG C 35 4.15 -14.91 14.79
CA ARG C 35 3.48 -15.75 15.77
C ARG C 35 1.98 -15.48 15.82
N ARG C 36 1.56 -14.22 15.68
CA ARG C 36 0.15 -13.91 15.64
C ARG C 36 -0.52 -14.53 14.41
N LEU C 37 0.15 -14.46 13.27
CA LEU C 37 -0.38 -15.09 12.07
C LEU C 37 -0.51 -16.61 12.25
N ALA C 38 0.51 -17.23 12.86
CA ALA C 38 0.44 -18.67 13.12
C ALA C 38 -0.68 -19.00 14.10
N ARG C 39 -0.89 -18.16 15.11
CA ARG C 39 -1.96 -18.39 16.07
C ARG C 39 -3.32 -18.32 15.38
N ARG C 40 -3.52 -17.34 14.51
CA ARG C 40 -4.76 -17.32 13.74
C ARG C 40 -4.86 -18.52 12.81
N GLY C 41 -3.73 -19.06 12.38
CA GLY C 41 -3.75 -20.28 11.59
C GLY C 41 -3.94 -21.55 12.39
N GLY C 42 -4.01 -21.46 13.72
CA GLY C 42 -4.22 -22.62 14.57
C GLY C 42 -2.99 -23.34 15.04
N VAL C 43 -1.81 -22.73 14.90
CA VAL C 43 -0.55 -23.39 15.21
C VAL C 43 -0.25 -23.20 16.70
N LYS C 44 0.06 -24.29 17.38
CA LYS C 44 0.28 -24.25 18.82
C LYS C 44 1.74 -24.04 19.20
N ARG C 45 2.67 -24.66 18.46
CA ARG C 45 4.07 -24.58 18.80
C ARG C 45 4.87 -24.33 17.53
N ILE C 46 5.86 -23.43 17.60
CA ILE C 46 6.55 -22.91 16.43
C ILE C 46 8.04 -23.09 16.61
N SER C 47 8.68 -23.67 15.59
CA SER C 47 10.12 -23.81 15.60
C SER C 47 10.79 -22.45 15.40
N GLY C 48 12.08 -22.39 15.71
CA GLY C 48 12.82 -21.15 15.62
C GLY C 48 13.29 -20.76 14.25
N LEU C 49 13.22 -21.67 13.28
CA LEU C 49 13.62 -21.39 11.90
C LEU C 49 12.44 -21.04 11.03
N ILE C 50 11.24 -20.92 11.60
CA ILE C 50 10.05 -20.64 10.82
C ILE C 50 10.04 -19.19 10.34
N TYR C 51 10.70 -18.30 11.07
CA TYR C 51 10.54 -16.88 10.79
C TYR C 51 11.21 -16.46 9.49
N GLU C 52 12.45 -16.93 9.25
CA GLU C 52 13.12 -16.61 8.00
C GLU C 52 12.40 -17.25 6.81
N GLU C 53 11.93 -18.48 6.98
CA GLU C 53 11.18 -19.15 5.93
C GLU C 53 9.93 -18.37 5.57
N THR C 54 9.21 -17.89 6.59
CA THR C 54 8.00 -17.11 6.36
C THR C 54 8.32 -15.77 5.69
N ARG C 55 9.41 -15.14 6.09
CA ARG C 55 9.79 -13.89 5.45
C ARG C 55 10.12 -14.09 3.97
N GLY C 56 10.83 -15.17 3.64
CA GLY C 56 11.09 -15.46 2.24
C GLY C 56 9.81 -15.73 1.45
N VAL C 57 8.89 -16.48 2.03
CA VAL C 57 7.63 -16.78 1.35
C VAL C 57 6.84 -15.50 1.09
N LEU C 58 6.75 -14.64 2.11
CA LEU C 58 6.04 -13.38 1.94
C LEU C 58 6.70 -12.50 0.89
N LYS C 59 8.04 -12.47 0.87
CA LYS C 59 8.73 -11.67 -0.13
C LYS C 59 8.43 -12.15 -1.53
N VAL C 60 8.42 -13.47 -1.75
CA VAL C 60 8.11 -13.99 -3.08
C VAL C 60 6.69 -13.62 -3.50
N PHE C 61 5.73 -13.84 -2.59
CA PHE C 61 4.34 -13.51 -2.91
C PHE C 61 4.18 -12.04 -3.27
N LEU C 62 4.76 -11.16 -2.45
CA LEU C 62 4.67 -9.73 -2.71
C LEU C 62 5.34 -9.35 -4.02
N GLU C 63 6.48 -9.96 -4.34
CA GLU C 63 7.12 -9.64 -5.62
C GLU C 63 6.23 -9.98 -6.79
N ASN C 64 5.59 -11.14 -6.76
CA ASN C 64 4.71 -11.50 -7.87
C ASN C 64 3.55 -10.52 -8.00
N VAL C 65 2.86 -10.25 -6.89
CA VAL C 65 1.68 -9.39 -6.97
C VAL C 65 2.07 -7.97 -7.38
N ILE C 66 3.17 -7.46 -6.84
CA ILE C 66 3.56 -6.09 -7.13
C ILE C 66 4.07 -5.96 -8.56
N ARG C 67 4.73 -6.99 -9.10
CA ARG C 67 5.11 -6.95 -10.50
C ARG C 67 3.88 -6.84 -11.39
N ASP C 68 2.86 -7.65 -11.13
CA ASP C 68 1.64 -7.56 -11.94
C ASP C 68 0.97 -6.20 -11.79
N ALA C 69 0.90 -5.67 -10.56
CA ALA C 69 0.25 -4.39 -10.33
C ALA C 69 0.99 -3.25 -11.02
N VAL C 70 2.31 -3.27 -10.98
CA VAL C 70 3.10 -2.24 -11.65
C VAL C 70 2.95 -2.34 -13.16
N THR C 71 2.84 -3.56 -13.70
CA THR C 71 2.57 -3.69 -15.13
C THR C 71 1.24 -3.05 -15.50
N TYR C 72 0.20 -3.34 -14.71
CA TYR C 72 -1.10 -2.73 -14.97
C TYR C 72 -1.04 -1.21 -14.86
N THR C 73 -0.30 -0.69 -13.89
CA THR C 73 -0.17 0.76 -13.73
C THR C 73 0.56 1.39 -14.91
N GLU C 74 1.66 0.79 -15.35
CA GLU C 74 2.42 1.34 -16.46
C GLU C 74 1.65 1.27 -17.77
N HIS C 75 0.75 0.30 -17.93
CA HIS C 75 -0.05 0.29 -19.15
C HIS C 75 -0.93 1.53 -19.25
N ALA C 76 -1.53 1.95 -18.15
CA ALA C 76 -2.40 3.12 -18.15
C ALA C 76 -1.64 4.43 -18.22
N LYS C 77 -0.31 4.39 -18.27
CA LYS C 77 0.53 5.58 -18.31
C LYS C 77 0.36 6.45 -17.07
N ARG C 78 0.07 5.81 -15.95
CA ARG C 78 0.00 6.49 -14.66
C ARG C 78 1.30 6.29 -13.90
N LYS C 79 1.43 7.02 -12.79
CA LYS C 79 2.59 6.90 -11.93
C LYS C 79 2.20 6.55 -10.49
N THR C 80 0.90 6.35 -10.26
CA THR C 80 0.39 6.00 -8.94
C THR C 80 -0.28 4.64 -9.03
N VAL C 81 0.13 3.71 -8.17
CA VAL C 81 -0.48 2.40 -8.12
C VAL C 81 -1.78 2.50 -7.33
N THR C 82 -2.89 2.18 -7.96
CA THR C 82 -4.19 2.29 -7.33
C THR C 82 -4.60 0.96 -6.70
N ALA C 83 -5.72 0.97 -5.98
CA ALA C 83 -6.24 -0.27 -5.42
C ALA C 83 -6.80 -1.18 -6.48
N MET C 84 -7.33 -0.62 -7.58
CA MET C 84 -7.85 -1.45 -8.65
C MET C 84 -6.73 -2.21 -9.35
N ASP C 85 -5.53 -1.61 -9.46
CA ASP C 85 -4.40 -2.35 -10.00
C ASP C 85 -4.07 -3.56 -9.15
N VAL C 86 -4.08 -3.41 -7.83
CA VAL C 86 -3.82 -4.53 -6.96
C VAL C 86 -4.90 -5.59 -7.07
N VAL C 87 -6.17 -5.17 -7.16
CA VAL C 87 -7.25 -6.13 -7.28
C VAL C 87 -7.14 -6.90 -8.59
N TYR C 88 -6.80 -6.21 -9.69
CA TYR C 88 -6.60 -6.89 -10.96
C TYR C 88 -5.41 -7.83 -10.91
N ALA C 89 -4.32 -7.43 -10.25
CA ALA C 89 -3.15 -8.29 -10.14
C ALA C 89 -3.46 -9.53 -9.32
N LEU C 90 -4.32 -9.41 -8.31
CA LEU C 90 -4.69 -10.57 -7.50
C LEU C 90 -5.65 -11.49 -8.24
N LYS C 91 -6.64 -10.94 -8.94
CA LYS C 91 -7.51 -11.76 -9.77
C LYS C 91 -6.73 -12.44 -10.88
N ARG C 92 -5.67 -11.79 -11.36
CA ARG C 92 -4.76 -12.38 -12.34
C ARG C 92 -4.17 -13.70 -11.86
N GLN C 93 -3.99 -13.85 -10.55
CA GLN C 93 -3.32 -15.02 -9.99
C GLN C 93 -4.29 -15.98 -9.30
N GLY C 94 -5.58 -15.87 -9.62
CA GLY C 94 -6.55 -16.75 -9.01
C GLY C 94 -6.82 -16.49 -7.55
N ARG C 95 -6.64 -15.25 -7.10
CA ARG C 95 -6.90 -14.86 -5.71
C ARG C 95 -7.79 -13.62 -5.74
N THR C 96 -9.09 -13.84 -5.85
CA THR C 96 -10.04 -12.74 -5.91
C THR C 96 -10.21 -12.12 -4.53
N LEU C 97 -10.16 -10.79 -4.47
CA LEU C 97 -10.29 -10.04 -3.23
C LEU C 97 -11.55 -9.18 -3.29
N TYR C 98 -12.42 -9.36 -2.31
CA TYR C 98 -13.65 -8.59 -2.21
C TYR C 98 -13.49 -7.45 -1.23
N GLY C 99 -14.09 -6.31 -1.54
CA GLY C 99 -14.18 -5.21 -0.61
C GLY C 99 -13.32 -4.01 -0.92
N PHE C 100 -12.65 -3.97 -2.06
CA PHE C 100 -11.83 -2.83 -2.45
C PHE C 100 -12.24 -2.31 -3.82
N GLY C 101 -13.50 -2.53 -4.20
CA GLY C 101 -14.01 -2.06 -5.47
C GLY C 101 -13.62 -2.96 -6.62
N ALA D 12 -2.24 -3.69 -58.52
CA ALA D 12 -0.82 -3.91 -58.26
C ALA D 12 -0.56 -5.36 -57.86
N LYS D 13 0.71 -5.68 -57.63
CA LYS D 13 1.10 -7.04 -57.27
C LYS D 13 0.83 -7.26 -55.79
N ALA D 14 0.09 -8.32 -55.47
CA ALA D 14 -0.27 -8.60 -54.08
C ALA D 14 0.97 -9.08 -53.31
N LYS D 15 0.93 -8.88 -52.00
CA LYS D 15 2.04 -9.26 -51.13
C LYS D 15 1.49 -9.42 -49.73
N THR D 16 1.57 -10.61 -49.17
CA THR D 16 0.97 -10.88 -47.88
C THR D 16 1.66 -10.06 -46.79
N ARG D 17 0.90 -9.76 -45.74
CA ARG D 17 1.42 -9.00 -44.62
C ARG D 17 2.51 -9.75 -43.86
N SER D 18 2.48 -11.07 -43.88
CA SER D 18 3.53 -11.85 -43.24
C SER D 18 4.88 -11.61 -43.90
N SER D 19 4.90 -11.48 -45.22
CA SER D 19 6.16 -11.19 -45.91
C SER D 19 6.66 -9.79 -45.59
N ARG D 20 5.77 -8.81 -45.47
CA ARG D 20 6.19 -7.47 -45.07
C ARG D 20 6.77 -7.49 -43.66
N ALA D 21 6.13 -8.21 -42.75
CA ALA D 21 6.63 -8.31 -41.38
C ALA D 21 7.83 -9.24 -41.26
N GLY D 22 8.14 -10.01 -42.29
CA GLY D 22 9.20 -10.99 -42.20
C GLY D 22 8.89 -12.16 -41.30
N LEU D 23 7.65 -12.65 -41.34
CA LEU D 23 7.20 -13.75 -40.50
C LEU D 23 6.79 -14.93 -41.38
N GLN D 24 6.57 -16.08 -40.73
CA GLN D 24 5.97 -17.23 -41.36
C GLN D 24 4.58 -17.56 -40.86
N PHE D 25 4.22 -17.14 -39.66
CA PHE D 25 2.84 -17.29 -39.23
C PHE D 25 1.96 -16.28 -39.96
N PRO D 26 0.69 -16.63 -40.20
CA PRO D 26 -0.17 -15.76 -41.01
C PRO D 26 -0.63 -14.54 -40.23
N VAL D 27 -0.50 -13.37 -40.85
CA VAL D 27 -1.00 -12.16 -40.22
C VAL D 27 -2.45 -11.89 -40.57
N GLY D 28 -2.89 -12.26 -41.79
CA GLY D 28 -4.28 -12.08 -42.15
C GLY D 28 -5.21 -13.00 -41.36
N ARG D 29 -4.79 -14.24 -41.14
CA ARG D 29 -5.62 -15.16 -40.38
C ARG D 29 -5.71 -14.74 -38.92
N VAL D 30 -4.60 -14.28 -38.34
CA VAL D 30 -4.64 -13.78 -36.97
C VAL D 30 -5.54 -12.55 -36.87
N HIS D 31 -5.50 -11.68 -37.87
CA HIS D 31 -6.38 -10.53 -37.90
C HIS D 31 -7.84 -10.96 -37.94
N ARG D 32 -8.16 -11.93 -38.78
CA ARG D 32 -9.54 -12.40 -38.87
C ARG D 32 -10.00 -13.03 -37.56
N LEU D 33 -9.14 -13.83 -36.92
CA LEU D 33 -9.50 -14.44 -35.65
C LEU D 33 -9.71 -13.40 -34.57
N LEU D 34 -8.85 -12.37 -34.53
CA LEU D 34 -9.05 -11.29 -33.57
C LEU D 34 -10.35 -10.55 -33.82
N ARG D 35 -10.70 -10.29 -35.07
CA ARG D 35 -11.95 -9.61 -35.37
C ARG D 35 -13.17 -10.46 -35.04
N LYS D 36 -13.11 -11.77 -35.27
CA LYS D 36 -14.26 -12.63 -35.09
C LYS D 36 -14.33 -13.26 -33.70
N GLY D 37 -13.37 -12.97 -32.82
CA GLY D 37 -13.42 -13.53 -31.49
C GLY D 37 -14.14 -12.72 -30.44
N ASN D 38 -14.70 -11.56 -30.80
CA ASN D 38 -15.40 -10.68 -29.86
C ASN D 38 -14.47 -10.28 -28.71
N TYR D 39 -13.29 -9.78 -29.08
CA TYR D 39 -12.32 -9.32 -28.10
C TYR D 39 -12.40 -7.83 -27.84
N ALA D 40 -12.67 -7.04 -28.87
CA ALA D 40 -12.90 -5.61 -28.73
C ALA D 40 -13.70 -5.15 -29.93
N GLU D 41 -14.16 -3.91 -29.88
CA GLU D 41 -14.91 -3.36 -31.01
C GLU D 41 -14.03 -3.21 -32.24
N ARG D 42 -12.80 -2.75 -32.05
CA ARG D 42 -11.87 -2.51 -33.14
C ARG D 42 -10.53 -3.18 -32.86
N VAL D 43 -9.79 -3.43 -33.93
CA VAL D 43 -8.48 -4.07 -33.86
C VAL D 43 -7.49 -3.24 -34.66
N GLY D 44 -6.40 -2.86 -34.01
CA GLY D 44 -5.39 -2.06 -34.68
C GLY D 44 -4.68 -2.83 -35.78
N ALA D 45 -3.87 -2.10 -36.54
CA ALA D 45 -3.15 -2.70 -37.65
C ALA D 45 -1.92 -3.46 -37.18
N GLY D 46 -1.30 -3.05 -36.09
CA GLY D 46 -0.11 -3.70 -35.59
C GLY D 46 -0.33 -4.81 -34.59
N ALA D 47 -1.56 -5.00 -34.13
CA ALA D 47 -1.86 -6.08 -33.19
C ALA D 47 -1.64 -7.46 -33.81
N PRO D 48 -2.15 -7.74 -35.01
CA PRO D 48 -1.89 -9.07 -35.60
C PRO D 48 -0.43 -9.34 -35.84
N VAL D 49 0.36 -8.33 -36.22
CA VAL D 49 1.77 -8.55 -36.49
C VAL D 49 2.50 -8.92 -35.20
N TYR D 50 2.24 -8.17 -34.13
CA TYR D 50 2.85 -8.48 -32.84
C TYR D 50 2.45 -9.87 -32.36
N LEU D 51 1.17 -10.19 -32.45
CA LEU D 51 0.70 -11.49 -31.97
C LEU D 51 1.29 -12.63 -32.79
N ALA D 52 1.35 -12.48 -34.10
CA ALA D 52 1.92 -13.52 -34.95
C ALA D 52 3.40 -13.70 -34.66
N ALA D 53 4.13 -12.60 -34.43
CA ALA D 53 5.54 -12.72 -34.09
C ALA D 53 5.73 -13.46 -32.78
N VAL D 54 4.90 -13.15 -31.78
CA VAL D 54 5.02 -13.84 -30.49
C VAL D 54 4.72 -15.33 -30.63
N LEU D 55 3.67 -15.67 -31.38
CA LEU D 55 3.32 -17.08 -31.57
C LEU D 55 4.43 -17.82 -32.30
N GLU D 56 5.01 -17.19 -33.32
CA GLU D 56 6.09 -17.82 -34.05
C GLU D 56 7.31 -18.03 -33.17
N TYR D 57 7.64 -17.05 -32.33
CA TYR D 57 8.78 -17.21 -31.44
C TYR D 57 8.57 -18.35 -30.45
N LEU D 58 7.36 -18.45 -29.88
CA LEU D 58 7.10 -19.53 -28.93
C LEU D 58 7.15 -20.89 -29.60
N THR D 59 6.59 -20.98 -30.82
CA THR D 59 6.67 -22.24 -31.56
C THR D 59 8.11 -22.60 -31.84
N ALA D 60 8.94 -21.63 -32.22
CA ALA D 60 10.35 -21.91 -32.49
C ALA D 60 11.07 -22.39 -31.24
N GLU D 61 10.77 -21.81 -30.07
CA GLU D 61 11.39 -22.28 -28.84
C GLU D 61 11.02 -23.72 -28.54
N ILE D 62 9.72 -24.04 -28.59
CA ILE D 62 9.29 -25.41 -28.34
C ILE D 62 9.96 -26.37 -29.31
N LEU D 63 10.03 -26.00 -30.59
CA LEU D 63 10.57 -26.91 -31.59
C LEU D 63 12.07 -27.08 -31.46
N GLU D 64 12.80 -26.02 -31.09
CA GLU D 64 14.22 -26.16 -30.76
C GLU D 64 14.42 -27.20 -29.68
N LEU D 65 13.71 -27.04 -28.56
CA LEU D 65 13.95 -27.97 -27.46
C LEU D 65 13.50 -29.39 -27.81
N ALA D 66 12.38 -29.52 -28.51
CA ALA D 66 11.90 -30.86 -28.88
C ALA D 66 12.80 -31.54 -29.89
N GLY D 67 13.37 -30.79 -30.83
CA GLY D 67 14.33 -31.38 -31.75
C GLY D 67 15.59 -31.81 -31.06
N ASN D 68 16.06 -31.03 -30.09
CA ASN D 68 17.20 -31.47 -29.29
C ASN D 68 16.89 -32.77 -28.55
N ALA D 69 15.71 -32.84 -27.94
CA ALA D 69 15.32 -34.06 -27.22
C ALA D 69 15.20 -35.26 -28.14
N ALA D 70 14.70 -35.05 -29.37
CA ALA D 70 14.60 -36.14 -30.32
C ALA D 70 15.96 -36.59 -30.78
N ARG D 71 16.90 -35.66 -30.95
CA ARG D 71 18.25 -36.04 -31.37
C ARG D 71 19.00 -36.75 -30.27
N ASP D 72 18.69 -36.46 -29.00
CA ASP D 72 19.31 -37.19 -27.91
C ASP D 72 18.94 -38.67 -27.91
N ASN D 73 17.79 -39.03 -28.47
CA ASN D 73 17.33 -40.41 -28.50
C ASN D 73 17.59 -41.10 -29.84
N LYS D 74 18.40 -40.49 -30.70
CA LYS D 74 18.68 -41.02 -32.04
C LYS D 74 17.41 -41.24 -32.84
N LYS D 75 16.52 -40.24 -32.82
CA LYS D 75 15.33 -40.22 -33.65
C LYS D 75 15.35 -38.99 -34.54
N THR D 76 14.74 -39.13 -35.72
CA THR D 76 14.67 -38.02 -36.67
C THR D 76 13.27 -37.43 -36.78
N ARG D 77 12.32 -37.87 -35.95
CA ARG D 77 10.98 -37.33 -35.95
C ARG D 77 10.58 -37.02 -34.51
N ILE D 78 9.80 -35.95 -34.36
CA ILE D 78 9.34 -35.48 -33.07
C ILE D 78 8.03 -36.18 -32.75
N ILE D 79 7.95 -36.75 -31.56
CA ILE D 79 6.75 -37.43 -31.08
C ILE D 79 6.30 -36.73 -29.81
N PRO D 80 5.10 -36.97 -29.29
CA PRO D 80 4.67 -36.27 -28.07
C PRO D 80 5.59 -36.45 -26.89
N ARG D 81 6.30 -37.58 -26.79
CA ARG D 81 7.24 -37.77 -25.70
C ARG D 81 8.35 -36.72 -25.73
N HIS D 82 8.83 -36.38 -26.93
CA HIS D 82 9.88 -35.38 -27.04
C HIS D 82 9.38 -34.00 -26.66
N LEU D 83 8.14 -33.66 -27.05
CA LEU D 83 7.55 -32.40 -26.63
C LEU D 83 7.42 -32.34 -25.12
N GLN D 84 6.99 -33.44 -24.50
CA GLN D 84 6.87 -33.47 -23.04
C GLN D 84 8.22 -33.29 -22.37
N LEU D 85 9.24 -33.99 -22.85
CA LEU D 85 10.58 -33.84 -22.27
C LEU D 85 11.07 -32.41 -22.41
N ALA D 86 10.89 -31.82 -23.59
CA ALA D 86 11.32 -30.44 -23.82
C ALA D 86 10.62 -29.47 -22.89
N VAL D 87 9.30 -29.60 -22.75
CA VAL D 87 8.54 -28.66 -21.93
C VAL D 87 8.89 -28.83 -20.45
N ARG D 88 8.91 -30.06 -19.97
CA ARG D 88 9.10 -30.28 -18.54
C ARG D 88 10.54 -30.15 -18.09
N ASN D 89 11.51 -30.17 -19.01
CA ASN D 89 12.88 -29.92 -18.63
C ASN D 89 13.21 -28.44 -18.56
N ASP D 90 12.62 -27.63 -19.43
CA ASP D 90 12.81 -26.19 -19.38
C ASP D 90 11.92 -25.58 -18.31
N GLU D 91 12.50 -24.69 -17.50
CA GLU D 91 11.79 -24.17 -16.34
C GLU D 91 10.69 -23.19 -16.73
N GLU D 92 10.97 -22.27 -17.66
CA GLU D 92 9.99 -21.26 -18.00
C GLU D 92 8.85 -21.82 -18.85
N LEU D 93 9.15 -22.76 -19.75
CA LEU D 93 8.08 -23.43 -20.47
C LEU D 93 7.26 -24.32 -19.53
N ASN D 94 7.89 -24.81 -18.47
CA ASN D 94 7.14 -25.57 -17.47
C ASN D 94 6.23 -24.66 -16.66
N LYS D 95 6.65 -23.42 -16.39
CA LYS D 95 5.75 -22.47 -15.76
C LYS D 95 4.60 -22.09 -16.69
N LEU D 96 4.90 -21.89 -17.97
CA LEU D 96 3.87 -21.52 -18.93
C LEU D 96 2.83 -22.62 -19.10
N LEU D 97 3.28 -23.87 -19.08
CA LEU D 97 2.41 -25.02 -19.27
C LEU D 97 2.33 -25.88 -18.02
N GLY D 98 2.17 -25.23 -16.86
CA GLY D 98 2.14 -25.97 -15.61
C GLY D 98 0.86 -26.76 -15.40
N ARG D 99 -0.25 -26.29 -15.98
CA ARG D 99 -1.55 -26.94 -15.82
C ARG D 99 -2.03 -27.52 -17.15
N VAL D 100 -1.12 -28.05 -17.95
CA VAL D 100 -1.42 -28.59 -19.27
C VAL D 100 -1.01 -30.05 -19.30
N THR D 101 -1.87 -30.90 -19.84
CA THR D 101 -1.58 -32.31 -20.02
C THR D 101 -1.29 -32.57 -21.48
N ILE D 102 -0.17 -33.22 -21.76
CA ILE D 102 0.21 -33.58 -23.12
C ILE D 102 -0.09 -35.07 -23.31
N ALA D 103 -0.95 -35.39 -24.27
CA ALA D 103 -1.35 -36.77 -24.48
C ALA D 103 -0.18 -37.60 -25.00
N GLN D 104 -0.08 -38.83 -24.48
CA GLN D 104 0.99 -39.77 -24.88
C GLN D 104 2.37 -39.17 -24.61
N GLY D 105 2.49 -38.43 -23.51
CA GLY D 105 3.74 -37.76 -23.20
C GLY D 105 4.54 -38.42 -22.11
N GLY D 106 3.89 -39.14 -21.22
CA GLY D 106 4.58 -39.76 -20.11
C GLY D 106 4.99 -38.75 -19.06
N VAL D 107 5.96 -39.16 -18.24
CA VAL D 107 6.47 -38.34 -17.15
C VAL D 107 7.99 -38.26 -17.25
N LEU D 108 8.57 -37.37 -16.46
CA LEU D 108 10.01 -37.27 -16.35
C LEU D 108 10.56 -38.36 -15.44
N PRO D 109 11.60 -39.07 -15.86
CA PRO D 109 12.21 -40.06 -14.97
C PRO D 109 12.81 -39.45 -13.72
N ASN D 110 12.29 -39.81 -12.55
CA ASN D 110 12.73 -39.22 -11.30
C ASN D 110 12.34 -40.15 -10.15
N ILE D 111 13.33 -40.68 -9.45
CA ILE D 111 13.12 -41.51 -8.26
C ILE D 111 13.69 -40.78 -7.06
N GLN D 112 12.98 -40.84 -5.95
CA GLN D 112 13.41 -40.15 -4.74
C GLN D 112 14.68 -40.80 -4.17
N SER D 113 15.47 -39.98 -3.49
CA SER D 113 16.78 -40.43 -3.02
C SER D 113 16.67 -41.47 -1.92
N VAL D 114 15.57 -41.46 -1.15
CA VAL D 114 15.46 -42.41 -0.05
C VAL D 114 15.03 -43.79 -0.55
N LEU D 115 14.33 -43.85 -1.69
CA LEU D 115 13.89 -45.13 -2.21
C LEU D 115 15.02 -45.96 -2.82
N LEU D 116 16.11 -45.32 -3.22
CA LEU D 116 17.25 -46.05 -3.76
C LEU D 116 17.96 -46.80 -2.64
N PRO D 117 18.45 -48.00 -2.89
CA PRO D 117 19.15 -48.76 -1.84
C PRO D 117 20.47 -48.12 -1.46
N LYS D 118 20.83 -48.25 -0.19
CA LYS D 118 22.06 -47.67 0.33
C LYS D 118 22.47 -48.33 1.64
N THR E 29 -16.13 -30.31 -45.88
CA THR E 29 -15.81 -28.92 -45.53
C THR E 29 -14.33 -28.78 -45.19
N ARG E 30 -13.84 -27.54 -45.20
CA ARG E 30 -12.44 -27.26 -44.93
C ARG E 30 -12.25 -26.84 -43.47
N LYS E 31 -11.27 -27.45 -42.83
CA LYS E 31 -10.89 -27.12 -41.45
C LYS E 31 -9.45 -26.62 -41.47
N GLU E 32 -9.24 -25.43 -40.91
CA GLU E 32 -7.92 -24.80 -40.93
C GLU E 32 -7.14 -25.15 -39.67
N SER E 33 -5.82 -25.14 -39.81
CA SER E 33 -4.91 -25.37 -38.70
C SER E 33 -3.63 -24.59 -38.95
N TYR E 34 -2.65 -24.78 -38.07
CA TYR E 34 -1.36 -24.11 -38.18
C TYR E 34 -0.26 -25.07 -38.61
N ALA E 35 -0.63 -26.18 -39.26
CA ALA E 35 0.33 -27.23 -39.53
C ALA E 35 1.45 -26.76 -40.47
N ILE E 36 1.09 -26.06 -41.54
CA ILE E 36 2.10 -25.67 -42.51
C ILE E 36 3.07 -24.64 -41.92
N TYR E 37 2.56 -23.73 -41.09
CA TYR E 37 3.42 -22.73 -40.49
C TYR E 37 4.33 -23.35 -39.44
N VAL E 38 3.81 -24.28 -38.66
CA VAL E 38 4.65 -25.01 -37.71
C VAL E 38 5.74 -25.77 -38.44
N TYR E 39 5.40 -26.36 -39.59
CA TYR E 39 6.40 -27.08 -40.36
C TYR E 39 7.47 -26.14 -40.92
N LYS E 40 7.08 -24.95 -41.38
CA LYS E 40 8.07 -23.98 -41.85
C LYS E 40 9.01 -23.57 -40.73
N VAL E 41 8.46 -23.30 -39.54
CA VAL E 41 9.31 -22.94 -38.41
C VAL E 41 10.25 -24.09 -38.06
N LEU E 42 9.74 -25.32 -38.11
CA LEU E 42 10.58 -26.48 -37.82
C LEU E 42 11.72 -26.62 -38.83
N LYS E 43 11.43 -26.42 -40.11
CA LYS E 43 12.50 -26.45 -41.10
C LYS E 43 13.51 -25.33 -40.92
N GLN E 44 13.09 -24.17 -40.41
CA GLN E 44 14.08 -23.17 -40.03
C GLN E 44 14.94 -23.64 -38.87
N VAL E 45 14.31 -24.22 -37.86
CA VAL E 45 15.02 -24.58 -36.64
C VAL E 45 15.89 -25.82 -36.86
N HIS E 46 15.26 -26.93 -37.24
CA HIS E 46 15.98 -28.17 -37.51
C HIS E 46 15.75 -28.57 -38.96
N PRO E 47 16.70 -28.32 -39.85
CA PRO E 47 16.44 -28.53 -41.29
C PRO E 47 16.19 -29.98 -41.68
N ASP E 48 16.56 -30.96 -40.86
CA ASP E 48 16.44 -32.36 -41.24
C ASP E 48 15.63 -33.18 -40.25
N THR E 49 14.83 -32.56 -39.40
CA THR E 49 13.99 -33.25 -38.43
C THR E 49 12.54 -33.19 -38.89
N GLY E 50 11.83 -34.31 -38.74
CA GLY E 50 10.43 -34.39 -39.06
C GLY E 50 9.54 -34.25 -37.84
N ILE E 51 8.26 -34.52 -38.03
CA ILE E 51 7.29 -34.44 -36.95
C ILE E 51 6.12 -35.35 -37.29
N SER E 52 5.61 -36.05 -36.28
CA SER E 52 4.48 -36.94 -36.47
C SER E 52 3.17 -36.14 -36.42
N SER E 53 2.06 -36.83 -36.71
CA SER E 53 0.78 -36.14 -36.73
C SER E 53 0.26 -35.84 -35.33
N LYS E 54 0.52 -36.72 -34.38
CA LYS E 54 0.08 -36.46 -33.00
C LYS E 54 0.82 -35.27 -32.40
N ALA E 55 2.12 -35.20 -32.63
CA ALA E 55 2.89 -34.03 -32.19
C ALA E 55 2.42 -32.77 -32.89
N MET E 56 2.06 -32.86 -34.16
CA MET E 56 1.56 -31.69 -34.88
C MET E 56 0.23 -31.21 -34.30
N SER E 57 -0.66 -32.14 -33.95
CA SER E 57 -1.91 -31.73 -33.32
C SER E 57 -1.67 -31.14 -31.93
N ILE E 58 -0.68 -31.66 -31.21
CA ILE E 58 -0.33 -31.06 -29.92
C ILE E 58 0.16 -29.63 -30.11
N MET E 59 1.00 -29.39 -31.11
CA MET E 59 1.49 -28.04 -31.35
C MET E 59 0.37 -27.11 -31.82
N ASN E 60 -0.59 -27.62 -32.59
CA ASN E 60 -1.75 -26.82 -32.96
C ASN E 60 -2.56 -26.41 -31.75
N SER E 61 -2.80 -27.36 -30.84
CA SER E 61 -3.49 -27.02 -29.60
C SER E 61 -2.72 -26.01 -28.77
N PHE E 62 -1.38 -26.12 -28.75
CA PHE E 62 -0.57 -25.17 -28.02
C PHE E 62 -0.70 -23.76 -28.59
N VAL E 63 -0.64 -23.64 -29.92
CA VAL E 63 -0.76 -22.33 -30.54
C VAL E 63 -2.12 -21.73 -30.26
N ASN E 64 -3.18 -22.54 -30.38
CA ASN E 64 -4.52 -22.02 -30.10
C ASN E 64 -4.65 -21.57 -28.65
N ASP E 65 -4.11 -22.35 -27.72
CA ASP E 65 -4.20 -22.00 -26.30
C ASP E 65 -3.49 -20.70 -25.99
N VAL E 66 -2.27 -20.53 -26.52
CA VAL E 66 -1.53 -19.30 -26.26
C VAL E 66 -2.23 -18.11 -26.91
N PHE E 67 -2.76 -18.30 -28.12
CA PHE E 67 -3.50 -17.22 -28.77
C PHE E 67 -4.66 -16.78 -27.92
N GLU E 68 -5.46 -17.72 -27.42
CA GLU E 68 -6.61 -17.35 -26.61
C GLU E 68 -6.20 -16.66 -25.33
N ARG E 69 -5.14 -17.14 -24.67
CA ARG E 69 -4.68 -16.49 -23.45
C ARG E 69 -4.31 -15.03 -23.72
N ILE E 70 -3.48 -14.80 -24.73
CA ILE E 70 -3.03 -13.44 -25.00
C ILE E 70 -4.18 -12.55 -25.42
N ALA E 71 -5.07 -13.05 -26.27
CA ALA E 71 -6.19 -12.25 -26.75
C ALA E 71 -7.15 -11.91 -25.62
N GLY E 72 -7.42 -12.85 -24.71
CA GLY E 72 -8.28 -12.55 -23.59
C GLY E 72 -7.67 -11.53 -22.63
N GLU E 73 -6.38 -11.66 -22.36
CA GLU E 73 -5.73 -10.69 -21.50
C GLU E 73 -5.73 -9.29 -22.13
N ALA E 74 -5.47 -9.21 -23.43
CA ALA E 74 -5.53 -7.91 -24.11
C ALA E 74 -6.95 -7.36 -24.11
N SER E 75 -7.95 -8.21 -24.27
CA SER E 75 -9.34 -7.76 -24.26
C SER E 75 -9.68 -7.12 -22.92
N ARG E 76 -9.37 -7.80 -21.82
CA ARG E 76 -9.72 -7.21 -20.53
C ARG E 76 -8.81 -6.04 -20.16
N LEU E 77 -7.59 -5.98 -20.69
CA LEU E 77 -6.77 -4.78 -20.52
C LEU E 77 -7.40 -3.58 -21.19
N ALA E 78 -7.89 -3.76 -22.43
CA ALA E 78 -8.56 -2.66 -23.11
C ALA E 78 -9.85 -2.26 -22.40
N HIS E 79 -10.58 -3.23 -21.86
CA HIS E 79 -11.80 -2.90 -21.13
C HIS E 79 -11.50 -2.17 -19.83
N TYR E 80 -10.39 -2.48 -19.16
CA TYR E 80 -10.06 -1.81 -17.92
C TYR E 80 -9.84 -0.31 -18.14
N ASN E 81 -9.18 0.05 -19.24
CA ASN E 81 -8.82 1.43 -19.52
C ASN E 81 -9.88 2.16 -20.34
N LYS E 82 -11.07 1.58 -20.48
CA LYS E 82 -12.18 2.23 -21.17
C LYS E 82 -11.86 2.51 -22.64
N ARG E 83 -10.97 1.71 -23.22
CA ARG E 83 -10.70 1.81 -24.65
C ARG E 83 -11.58 0.82 -25.41
N SER E 84 -11.61 0.99 -26.72
CA SER E 84 -12.40 0.09 -27.56
C SER E 84 -11.59 -0.48 -28.72
N THR E 85 -10.26 -0.35 -28.67
CA THR E 85 -9.39 -0.85 -29.72
C THR E 85 -8.27 -1.65 -29.09
N ILE E 86 -7.99 -2.82 -29.65
CA ILE E 86 -6.83 -3.61 -29.26
C ILE E 86 -5.67 -3.24 -30.17
N THR E 87 -4.62 -2.69 -29.60
CA THR E 87 -3.45 -2.25 -30.34
C THR E 87 -2.27 -3.15 -29.99
N SER E 88 -1.10 -2.83 -30.55
CA SER E 88 0.09 -3.61 -30.24
C SER E 88 0.62 -3.30 -28.85
N ARG E 89 0.28 -2.14 -28.28
CA ARG E 89 0.66 -1.87 -26.91
C ARG E 89 -0.04 -2.82 -25.95
N GLU E 90 -1.32 -3.09 -26.19
CA GLU E 90 -2.05 -4.02 -25.34
C GLU E 90 -1.56 -5.45 -25.51
N ILE E 91 -1.19 -5.83 -26.73
CA ILE E 91 -0.59 -7.15 -26.94
C ILE E 91 0.73 -7.24 -26.19
N GLN E 92 1.54 -6.17 -26.21
CA GLN E 92 2.80 -6.17 -25.48
C GLN E 92 2.58 -6.30 -23.97
N THR E 93 1.61 -5.56 -23.44
CA THR E 93 1.33 -5.67 -22.01
C THR E 93 0.83 -7.06 -21.64
N ALA E 94 -0.01 -7.65 -22.48
CA ALA E 94 -0.48 -9.01 -22.23
C ALA E 94 0.67 -10.02 -22.28
N VAL E 95 1.60 -9.85 -23.22
CA VAL E 95 2.75 -10.73 -23.29
C VAL E 95 3.60 -10.62 -22.03
N ARG E 96 3.80 -9.39 -21.54
CA ARG E 96 4.53 -9.23 -20.29
C ARG E 96 3.78 -9.80 -19.10
N LEU E 97 2.45 -9.77 -19.10
CA LEU E 97 1.70 -10.33 -17.99
C LEU E 97 1.71 -11.85 -17.99
N LEU E 98 1.67 -12.47 -19.17
CA LEU E 98 1.51 -13.92 -19.24
C LEU E 98 2.83 -14.68 -19.27
N LEU E 99 3.77 -14.28 -20.10
CA LEU E 99 4.98 -15.08 -20.26
C LEU E 99 5.92 -14.86 -19.08
N PRO E 100 6.58 -15.91 -18.59
CA PRO E 100 7.44 -15.76 -17.40
C PRO E 100 8.88 -15.42 -17.71
N GLY E 101 9.40 -14.38 -17.06
CA GLY E 101 10.84 -14.20 -17.00
C GLY E 101 11.48 -13.93 -18.35
N GLU E 102 12.47 -14.74 -18.70
CA GLU E 102 13.26 -14.54 -19.90
C GLU E 102 12.48 -14.84 -21.17
N LEU E 103 11.33 -15.51 -21.07
CA LEU E 103 10.50 -15.69 -22.26
C LEU E 103 9.85 -14.39 -22.68
N ALA E 104 9.49 -13.53 -21.72
CA ALA E 104 8.79 -12.29 -22.05
C ALA E 104 9.70 -11.32 -22.78
N LYS E 105 10.97 -11.25 -22.39
CA LYS E 105 11.89 -10.30 -23.01
C LYS E 105 12.09 -10.61 -24.49
N HIS E 106 12.36 -11.88 -24.80
CA HIS E 106 12.58 -12.24 -26.20
C HIS E 106 11.32 -12.12 -27.02
N ALA E 107 10.17 -12.47 -26.43
CA ALA E 107 8.91 -12.33 -27.16
C ALA E 107 8.60 -10.87 -27.47
N VAL E 108 8.83 -9.98 -26.50
CA VAL E 108 8.63 -8.55 -26.75
C VAL E 108 9.60 -8.07 -27.81
N SER E 109 10.84 -8.55 -27.77
CA SER E 109 11.83 -8.16 -28.77
C SER E 109 11.38 -8.57 -30.17
N GLU E 110 10.91 -9.80 -30.33
CA GLU E 110 10.46 -10.26 -31.64
C GLU E 110 9.24 -9.48 -32.12
N GLY E 111 8.29 -9.23 -31.22
CA GLY E 111 7.11 -8.47 -31.61
C GLY E 111 7.45 -7.06 -32.06
N THR E 112 8.30 -6.37 -31.29
CA THR E 112 8.71 -5.03 -31.66
C THR E 112 9.47 -5.03 -32.98
N LYS E 113 10.35 -6.02 -33.18
CA LYS E 113 11.08 -6.12 -34.43
C LYS E 113 10.14 -6.31 -35.61
N ALA E 114 9.13 -7.16 -35.45
CA ALA E 114 8.18 -7.40 -36.54
C ALA E 114 7.36 -6.16 -36.85
N VAL E 115 6.88 -5.45 -35.83
CA VAL E 115 6.10 -4.26 -36.10
C VAL E 115 6.95 -3.16 -36.73
N THR E 116 8.20 -3.02 -36.28
CA THR E 116 9.08 -2.03 -36.88
C THR E 116 9.37 -2.35 -38.34
N LYS E 117 9.63 -3.62 -38.66
CA LYS E 117 9.84 -3.99 -40.05
C LYS E 117 8.59 -3.84 -40.89
N TYR E 118 7.41 -4.07 -40.32
CA TYR E 118 6.15 -3.98 -41.04
C TYR E 118 5.78 -2.54 -41.37
N THR E 119 5.91 -1.62 -40.41
CA THR E 119 5.52 -0.24 -40.66
C THR E 119 6.53 0.50 -41.53
N SER E 120 7.76 0.00 -41.66
CA SER E 120 8.73 0.65 -42.52
C SER E 120 8.46 0.39 -44.00
N ALA E 121 7.70 -0.66 -44.32
CA ALA E 121 7.42 -1.03 -45.70
C ALA E 121 6.21 -0.26 -46.23
N ARG F 40 15.79 -65.84 -6.49
CA ARG F 40 14.81 -64.92 -5.95
C ARG F 40 15.44 -63.57 -5.60
N TYR F 41 14.77 -62.49 -5.99
CA TYR F 41 15.24 -61.14 -5.74
C TYR F 41 14.76 -60.65 -4.37
N ARG F 42 15.54 -59.75 -3.79
CA ARG F 42 15.19 -59.20 -2.50
C ARG F 42 14.06 -58.18 -2.66
N PRO F 43 13.19 -58.04 -1.65
CA PRO F 43 12.04 -57.14 -1.77
C PRO F 43 12.48 -55.69 -1.99
N GLY F 44 12.05 -55.12 -3.11
CA GLY F 44 12.36 -53.75 -3.43
C GLY F 44 13.17 -53.55 -4.70
N THR F 45 13.67 -54.65 -5.27
CA THR F 45 14.44 -54.56 -6.51
C THR F 45 13.52 -54.57 -7.73
N VAL F 46 12.57 -55.50 -7.77
CA VAL F 46 11.59 -55.53 -8.85
C VAL F 46 10.76 -54.26 -8.83
N ALA F 47 10.51 -53.70 -7.65
CA ALA F 47 9.79 -52.43 -7.57
C ALA F 47 10.54 -51.31 -8.27
N LEU F 48 11.86 -51.23 -8.06
CA LEU F 48 12.63 -50.18 -8.71
C LEU F 48 12.74 -50.41 -10.21
N ARG F 49 12.88 -51.67 -10.63
CA ARG F 49 12.88 -51.95 -12.06
C ARG F 49 11.56 -51.57 -12.70
N GLU F 50 10.44 -51.84 -12.02
CA GLU F 50 9.14 -51.44 -12.53
C GLU F 50 9.02 -49.91 -12.57
N ILE F 51 9.53 -49.21 -11.55
CA ILE F 51 9.48 -47.76 -11.57
C ILE F 51 10.19 -47.21 -12.80
N ARG F 52 11.41 -47.69 -13.04
CA ARG F 52 12.16 -47.21 -14.20
C ARG F 52 11.46 -47.57 -15.50
N ARG F 53 10.95 -48.80 -15.60
CA ARG F 53 10.29 -49.24 -16.82
C ARG F 53 9.07 -48.40 -17.14
N TYR F 54 8.22 -48.16 -16.14
CA TYR F 54 7.00 -47.40 -16.38
C TYR F 54 7.23 -45.90 -16.42
N GLN F 55 8.40 -45.43 -16.01
CA GLN F 55 8.73 -44.03 -16.23
C GLN F 55 9.39 -43.78 -17.57
N LYS F 56 9.95 -44.81 -18.20
CA LYS F 56 10.41 -44.66 -19.58
C LYS F 56 9.28 -44.71 -20.59
N SER F 57 8.20 -45.42 -20.31
CA SER F 57 7.15 -45.64 -21.30
C SER F 57 6.13 -44.50 -21.29
N THR F 58 5.23 -44.53 -22.27
CA THR F 58 4.21 -43.50 -22.41
C THR F 58 2.83 -44.07 -22.67
N GLU F 59 2.68 -45.40 -22.73
CA GLU F 59 1.38 -45.98 -23.02
C GLU F 59 0.45 -45.86 -21.82
N LEU F 60 -0.82 -46.16 -22.05
CA LEU F 60 -1.82 -46.11 -21.00
C LEU F 60 -1.78 -47.38 -20.16
N LEU F 61 -1.96 -47.21 -18.85
CA LEU F 61 -1.77 -48.30 -17.91
C LEU F 61 -3.08 -48.96 -17.47
N ILE F 62 -4.23 -48.41 -17.84
CA ILE F 62 -5.52 -49.00 -17.54
C ILE F 62 -6.06 -49.65 -18.80
N ARG F 63 -6.74 -50.78 -18.65
CA ARG F 63 -7.28 -51.49 -19.80
C ARG F 63 -8.48 -50.77 -20.38
N LYS F 64 -8.61 -50.85 -21.70
CA LYS F 64 -9.55 -50.01 -22.45
C LYS F 64 -11.00 -50.34 -22.12
N LEU F 65 -11.36 -51.61 -22.20
CA LEU F 65 -12.76 -52.03 -22.05
C LEU F 65 -13.30 -51.78 -20.64
N PRO F 66 -12.58 -52.15 -19.57
CA PRO F 66 -13.10 -51.82 -18.23
C PRO F 66 -13.29 -50.33 -18.03
N PHE F 67 -12.36 -49.51 -18.51
CA PHE F 67 -12.49 -48.07 -18.36
C PHE F 67 -13.70 -47.54 -19.13
N GLN F 68 -13.90 -48.04 -20.35
CA GLN F 68 -15.05 -47.60 -21.15
C GLN F 68 -16.36 -47.98 -20.47
N ARG F 69 -16.43 -49.19 -19.92
CA ARG F 69 -17.63 -49.60 -19.21
C ARG F 69 -17.88 -48.71 -18.00
N LEU F 70 -16.82 -48.38 -17.26
CA LEU F 70 -16.98 -47.49 -16.11
C LEU F 70 -17.47 -46.12 -16.54
N VAL F 71 -16.94 -45.58 -17.63
CA VAL F 71 -17.38 -44.28 -18.13
C VAL F 71 -18.85 -44.30 -18.49
N ARG F 72 -19.29 -45.35 -19.20
CA ARG F 72 -20.70 -45.42 -19.58
C ARG F 72 -21.60 -45.57 -18.36
N GLU F 73 -21.17 -46.36 -17.37
CA GLU F 73 -21.94 -46.48 -16.14
C GLU F 73 -22.08 -45.14 -15.43
N ILE F 74 -20.99 -44.37 -15.34
CA ILE F 74 -21.07 -43.08 -14.68
C ILE F 74 -21.96 -42.14 -15.47
N ALA F 75 -21.89 -42.17 -16.80
CA ALA F 75 -22.69 -41.28 -17.62
C ALA F 75 -24.17 -41.62 -17.60
N GLN F 76 -24.53 -42.86 -17.29
CA GLN F 76 -25.96 -43.19 -17.21
C GLN F 76 -26.69 -42.47 -16.09
N ASP F 77 -25.99 -41.87 -15.12
CA ASP F 77 -26.65 -41.14 -14.05
C ASP F 77 -26.97 -39.71 -14.42
N PHE F 78 -26.59 -39.26 -15.61
CA PHE F 78 -26.82 -37.88 -16.05
C PHE F 78 -27.77 -37.78 -17.21
N LYS F 79 -27.64 -38.66 -18.20
CA LYS F 79 -28.62 -38.73 -19.29
C LYS F 79 -28.64 -40.14 -19.83
N THR F 80 -29.83 -40.68 -20.01
CA THR F 80 -29.97 -42.05 -20.49
C THR F 80 -29.81 -42.09 -22.01
N ASP F 81 -29.25 -43.20 -22.50
CA ASP F 81 -29.09 -43.47 -23.93
C ASP F 81 -28.19 -42.43 -24.59
N LEU F 82 -26.98 -42.32 -24.05
CA LEU F 82 -25.95 -41.48 -24.64
C LEU F 82 -25.04 -42.30 -25.54
N ARG F 83 -24.33 -41.61 -26.41
CA ARG F 83 -23.31 -42.21 -27.26
C ARG F 83 -21.99 -41.50 -27.03
N PHE F 84 -20.90 -42.21 -27.26
CA PHE F 84 -19.57 -41.69 -27.06
C PHE F 84 -18.74 -41.90 -28.31
N GLN F 85 -18.07 -40.86 -28.76
CA GLN F 85 -16.99 -41.07 -29.73
C GLN F 85 -15.86 -41.83 -29.06
N SER F 86 -15.11 -42.58 -29.86
CA SER F 86 -13.97 -43.30 -29.32
C SER F 86 -12.91 -42.34 -28.78
N SER F 87 -12.71 -41.21 -29.47
CA SER F 87 -11.74 -40.23 -29.01
C SER F 87 -12.18 -39.55 -27.72
N ALA F 88 -13.47 -39.47 -27.44
CA ALA F 88 -13.92 -38.93 -26.17
C ALA F 88 -13.49 -39.81 -25.01
N VAL F 89 -13.68 -41.12 -25.14
CA VAL F 89 -13.24 -42.05 -24.11
C VAL F 89 -11.72 -42.06 -24.01
N MET F 90 -11.03 -41.91 -25.14
CA MET F 90 -9.57 -41.87 -25.10
C MET F 90 -9.10 -40.64 -24.32
N ALA F 91 -9.72 -39.48 -24.57
CA ALA F 91 -9.36 -38.27 -23.84
C ALA F 91 -9.66 -38.41 -22.35
N LEU F 92 -10.80 -39.01 -22.01
CA LEU F 92 -11.11 -39.24 -20.61
C LEU F 92 -10.05 -40.12 -19.95
N GLN F 93 -9.62 -41.17 -20.64
CA GLN F 93 -8.61 -42.05 -20.06
C GLN F 93 -7.28 -41.33 -19.87
N GLU F 94 -6.86 -40.54 -20.85
CA GLU F 94 -5.61 -39.81 -20.73
C GLU F 94 -5.65 -38.85 -19.55
N ALA F 95 -6.74 -38.08 -19.44
CA ALA F 95 -6.86 -37.14 -18.33
C ALA F 95 -6.89 -37.85 -16.99
N SER F 96 -7.63 -38.96 -16.89
CA SER F 96 -7.72 -39.68 -15.63
C SER F 96 -6.37 -40.24 -15.20
N GLU F 97 -5.62 -40.79 -16.15
CA GLU F 97 -4.34 -41.39 -15.79
C GLU F 97 -3.33 -40.32 -15.40
N ALA F 98 -3.33 -39.17 -16.10
CA ALA F 98 -2.44 -38.09 -15.69
C ALA F 98 -2.78 -37.60 -14.30
N TYR F 99 -4.08 -37.46 -14.00
CA TYR F 99 -4.50 -37.04 -12.68
C TYR F 99 -4.04 -38.02 -11.60
N LEU F 100 -4.22 -39.32 -11.85
CA LEU F 100 -3.84 -40.31 -10.85
C LEU F 100 -2.33 -40.36 -10.65
N VAL F 101 -1.55 -40.23 -11.72
CA VAL F 101 -0.10 -40.25 -11.57
C VAL F 101 0.38 -39.05 -10.75
N GLY F 102 -0.17 -37.86 -11.02
CA GLY F 102 0.21 -36.70 -10.24
C GLY F 102 -0.19 -36.85 -8.78
N LEU F 103 -1.38 -37.39 -8.52
CA LEU F 103 -1.81 -37.62 -7.15
C LEU F 103 -0.89 -38.60 -6.44
N PHE F 104 -0.43 -39.64 -7.15
CA PHE F 104 0.49 -40.59 -6.53
C PHE F 104 1.84 -39.95 -6.24
N GLU F 105 2.30 -39.03 -7.08
CA GLU F 105 3.53 -38.32 -6.77
C GLU F 105 3.38 -37.51 -5.48
N ASP F 106 2.26 -36.79 -5.35
CA ASP F 106 2.04 -36.03 -4.11
C ASP F 106 1.92 -36.95 -2.91
N THR F 107 1.24 -38.09 -3.07
CA THR F 107 1.12 -39.06 -1.99
C THR F 107 2.48 -39.59 -1.56
N ASN F 108 3.36 -39.86 -2.52
CA ASN F 108 4.70 -40.32 -2.18
C ASN F 108 5.46 -39.27 -1.40
N LEU F 109 5.34 -38.00 -1.79
CA LEU F 109 5.99 -36.95 -1.02
C LEU F 109 5.47 -36.90 0.40
N CYS F 110 4.15 -37.00 0.58
CA CYS F 110 3.57 -36.97 1.92
C CYS F 110 3.99 -38.18 2.74
N ALA F 111 4.14 -39.34 2.11
CA ALA F 111 4.59 -40.53 2.83
C ALA F 111 6.04 -40.41 3.26
N ILE F 112 6.90 -39.87 2.39
CA ILE F 112 8.30 -39.67 2.76
C ILE F 112 8.41 -38.66 3.88
N HIS F 113 7.53 -37.65 3.89
CA HIS F 113 7.55 -36.64 4.95
C HIS F 113 7.44 -37.27 6.33
N ALA F 114 6.67 -38.34 6.47
CA ALA F 114 6.45 -38.99 7.75
C ALA F 114 7.42 -40.14 8.03
N LYS F 115 8.57 -40.16 7.35
CA LYS F 115 9.60 -41.18 7.55
C LYS F 115 9.07 -42.58 7.23
N ARG F 116 8.47 -42.70 6.05
CA ARG F 116 7.94 -43.97 5.58
C ARG F 116 8.32 -44.18 4.13
N VAL F 117 8.16 -45.41 3.66
CA VAL F 117 8.20 -45.70 2.24
C VAL F 117 6.91 -46.27 1.71
N THR F 118 6.01 -46.71 2.59
CA THR F 118 4.70 -47.23 2.20
C THR F 118 3.70 -46.10 2.17
N ILE F 119 3.02 -45.94 1.05
CA ILE F 119 1.95 -44.95 0.96
C ILE F 119 0.68 -45.56 1.53
N MET F 120 -0.08 -44.73 2.25
CA MET F 120 -1.27 -45.16 2.97
C MET F 120 -2.41 -44.21 2.67
N PRO F 121 -3.65 -44.62 2.95
CA PRO F 121 -4.79 -43.74 2.62
C PRO F 121 -4.71 -42.37 3.25
N LYS F 122 -4.15 -42.25 4.45
CA LYS F 122 -4.00 -40.95 5.07
C LYS F 122 -3.10 -40.03 4.26
N ASP F 123 -2.12 -40.58 3.55
CA ASP F 123 -1.28 -39.75 2.68
C ASP F 123 -2.08 -39.20 1.51
N ILE F 124 -2.94 -40.03 0.92
CA ILE F 124 -3.79 -39.56 -0.16
C ILE F 124 -4.73 -38.48 0.34
N GLN F 125 -5.29 -38.68 1.53
CA GLN F 125 -6.20 -37.68 2.08
C GLN F 125 -5.48 -36.36 2.36
N LEU F 126 -4.27 -36.41 2.91
CA LEU F 126 -3.52 -35.18 3.14
C LEU F 126 -3.19 -34.48 1.83
N ALA F 127 -2.74 -35.23 0.82
CA ALA F 127 -2.40 -34.60 -0.45
C ALA F 127 -3.61 -33.95 -1.08
N ARG F 128 -4.75 -34.64 -1.10
CA ARG F 128 -5.95 -34.06 -1.69
C ARG F 128 -6.48 -32.89 -0.89
N ARG F 129 -6.33 -32.88 0.43
CA ARG F 129 -6.80 -31.74 1.18
C ARG F 129 -5.92 -30.52 0.94
N ILE F 130 -4.61 -30.70 0.91
CA ILE F 130 -3.72 -29.57 0.66
C ILE F 130 -3.92 -29.04 -0.75
N ARG F 131 -4.16 -29.92 -1.72
CA ARG F 131 -4.46 -29.46 -3.08
C ARG F 131 -5.76 -28.67 -3.12
N GLY F 132 -6.63 -28.87 -2.15
CA GLY F 132 -7.90 -28.17 -2.11
C GLY F 132 -9.08 -28.94 -2.66
N GLU F 133 -8.98 -30.26 -2.78
CA GLU F 133 -10.02 -31.06 -3.39
C GLU F 133 -10.98 -31.69 -2.37
N ARG F 134 -10.52 -31.91 -1.14
CA ARG F 134 -11.36 -32.54 -0.12
C ARG F 134 -12.49 -31.61 0.31
N ARG G 23 -22.91 -51.41 -12.71
CA ARG G 23 -22.87 -52.80 -12.26
C ARG G 23 -21.46 -53.20 -11.84
N ASP G 24 -20.90 -52.47 -10.88
CA ASP G 24 -19.56 -52.71 -10.34
C ASP G 24 -18.52 -52.80 -11.45
N ASN G 25 -18.48 -51.77 -12.29
CA ASN G 25 -17.39 -51.62 -13.22
C ASN G 25 -16.20 -50.87 -12.63
N ILE G 26 -16.36 -50.30 -11.44
CA ILE G 26 -15.22 -49.71 -10.74
C ILE G 26 -14.22 -50.76 -10.32
N GLN G 27 -14.65 -52.01 -10.17
CA GLN G 27 -13.72 -53.10 -9.89
C GLN G 27 -12.94 -53.52 -11.13
N GLY G 28 -13.29 -53.00 -12.30
CA GLY G 28 -12.48 -53.23 -13.48
C GLY G 28 -11.20 -52.44 -13.51
N ILE G 29 -11.06 -51.47 -12.60
CA ILE G 29 -9.79 -50.80 -12.37
C ILE G 29 -9.02 -51.68 -11.40
N THR G 30 -8.31 -52.67 -11.93
CA THR G 30 -7.79 -53.74 -11.11
C THR G 30 -6.62 -53.26 -10.26
N LYS G 31 -6.29 -54.09 -9.27
CA LYS G 31 -5.13 -53.81 -8.43
C LYS G 31 -3.81 -53.71 -9.21
N PRO G 32 -3.52 -54.58 -10.18
CA PRO G 32 -2.30 -54.36 -10.98
C PRO G 32 -2.27 -53.04 -11.73
N ALA G 33 -3.41 -52.55 -12.22
CA ALA G 33 -3.41 -51.27 -12.91
C ALA G 33 -3.08 -50.13 -11.97
N ILE G 34 -3.63 -50.16 -10.76
CA ILE G 34 -3.31 -49.13 -9.77
C ILE G 34 -1.85 -49.23 -9.37
N ARG G 35 -1.31 -50.44 -9.29
CA ARG G 35 0.11 -50.58 -9.00
C ARG G 35 0.97 -50.00 -10.12
N ARG G 36 0.58 -50.20 -11.38
CA ARG G 36 1.34 -49.62 -12.48
C ARG G 36 1.29 -48.09 -12.44
N LEU G 37 0.11 -47.53 -12.14
CA LEU G 37 0.01 -46.08 -12.01
C LEU G 37 0.89 -45.56 -10.88
N ALA G 38 0.91 -46.27 -9.75
CA ALA G 38 1.77 -45.87 -8.64
C ALA G 38 3.25 -45.98 -9.00
N ARG G 39 3.62 -47.02 -9.75
CA ARG G 39 5.00 -47.16 -10.20
C ARG G 39 5.41 -46.02 -11.10
N ARG G 40 4.55 -45.62 -12.05
CA ARG G 40 4.85 -44.45 -12.84
C ARG G 40 4.92 -43.20 -11.99
N GLY G 41 4.15 -43.15 -10.90
CA GLY G 41 4.26 -42.03 -9.98
C GLY G 41 5.49 -42.07 -9.09
N GLY G 42 6.26 -43.14 -9.13
CA GLY G 42 7.47 -43.24 -8.33
C GLY G 42 7.32 -43.92 -6.99
N VAL G 43 6.21 -44.60 -6.74
CA VAL G 43 5.92 -45.20 -5.43
C VAL G 43 6.61 -46.55 -5.35
N LYS G 44 7.35 -46.77 -4.28
CA LYS G 44 8.14 -47.99 -4.11
C LYS G 44 7.40 -49.09 -3.38
N ARG G 45 6.50 -48.74 -2.46
CA ARG G 45 5.81 -49.73 -1.65
C ARG G 45 4.41 -49.22 -1.33
N ILE G 46 3.42 -50.08 -1.43
CA ILE G 46 2.02 -49.69 -1.42
C ILE G 46 1.28 -50.46 -0.34
N SER G 47 0.48 -49.75 0.45
CA SER G 47 -0.39 -50.39 1.43
C SER G 47 -1.56 -51.09 0.73
N GLY G 48 -2.21 -51.97 1.47
CA GLY G 48 -3.31 -52.73 0.93
C GLY G 48 -4.64 -52.04 0.90
N LEU G 49 -4.75 -50.87 1.53
CA LEU G 49 -5.98 -50.09 1.54
C LEU G 49 -5.97 -48.98 0.50
N ILE G 50 -4.90 -48.87 -0.28
CA ILE G 50 -4.78 -47.82 -1.29
C ILE G 50 -5.76 -48.03 -2.43
N TYR G 51 -6.12 -49.27 -2.72
CA TYR G 51 -6.86 -49.56 -3.94
C TYR G 51 -8.28 -49.01 -3.87
N GLU G 52 -8.97 -49.20 -2.74
CA GLU G 52 -10.32 -48.66 -2.61
C GLU G 52 -10.30 -47.14 -2.56
N GLU G 53 -9.31 -46.55 -1.90
CA GLU G 53 -9.19 -45.10 -1.88
C GLU G 53 -9.00 -44.55 -3.29
N THR G 54 -8.14 -45.20 -4.08
CA THR G 54 -7.89 -44.75 -5.44
C THR G 54 -9.13 -44.92 -6.31
N ARG G 55 -9.88 -46.00 -6.11
CA ARG G 55 -11.12 -46.17 -6.86
C ARG G 55 -12.12 -45.07 -6.55
N GLY G 56 -12.26 -44.71 -5.26
CA GLY G 56 -13.14 -43.61 -4.91
C GLY G 56 -12.71 -42.29 -5.51
N VAL G 57 -11.41 -42.00 -5.46
CA VAL G 57 -10.90 -40.75 -6.03
C VAL G 57 -11.15 -40.68 -7.52
N LEU G 58 -10.85 -41.77 -8.24
CA LEU G 58 -11.09 -41.81 -9.68
C LEU G 58 -12.57 -41.65 -10.00
N LYS G 59 -13.44 -42.28 -9.22
CA LYS G 59 -14.87 -42.16 -9.46
C LYS G 59 -15.33 -40.72 -9.30
N VAL G 60 -14.84 -40.03 -8.28
CA VAL G 60 -15.22 -38.62 -8.08
C VAL G 60 -14.75 -37.77 -9.26
N PHE G 61 -13.49 -37.94 -9.67
CA PHE G 61 -12.94 -37.15 -10.76
C PHE G 61 -13.74 -37.38 -12.05
N LEU G 62 -14.01 -38.64 -12.37
CA LEU G 62 -14.77 -38.96 -13.56
C LEU G 62 -16.19 -38.42 -13.49
N GLU G 63 -16.81 -38.48 -12.31
CA GLU G 63 -18.15 -37.93 -12.18
C GLU G 63 -18.18 -36.45 -12.51
N ASN G 64 -17.23 -35.68 -11.98
CA ASN G 64 -17.21 -34.25 -12.27
C ASN G 64 -17.01 -33.99 -13.77
N VAL G 65 -16.00 -34.62 -14.36
CA VAL G 65 -15.71 -34.34 -15.77
C VAL G 65 -16.86 -34.76 -16.66
N ILE G 66 -17.45 -35.93 -16.40
CA ILE G 66 -18.52 -36.43 -17.25
C ILE G 66 -19.79 -35.60 -17.07
N ARG G 67 -20.04 -35.09 -15.87
CA ARG G 67 -21.18 -34.19 -15.70
C ARG G 67 -21.03 -32.95 -16.56
N ASP G 68 -19.85 -32.35 -16.54
CA ASP G 68 -19.64 -31.16 -17.36
C ASP G 68 -19.74 -31.49 -18.86
N ALA G 69 -19.16 -32.61 -19.28
CA ALA G 69 -19.21 -32.98 -20.69
C ALA G 69 -20.64 -33.24 -21.16
N VAL G 70 -21.43 -33.91 -20.34
CA VAL G 70 -22.83 -34.16 -20.69
C VAL G 70 -23.63 -32.86 -20.71
N THR G 71 -23.31 -31.90 -19.83
CA THR G 71 -23.98 -30.61 -19.91
C THR G 71 -23.68 -29.92 -21.24
N TYR G 72 -22.41 -29.92 -21.65
CA TYR G 72 -22.06 -29.36 -22.95
C TYR G 72 -22.76 -30.08 -24.09
N THR G 73 -22.87 -31.41 -24.01
CA THR G 73 -23.52 -32.16 -25.06
C THR G 73 -25.01 -31.84 -25.14
N GLU G 74 -25.67 -31.77 -23.99
CA GLU G 74 -27.09 -31.44 -23.96
C GLU G 74 -27.37 -30.03 -24.46
N HIS G 75 -26.47 -29.08 -24.21
CA HIS G 75 -26.69 -27.73 -24.72
C HIS G 75 -26.74 -27.71 -26.23
N ALA G 76 -25.86 -28.44 -26.91
CA ALA G 76 -25.84 -28.49 -28.35
C ALA G 76 -26.94 -29.36 -28.93
N LYS G 77 -27.82 -29.91 -28.09
CA LYS G 77 -28.92 -30.76 -28.53
C LYS G 77 -28.43 -31.95 -29.33
N ARG G 78 -27.33 -32.54 -28.89
CA ARG G 78 -26.78 -33.75 -29.48
C ARG G 78 -27.11 -34.95 -28.59
N LYS G 79 -26.85 -36.14 -29.12
CA LYS G 79 -26.98 -37.37 -28.34
C LYS G 79 -25.68 -38.16 -28.35
N THR G 80 -24.57 -37.49 -28.66
CA THR G 80 -23.27 -38.12 -28.76
C THR G 80 -22.24 -37.23 -28.10
N VAL G 81 -21.55 -37.74 -27.09
CA VAL G 81 -20.50 -36.99 -26.41
C VAL G 81 -19.25 -37.04 -27.28
N THR G 82 -18.80 -35.87 -27.74
CA THR G 82 -17.64 -35.78 -28.61
C THR G 82 -16.39 -35.53 -27.79
N ALA G 83 -15.24 -35.53 -28.45
CA ALA G 83 -13.99 -35.27 -27.76
C ALA G 83 -13.87 -33.80 -27.36
N MET G 84 -14.51 -32.91 -28.11
CA MET G 84 -14.43 -31.49 -27.77
C MET G 84 -15.22 -31.19 -26.51
N ASP G 85 -16.32 -31.90 -26.26
CA ASP G 85 -17.02 -31.73 -24.99
C ASP G 85 -16.13 -32.09 -23.81
N VAL G 86 -15.39 -33.20 -23.92
CA VAL G 86 -14.48 -33.59 -22.86
C VAL G 86 -13.37 -32.57 -22.71
N VAL G 87 -12.83 -32.08 -23.82
CA VAL G 87 -11.76 -31.09 -23.74
C VAL G 87 -12.25 -29.81 -23.08
N TYR G 88 -13.47 -29.37 -23.41
CA TYR G 88 -14.01 -28.16 -22.80
C TYR G 88 -14.29 -28.37 -21.32
N ALA G 89 -14.79 -29.54 -20.94
CA ALA G 89 -15.00 -29.82 -19.53
C ALA G 89 -13.69 -29.79 -18.75
N LEU G 90 -12.66 -30.43 -19.29
CA LEU G 90 -11.36 -30.42 -18.62
C LEU G 90 -10.77 -29.01 -18.54
N LYS G 91 -10.91 -28.23 -19.61
CA LYS G 91 -10.44 -26.84 -19.57
C LYS G 91 -11.21 -26.03 -18.55
N ARG G 92 -12.50 -26.30 -18.40
CA ARG G 92 -13.30 -25.61 -17.39
C ARG G 92 -12.86 -25.96 -15.98
N GLN G 93 -12.42 -27.19 -15.76
CA GLN G 93 -11.95 -27.57 -14.43
C GLN G 93 -10.48 -27.21 -14.19
N GLY G 94 -9.84 -26.51 -15.11
CA GLY G 94 -8.47 -26.11 -14.95
C GLY G 94 -7.44 -27.15 -15.32
N ARG G 95 -7.78 -28.11 -16.17
CA ARG G 95 -6.85 -29.15 -16.62
C ARG G 95 -6.90 -29.18 -18.15
N THR G 96 -6.10 -28.34 -18.79
CA THR G 96 -6.07 -28.31 -20.25
C THR G 96 -5.42 -29.58 -20.78
N LEU G 97 -5.99 -30.13 -21.85
CA LEU G 97 -5.51 -31.35 -22.47
C LEU G 97 -5.14 -31.06 -23.92
N TYR G 98 -3.90 -31.38 -24.29
CA TYR G 98 -3.39 -31.14 -25.63
C TYR G 98 -3.43 -32.43 -26.43
N GLY G 99 -3.74 -32.31 -27.72
CA GLY G 99 -3.65 -33.42 -28.63
C GLY G 99 -4.95 -34.12 -28.98
N PHE G 100 -6.09 -33.52 -28.68
CA PHE G 100 -7.38 -34.10 -29.03
C PHE G 100 -8.25 -33.10 -29.79
N GLY G 101 -7.62 -32.22 -30.54
CA GLY G 101 -8.35 -31.19 -31.26
C GLY G 101 -8.68 -30.00 -30.37
N GLY G 102 -8.46 -28.80 -30.87
CA GLY G 102 -8.73 -27.59 -30.12
C GLY G 102 -7.74 -27.34 -29.00
N ALA H 12 -49.36 5.53 -22.93
CA ALA H 12 -48.71 4.37 -22.35
C ALA H 12 -47.68 4.79 -21.30
N LYS H 13 -48.00 4.56 -20.03
CA LYS H 13 -47.13 4.92 -18.92
C LYS H 13 -46.04 3.88 -18.79
N ALA H 14 -44.78 4.34 -18.69
CA ALA H 14 -43.63 3.46 -18.70
C ALA H 14 -43.66 2.54 -17.48
N LYS H 15 -43.54 1.24 -17.74
CA LYS H 15 -43.41 0.24 -16.69
C LYS H 15 -42.08 -0.48 -16.88
N THR H 16 -41.29 -0.56 -15.80
CA THR H 16 -39.97 -1.15 -15.91
C THR H 16 -40.06 -2.65 -16.18
N ARG H 17 -39.00 -3.18 -16.79
CA ARG H 17 -38.94 -4.62 -17.04
C ARG H 17 -38.75 -5.42 -15.77
N SER H 18 -38.10 -4.84 -14.75
CA SER H 18 -37.93 -5.53 -13.49
C SER H 18 -39.27 -5.80 -12.81
N SER H 19 -40.19 -4.84 -12.85
CA SER H 19 -41.53 -5.05 -12.33
C SER H 19 -42.33 -6.03 -13.15
N ARG H 20 -42.17 -6.02 -14.47
CA ARG H 20 -42.84 -7.00 -15.31
C ARG H 20 -42.38 -8.41 -14.98
N ALA H 21 -41.09 -8.60 -14.77
CA ALA H 21 -40.57 -9.90 -14.40
C ALA H 21 -40.89 -10.25 -12.95
N GLY H 22 -41.02 -9.24 -12.09
CA GLY H 22 -41.25 -9.47 -10.68
C GLY H 22 -39.99 -9.47 -9.85
N LEU H 23 -38.99 -8.69 -10.23
CA LEU H 23 -37.67 -8.71 -9.62
C LEU H 23 -37.39 -7.38 -8.95
N GLN H 24 -36.39 -7.38 -8.06
CA GLN H 24 -35.84 -6.16 -7.52
C GLN H 24 -34.44 -5.83 -8.03
N PHE H 25 -33.95 -6.56 -8.98
CA PHE H 25 -32.70 -6.22 -9.63
C PHE H 25 -32.99 -5.59 -11.00
N PRO H 26 -32.12 -4.69 -11.48
CA PRO H 26 -32.45 -3.92 -12.68
C PRO H 26 -32.21 -4.75 -13.95
N VAL H 27 -33.30 -5.05 -14.65
CA VAL H 27 -33.18 -5.80 -15.90
C VAL H 27 -32.55 -4.94 -16.99
N GLY H 28 -32.92 -3.67 -17.06
CA GLY H 28 -32.36 -2.79 -18.09
C GLY H 28 -30.87 -2.56 -17.92
N ARG H 29 -30.42 -2.37 -16.68
CA ARG H 29 -29.00 -2.19 -16.44
C ARG H 29 -28.21 -3.45 -16.77
N VAL H 30 -28.76 -4.62 -16.43
CA VAL H 30 -28.11 -5.87 -16.78
C VAL H 30 -28.05 -6.05 -18.29
N HIS H 31 -29.11 -5.64 -19.00
CA HIS H 31 -29.11 -5.72 -20.45
C HIS H 31 -28.04 -4.81 -21.04
N ARG H 32 -27.91 -3.59 -20.53
CA ARG H 32 -26.87 -2.69 -21.01
C ARG H 32 -25.48 -3.25 -20.73
N LEU H 33 -25.29 -3.83 -19.54
CA LEU H 33 -23.99 -4.42 -19.22
C LEU H 33 -23.68 -5.62 -20.11
N LEU H 34 -24.69 -6.37 -20.51
CA LEU H 34 -24.48 -7.48 -21.43
C LEU H 34 -24.13 -6.98 -22.82
N ARG H 35 -24.76 -5.90 -23.27
CA ARG H 35 -24.46 -5.35 -24.59
C ARG H 35 -23.11 -4.66 -24.66
N LYS H 36 -22.61 -4.09 -23.57
CA LYS H 36 -21.37 -3.34 -23.58
C LYS H 36 -20.16 -4.16 -23.21
N GLY H 37 -20.33 -5.44 -22.90
CA GLY H 37 -19.23 -6.27 -22.46
C GLY H 37 -18.57 -7.11 -23.53
N ASN H 38 -19.00 -7.00 -24.78
CA ASN H 38 -18.46 -7.78 -25.88
C ASN H 38 -18.52 -9.27 -25.57
N TYR H 39 -19.70 -9.72 -25.15
CA TYR H 39 -19.94 -11.12 -24.88
C TYR H 39 -20.45 -11.87 -26.10
N ALA H 40 -21.23 -11.19 -26.93
CA ALA H 40 -21.66 -11.74 -28.21
C ALA H 40 -22.05 -10.57 -29.11
N GLU H 41 -22.31 -10.88 -30.38
CA GLU H 41 -22.73 -9.85 -31.31
C GLU H 41 -24.08 -9.26 -30.89
N ARG H 42 -25.01 -10.11 -30.47
CA ARG H 42 -26.37 -9.71 -30.18
C ARG H 42 -26.89 -10.49 -28.98
N VAL H 43 -27.87 -9.91 -28.29
CA VAL H 43 -28.32 -10.40 -26.99
C VAL H 43 -29.82 -10.59 -27.03
N GLY H 44 -30.28 -11.76 -26.59
CA GLY H 44 -31.69 -12.06 -26.57
C GLY H 44 -32.46 -11.21 -25.59
N ALA H 45 -33.78 -11.27 -25.70
CA ALA H 45 -34.65 -10.47 -24.86
C ALA H 45 -34.77 -11.04 -23.45
N GLY H 46 -34.81 -12.36 -23.32
CA GLY H 46 -34.97 -12.99 -22.03
C GLY H 46 -33.70 -13.31 -21.27
N ALA H 47 -32.55 -13.05 -21.86
CA ALA H 47 -31.27 -13.26 -21.17
C ALA H 47 -31.12 -12.34 -19.96
N PRO H 48 -31.35 -11.03 -20.08
CA PRO H 48 -31.21 -10.17 -18.90
C PRO H 48 -32.18 -10.50 -17.79
N VAL H 49 -33.40 -10.89 -18.12
CA VAL H 49 -34.36 -11.25 -17.09
C VAL H 49 -33.89 -12.47 -16.31
N TYR H 50 -33.45 -13.50 -17.04
CA TYR H 50 -33.04 -14.74 -16.41
C TYR H 50 -31.80 -14.50 -15.54
N LEU H 51 -30.84 -13.73 -16.07
CA LEU H 51 -29.63 -13.42 -15.33
C LEU H 51 -29.91 -12.59 -14.08
N ALA H 52 -30.80 -11.60 -14.18
CA ALA H 52 -31.14 -10.79 -13.01
C ALA H 52 -31.85 -11.63 -11.96
N ALA H 53 -32.69 -12.56 -12.37
CA ALA H 53 -33.31 -13.46 -11.40
C ALA H 53 -32.27 -14.30 -10.68
N VAL H 54 -31.28 -14.81 -11.41
CA VAL H 54 -30.24 -15.63 -10.77
C VAL H 54 -29.42 -14.78 -9.79
N LEU H 55 -29.05 -13.56 -10.19
CA LEU H 55 -28.29 -12.70 -9.31
C LEU H 55 -29.06 -12.35 -8.06
N GLU H 56 -30.36 -12.06 -8.20
CA GLU H 56 -31.19 -11.78 -7.03
C GLU H 56 -31.28 -12.98 -6.11
N TYR H 57 -31.41 -14.19 -6.67
CA TYR H 57 -31.47 -15.37 -5.84
C TYR H 57 -30.19 -15.55 -5.01
N LEU H 58 -29.03 -15.41 -5.67
CA LEU H 58 -27.78 -15.59 -4.95
C LEU H 58 -27.59 -14.53 -3.87
N THR H 59 -27.95 -13.28 -4.19
CA THR H 59 -27.89 -12.22 -3.19
C THR H 59 -28.77 -12.53 -1.99
N ALA H 60 -30.00 -12.99 -2.24
CA ALA H 60 -30.90 -13.31 -1.15
C ALA H 60 -30.37 -14.45 -0.30
N GLU H 61 -29.76 -15.47 -0.93
CA GLU H 61 -29.21 -16.58 -0.17
C GLU H 61 -28.12 -16.10 0.79
N ILE H 62 -27.13 -15.36 0.27
CA ILE H 62 -26.05 -14.92 1.15
C ILE H 62 -26.57 -13.96 2.19
N LEU H 63 -27.51 -13.08 1.84
CA LEU H 63 -28.02 -12.13 2.81
C LEU H 63 -28.78 -12.82 3.92
N GLU H 64 -29.53 -13.89 3.61
CA GLU H 64 -30.27 -14.59 4.65
C GLU H 64 -29.32 -15.32 5.59
N LEU H 65 -28.29 -15.97 5.03
CA LEU H 65 -27.32 -16.64 5.90
C LEU H 65 -26.55 -15.64 6.76
N ALA H 66 -26.15 -14.50 6.18
CA ALA H 66 -25.42 -13.51 6.94
C ALA H 66 -26.28 -12.82 7.98
N GLY H 67 -27.57 -12.65 7.70
CA GLY H 67 -28.47 -12.13 8.71
C GLY H 67 -28.63 -13.08 9.88
N ASN H 68 -28.74 -14.38 9.60
CA ASN H 68 -28.75 -15.35 10.69
C ASN H 68 -27.47 -15.28 11.50
N ALA H 69 -26.32 -15.19 10.83
CA ALA H 69 -25.05 -15.11 11.54
C ALA H 69 -24.95 -13.86 12.40
N ALA H 70 -25.40 -12.71 11.88
CA ALA H 70 -25.37 -11.47 12.65
C ALA H 70 -26.31 -11.54 13.85
N ARG H 71 -27.50 -12.09 13.68
CA ARG H 71 -28.42 -12.22 14.81
C ARG H 71 -27.88 -13.18 15.86
N ASP H 72 -27.11 -14.20 15.44
CA ASP H 72 -26.50 -15.10 16.41
C ASP H 72 -25.46 -14.41 17.29
N ASN H 73 -24.97 -13.24 16.88
CA ASN H 73 -24.01 -12.47 17.66
C ASN H 73 -24.66 -11.33 18.41
N LYS H 74 -25.99 -11.33 18.52
CA LYS H 74 -26.74 -10.28 19.23
C LYS H 74 -26.52 -8.91 18.60
N LYS H 75 -26.21 -8.89 17.31
CA LYS H 75 -26.11 -7.65 16.55
C LYS H 75 -27.26 -7.55 15.57
N THR H 76 -27.44 -6.37 14.99
CA THR H 76 -28.50 -6.14 14.03
C THR H 76 -28.00 -5.55 12.72
N ARG H 77 -26.70 -5.36 12.55
CA ARG H 77 -26.13 -4.86 11.31
C ARG H 77 -25.09 -5.86 10.81
N ILE H 78 -25.19 -6.20 9.53
CA ILE H 78 -24.27 -7.15 8.92
C ILE H 78 -22.93 -6.48 8.68
N ILE H 79 -21.85 -7.15 9.10
CA ILE H 79 -20.49 -6.66 8.87
C ILE H 79 -19.75 -7.72 8.08
N PRO H 80 -18.54 -7.46 7.56
CA PRO H 80 -17.84 -8.49 6.78
C PRO H 80 -17.62 -9.80 7.52
N ARG H 81 -17.47 -9.78 8.84
CA ARG H 81 -17.30 -11.02 9.60
C ARG H 81 -18.50 -11.93 9.44
N HIS H 82 -19.70 -11.36 9.46
CA HIS H 82 -20.91 -12.17 9.31
C HIS H 82 -20.99 -12.77 7.91
N LEU H 83 -20.61 -12.00 6.89
CA LEU H 83 -20.58 -12.56 5.54
C LEU H 83 -19.58 -13.69 5.43
N GLN H 84 -18.41 -13.53 6.04
CA GLN H 84 -17.41 -14.60 6.02
C GLN H 84 -17.93 -15.86 6.72
N LEU H 85 -18.56 -15.69 7.89
CA LEU H 85 -19.10 -16.84 8.60
C LEU H 85 -20.19 -17.53 7.79
N ALA H 86 -21.09 -16.75 7.18
CA ALA H 86 -22.15 -17.33 6.37
C ALA H 86 -21.58 -18.11 5.18
N VAL H 87 -20.59 -17.54 4.50
CA VAL H 87 -20.04 -18.19 3.32
C VAL H 87 -19.29 -19.46 3.70
N ARG H 88 -18.44 -19.39 4.73
CA ARG H 88 -17.59 -20.52 5.05
C ARG H 88 -18.32 -21.60 5.83
N ASN H 89 -19.48 -21.30 6.41
CA ASN H 89 -20.26 -22.33 7.09
C ASN H 89 -21.21 -23.06 6.16
N ASP H 90 -21.40 -22.56 4.94
CA ASP H 90 -22.25 -23.21 3.96
C ASP H 90 -21.42 -24.05 3.01
N GLU H 91 -21.89 -25.26 2.75
CA GLU H 91 -21.14 -26.25 1.99
C GLU H 91 -21.09 -25.94 0.50
N GLU H 92 -22.07 -25.23 -0.04
CA GLU H 92 -22.09 -24.91 -1.46
C GLU H 92 -21.60 -23.49 -1.74
N LEU H 93 -21.95 -22.52 -0.88
CA LEU H 93 -21.40 -21.19 -1.03
C LEU H 93 -19.88 -21.19 -0.84
N ASN H 94 -19.37 -22.15 -0.08
CA ASN H 94 -17.92 -22.25 0.08
C ASN H 94 -17.25 -22.79 -1.17
N LYS H 95 -17.91 -23.70 -1.89
CA LYS H 95 -17.39 -24.15 -3.18
C LYS H 95 -17.49 -23.04 -4.22
N LEU H 96 -18.58 -22.27 -4.20
CA LEU H 96 -18.72 -21.17 -5.15
C LEU H 96 -17.66 -20.10 -4.90
N LEU H 97 -17.36 -19.80 -3.64
CA LEU H 97 -16.41 -18.77 -3.26
C LEU H 97 -15.13 -19.35 -2.66
N GLY H 98 -14.65 -20.46 -3.23
CA GLY H 98 -13.48 -21.11 -2.68
C GLY H 98 -12.20 -20.30 -2.83
N ARG H 99 -12.03 -19.63 -3.96
CA ARG H 99 -10.83 -18.86 -4.25
C ARG H 99 -10.99 -17.37 -3.97
N VAL H 100 -11.84 -16.99 -3.02
CA VAL H 100 -12.20 -15.60 -2.78
C VAL H 100 -11.78 -15.22 -1.38
N THR H 101 -11.15 -14.04 -1.25
CA THR H 101 -10.80 -13.46 0.04
C THR H 101 -11.76 -12.33 0.36
N ILE H 102 -12.32 -12.37 1.56
CA ILE H 102 -13.23 -11.32 2.04
C ILE H 102 -12.47 -10.44 3.01
N ALA H 103 -12.35 -9.16 2.69
CA ALA H 103 -11.56 -8.24 3.49
C ALA H 103 -12.19 -8.06 4.87
N GLN H 104 -11.34 -8.06 5.89
CA GLN H 104 -11.77 -7.93 7.30
C GLN H 104 -12.79 -9.00 7.67
N GLY H 105 -12.56 -10.21 7.17
CA GLY H 105 -13.47 -11.30 7.41
C GLY H 105 -13.03 -12.26 8.50
N GLY H 106 -11.73 -12.48 8.62
CA GLY H 106 -11.21 -13.42 9.59
C GLY H 106 -11.29 -14.85 9.10
N VAL H 107 -11.25 -15.78 10.05
CA VAL H 107 -11.31 -17.20 9.77
C VAL H 107 -12.37 -17.85 10.65
N LEU H 108 -12.62 -19.13 10.39
CA LEU H 108 -13.52 -19.89 11.24
C LEU H 108 -12.77 -20.38 12.48
N PRO H 109 -13.40 -20.36 13.64
CA PRO H 109 -12.75 -20.92 14.84
C PRO H 109 -12.63 -22.42 14.77
N ASN H 110 -11.40 -22.93 14.69
CA ASN H 110 -11.16 -24.36 14.53
C ASN H 110 -9.78 -24.68 15.07
N ILE H 111 -9.73 -25.52 16.10
CA ILE H 111 -8.48 -26.04 16.64
C ILE H 111 -8.46 -27.55 16.46
N GLN H 112 -7.31 -28.07 16.04
CA GLN H 112 -7.18 -29.51 15.84
C GLN H 112 -7.23 -30.23 17.19
N SER H 113 -7.68 -31.48 17.14
CA SER H 113 -7.94 -32.23 18.36
C SER H 113 -6.66 -32.61 19.10
N VAL H 114 -5.56 -32.85 18.38
CA VAL H 114 -4.32 -33.26 19.02
C VAL H 114 -3.64 -32.12 19.78
N LEU H 115 -4.04 -30.87 19.55
CA LEU H 115 -3.46 -29.75 20.26
C LEU H 115 -4.16 -29.45 21.57
N LEU H 116 -5.38 -29.95 21.76
CA LEU H 116 -6.10 -29.74 23.00
C LEU H 116 -5.54 -30.64 24.11
N PRO H 117 -5.59 -30.19 25.35
CA PRO H 117 -5.02 -30.97 26.45
C PRO H 117 -5.82 -32.24 26.72
N LYS H 118 -5.11 -33.22 27.29
CA LYS H 118 -5.72 -34.50 27.63
C LYS H 118 -6.60 -34.39 28.87
N THR I 29 -18.95 13.64 -12.20
CA THR I 29 -19.10 12.24 -12.58
C THR I 29 -19.82 11.45 -11.48
N ARG I 30 -20.34 10.29 -11.83
CA ARG I 30 -21.02 9.42 -10.89
C ARG I 30 -20.50 8.00 -11.01
N LYS I 31 -20.96 7.14 -10.11
CA LYS I 31 -20.47 5.77 -10.02
C LYS I 31 -21.65 4.87 -9.66
N GLU I 32 -22.05 4.00 -10.58
CA GLU I 32 -23.19 3.14 -10.34
C GLU I 32 -22.77 1.87 -9.60
N SER I 33 -23.72 1.31 -8.85
CA SER I 33 -23.48 0.09 -8.10
C SER I 33 -24.82 -0.61 -7.90
N TYR I 34 -24.81 -1.65 -7.07
CA TYR I 34 -25.99 -2.47 -6.82
C TYR I 34 -26.54 -2.26 -5.40
N ALA I 35 -26.15 -1.16 -4.76
CA ALA I 35 -26.41 -1.00 -3.33
C ALA I 35 -27.91 -0.98 -3.03
N ILE I 36 -28.69 -0.24 -3.81
CA ILE I 36 -30.11 -0.10 -3.49
C ILE I 36 -30.86 -1.40 -3.73
N TYR I 37 -30.45 -2.19 -4.72
CA TYR I 37 -31.12 -3.45 -4.98
C TYR I 37 -30.75 -4.49 -3.93
N VAL I 38 -29.49 -4.51 -3.51
CA VAL I 38 -29.08 -5.37 -2.40
C VAL I 38 -29.86 -5.00 -1.15
N TYR I 39 -30.06 -3.71 -0.92
CA TYR I 39 -30.80 -3.27 0.26
C TYR I 39 -32.27 -3.69 0.19
N LYS I 40 -32.88 -3.60 -1.00
CA LYS I 40 -34.27 -4.05 -1.14
C LYS I 40 -34.38 -5.54 -0.89
N VAL I 41 -33.44 -6.33 -1.41
CA VAL I 41 -33.47 -7.77 -1.17
C VAL I 41 -33.29 -8.06 0.31
N LEU I 42 -32.38 -7.34 0.97
CA LEU I 42 -32.18 -7.54 2.40
C LEU I 42 -33.44 -7.23 3.19
N LYS I 43 -34.14 -6.16 2.85
CA LYS I 43 -35.38 -5.85 3.56
C LYS I 43 -36.49 -6.83 3.24
N GLN I 44 -36.45 -7.50 2.09
CA GLN I 44 -37.35 -8.64 1.92
C GLN I 44 -36.98 -9.78 2.85
N VAL I 45 -35.69 -10.09 2.95
CA VAL I 45 -35.27 -11.26 3.71
C VAL I 45 -35.35 -11.01 5.21
N HIS I 46 -34.61 -10.02 5.69
CA HIS I 46 -34.65 -9.63 7.10
C HIS I 46 -35.19 -8.22 7.20
N PRO I 47 -36.47 -8.05 7.54
CA PRO I 47 -37.06 -6.69 7.55
C PRO I 47 -36.40 -5.75 8.53
N ASP I 48 -35.78 -6.25 9.60
CA ASP I 48 -35.24 -5.42 10.66
C ASP I 48 -33.73 -5.35 10.71
N THR I 49 -33.03 -6.13 9.89
CA THR I 49 -31.57 -6.10 9.89
C THR I 49 -31.04 -5.01 8.97
N GLY I 50 -29.91 -4.41 9.36
CA GLY I 50 -29.22 -3.45 8.53
C GLY I 50 -27.92 -4.01 7.97
N ILE I 51 -27.14 -3.12 7.36
CA ILE I 51 -25.88 -3.52 6.75
C ILE I 51 -24.94 -2.33 6.77
N SER I 52 -23.66 -2.60 6.99
CA SER I 52 -22.66 -1.56 7.00
C SER I 52 -22.21 -1.24 5.58
N SER I 53 -21.23 -0.35 5.45
CA SER I 53 -20.76 0.04 4.13
C SER I 53 -19.70 -0.90 3.57
N LYS I 54 -18.82 -1.43 4.42
CA LYS I 54 -17.86 -2.42 3.95
C LYS I 54 -18.55 -3.69 3.49
N ALA I 55 -19.57 -4.13 4.22
CA ALA I 55 -20.35 -5.29 3.79
C ALA I 55 -21.07 -5.01 2.47
N MET I 56 -21.57 -3.78 2.29
CA MET I 56 -22.21 -3.44 1.02
C MET I 56 -21.22 -3.47 -0.13
N SER I 57 -20.00 -2.98 0.09
CA SER I 57 -18.99 -3.04 -0.97
C SER I 57 -18.62 -4.49 -1.28
N ILE I 58 -18.56 -5.34 -0.25
CA ILE I 58 -18.29 -6.76 -0.48
C ILE I 58 -19.40 -7.39 -1.31
N MET I 59 -20.65 -7.06 -1.00
CA MET I 59 -21.77 -7.59 -1.77
C MET I 59 -21.75 -7.09 -3.20
N ASN I 60 -21.36 -5.83 -3.41
CA ASN I 60 -21.25 -5.31 -4.77
C ASN I 60 -20.17 -6.06 -5.55
N SER I 61 -19.03 -6.31 -4.91
CA SER I 61 -17.99 -7.11 -5.56
C SER I 61 -18.49 -8.51 -5.88
N PHE I 62 -19.25 -9.12 -4.97
CA PHE I 62 -19.79 -10.45 -5.21
C PHE I 62 -20.71 -10.47 -6.43
N VAL I 63 -21.60 -9.48 -6.51
CA VAL I 63 -22.54 -9.43 -7.64
C VAL I 63 -21.79 -9.24 -8.95
N ASN I 64 -20.80 -8.36 -8.96
CA ASN I 64 -20.02 -8.16 -10.19
C ASN I 64 -19.27 -9.43 -10.58
N ASP I 65 -18.69 -10.13 -9.61
CA ASP I 65 -17.93 -11.34 -9.89
C ASP I 65 -18.82 -12.42 -10.47
N VAL I 66 -19.99 -12.65 -9.87
CA VAL I 66 -20.90 -13.67 -10.38
C VAL I 66 -21.42 -13.28 -11.76
N PHE I 67 -21.72 -12.00 -11.97
CA PHE I 67 -22.17 -11.54 -13.27
C PHE I 67 -21.14 -11.86 -14.34
N GLU I 68 -19.87 -11.52 -14.09
CA GLU I 68 -18.87 -11.72 -15.12
C GLU I 68 -18.57 -13.19 -15.34
N ARG I 69 -18.62 -14.01 -14.28
CA ARG I 69 -18.46 -15.45 -14.47
C ARG I 69 -19.53 -16.01 -15.39
N ILE I 70 -20.80 -15.72 -15.09
CA ILE I 70 -21.89 -16.28 -15.89
C ILE I 70 -21.85 -15.74 -17.31
N ALA I 71 -21.56 -14.44 -17.46
CA ALA I 71 -21.52 -13.85 -18.79
C ALA I 71 -20.41 -14.44 -19.64
N GLY I 72 -19.23 -14.66 -19.06
CA GLY I 72 -18.14 -15.27 -19.82
C GLY I 72 -18.43 -16.70 -20.19
N GLU I 73 -19.02 -17.47 -19.27
CA GLU I 73 -19.37 -18.84 -19.60
C GLU I 73 -20.40 -18.90 -20.72
N ALA I 74 -21.42 -18.04 -20.68
CA ALA I 74 -22.40 -18.00 -21.76
C ALA I 74 -21.77 -17.55 -23.07
N SER I 75 -20.83 -16.61 -23.01
CA SER I 75 -20.15 -16.15 -24.22
C SER I 75 -19.42 -17.30 -24.90
N ARG I 76 -18.63 -18.05 -24.14
CA ARG I 76 -17.90 -19.14 -24.79
C ARG I 76 -18.81 -20.30 -25.16
N LEU I 77 -19.94 -20.49 -24.46
CA LEU I 77 -20.94 -21.46 -24.90
C LEU I 77 -21.51 -21.09 -26.25
N ALA I 78 -21.80 -19.80 -26.47
CA ALA I 78 -22.30 -19.37 -27.76
C ALA I 78 -21.23 -19.49 -28.83
N HIS I 79 -19.97 -19.24 -28.48
CA HIS I 79 -18.89 -19.40 -29.45
C HIS I 79 -18.71 -20.86 -29.86
N TYR I 80 -18.87 -21.79 -28.93
CA TYR I 80 -18.66 -23.21 -29.25
C TYR I 80 -19.64 -23.68 -30.31
N ASN I 81 -20.89 -23.24 -30.23
CA ASN I 81 -21.94 -23.71 -31.12
C ASN I 81 -22.14 -22.82 -32.33
N LYS I 82 -21.19 -21.92 -32.60
CA LYS I 82 -21.24 -21.05 -33.78
C LYS I 82 -22.52 -20.23 -33.82
N ARG I 83 -22.94 -19.75 -32.66
CA ARG I 83 -24.06 -18.83 -32.56
C ARG I 83 -23.55 -17.42 -32.31
N SER I 84 -24.42 -16.44 -32.56
CA SER I 84 -24.07 -15.05 -32.34
C SER I 84 -24.98 -14.36 -31.33
N THR I 85 -25.91 -15.09 -30.73
CA THR I 85 -26.87 -14.52 -29.79
C THR I 85 -26.70 -15.21 -28.44
N ILE I 86 -26.66 -14.42 -27.38
CA ILE I 86 -26.75 -14.97 -26.02
C ILE I 86 -28.21 -14.93 -25.60
N THR I 87 -28.80 -16.10 -25.40
CA THR I 87 -30.20 -16.22 -25.05
C THR I 87 -30.30 -16.76 -23.62
N SER I 88 -31.53 -17.01 -23.18
CA SER I 88 -31.72 -17.55 -21.85
C SER I 88 -31.28 -19.00 -21.74
N ARG I 89 -31.21 -19.73 -22.86
CA ARG I 89 -30.68 -21.08 -22.83
C ARG I 89 -29.20 -21.10 -22.49
N GLU I 90 -28.42 -20.19 -23.09
CA GLU I 90 -27.01 -20.10 -22.74
C GLU I 90 -26.82 -19.68 -21.30
N ILE I 91 -27.63 -18.76 -20.80
CA ILE I 91 -27.50 -18.35 -19.41
C ILE I 91 -27.84 -19.53 -18.49
N GLN I 92 -28.86 -20.31 -18.85
CA GLN I 92 -29.23 -21.47 -18.04
C GLN I 92 -28.13 -22.52 -18.02
N THR I 93 -27.53 -22.80 -19.17
CA THR I 93 -26.44 -23.76 -19.21
C THR I 93 -25.23 -23.26 -18.44
N ALA I 94 -24.95 -21.95 -18.51
CA ALA I 94 -23.85 -21.40 -17.72
C ALA I 94 -24.13 -21.50 -16.23
N VAL I 95 -25.37 -21.26 -15.81
CA VAL I 95 -25.72 -21.43 -14.40
C VAL I 95 -25.53 -22.87 -13.97
N ARG I 96 -25.96 -23.82 -14.79
CA ARG I 96 -25.78 -25.22 -14.44
C ARG I 96 -24.32 -25.65 -14.43
N LEU I 97 -23.48 -25.02 -15.25
CA LEU I 97 -22.06 -25.35 -15.23
C LEU I 97 -21.34 -24.72 -14.04
N LEU I 98 -21.76 -23.53 -13.62
CA LEU I 98 -20.99 -22.79 -12.63
C LEU I 98 -21.48 -22.97 -11.20
N LEU I 99 -22.76 -23.19 -11.00
CA LEU I 99 -23.24 -23.29 -9.63
C LEU I 99 -23.25 -24.74 -9.17
N PRO I 100 -22.93 -25.02 -7.92
CA PRO I 100 -22.90 -26.41 -7.44
C PRO I 100 -24.21 -26.85 -6.80
N GLY I 101 -24.64 -28.07 -7.11
CA GLY I 101 -25.69 -28.73 -6.36
C GLY I 101 -27.04 -28.03 -6.31
N GLU I 102 -27.55 -27.81 -5.09
CA GLU I 102 -28.87 -27.21 -4.92
C GLU I 102 -28.90 -25.76 -5.39
N LEU I 103 -27.77 -25.07 -5.34
CA LEU I 103 -27.72 -23.71 -5.83
C LEU I 103 -28.07 -23.63 -7.31
N ALA I 104 -27.58 -24.56 -8.12
CA ALA I 104 -27.91 -24.56 -9.53
C ALA I 104 -29.40 -24.82 -9.76
N LYS I 105 -29.97 -25.78 -9.03
CA LYS I 105 -31.36 -26.15 -9.25
C LYS I 105 -32.29 -25.00 -8.86
N HIS I 106 -32.06 -24.40 -7.69
CA HIS I 106 -32.91 -23.30 -7.26
C HIS I 106 -32.74 -22.07 -8.14
N ALA I 107 -31.51 -21.78 -8.56
CA ALA I 107 -31.29 -20.65 -9.44
C ALA I 107 -31.98 -20.85 -10.78
N VAL I 108 -31.93 -22.08 -11.32
CA VAL I 108 -32.62 -22.36 -12.57
C VAL I 108 -34.12 -22.19 -12.41
N SER I 109 -34.68 -22.67 -11.29
CA SER I 109 -36.12 -22.52 -11.08
C SER I 109 -36.51 -21.05 -10.98
N GLU I 110 -35.73 -20.25 -10.24
CA GLU I 110 -36.05 -18.84 -10.12
C GLU I 110 -35.97 -18.12 -11.46
N GLY I 111 -34.92 -18.38 -12.23
CA GLY I 111 -34.79 -17.72 -13.52
C GLY I 111 -35.88 -18.12 -14.49
N THR I 112 -36.24 -19.41 -14.52
CA THR I 112 -37.31 -19.87 -15.38
C THR I 112 -38.64 -19.24 -14.99
N LYS I 113 -38.91 -19.14 -13.69
CA LYS I 113 -40.12 -18.48 -13.22
C LYS I 113 -40.14 -17.02 -13.66
N ALA I 114 -39.02 -16.33 -13.55
CA ALA I 114 -38.97 -14.92 -13.93
C ALA I 114 -39.21 -14.75 -15.43
N VAL I 115 -38.60 -15.60 -16.26
CA VAL I 115 -38.80 -15.48 -17.70
C VAL I 115 -40.24 -15.81 -18.08
N THR I 116 -40.83 -16.83 -17.46
CA THR I 116 -42.22 -17.17 -17.75
C THR I 116 -43.16 -16.04 -17.35
N LYS I 117 -42.92 -15.40 -16.20
CA LYS I 117 -43.77 -14.29 -15.79
C LYS I 117 -43.57 -13.07 -16.68
N TYR I 118 -42.34 -12.81 -17.11
CA TYR I 118 -42.07 -11.67 -17.98
C TYR I 118 -42.67 -11.84 -19.36
N THR I 119 -42.65 -13.06 -19.90
CA THR I 119 -43.16 -13.28 -21.25
C THR I 119 -44.68 -13.13 -21.31
N SER I 120 -45.39 -13.71 -20.33
CA SER I 120 -46.84 -13.63 -20.34
C SER I 120 -47.33 -12.21 -20.11
N ALA I 121 -46.49 -11.33 -19.60
CA ALA I 121 -46.86 -9.94 -19.37
C ALA I 121 -46.00 -9.00 -20.20
#